data_8GDS
#
_entry.id   8GDS
#
_cell.length_a   143.084
_cell.length_b   143.329
_cell.length_c   134.363
_cell.angle_alpha   90.00
_cell.angle_beta   90.00
_cell.angle_gamma   90.00
#
_symmetry.space_group_name_H-M   'P 21 21 2'
#
loop_
_entity.id
_entity.type
_entity.pdbx_description
1 polymer 'Rho-associated protein kinase 2'
2 non-polymer 4-{4-[2-(2,3-dihydro-1H-indol-1-yl)-2-oxoethyl]phenyl}phthalazin-1(2H)-one
3 non-polymer 'SULFATE ION'
4 water water
#
_entity_poly.entity_id   1
_entity_poly.type   'polypeptide(L)'
_entity_poly.pdbx_seq_one_letter_code
;AGASRQRKLEALIRDPRSPINVESLLDGLNSLVLDLDFPALRKNKNIDNFLNRYEKIVKKIRGLQMKAEDYDVVKVIGRG
AFGEVQLVRHKASQKVYAMKLLSKFEMIKRSDSAFFWEERDIMAFANSPWVVQLFYAFQDDRYLYMVMEYMPGGDLVNLM
SNYDVPEKWAKFYTAEVVLALDAIHSMGLIHRDVKPDNMLLDKHGHLKLADFGTCMKMDETGMVHCDTAVGTPDYISPEV
LKSQGGDGFYGRECDWWSVGVFLYEMLVGDTPFYADSLVGTYSKIMDHKNSLCFPEDAEISKHAKNLICAFLTDREVRLG
RNGVEEIRQHPFFKNDQWHWDNIRETAAPVVPELSSDIDSSNFDDIEDDKGDVETFPIPKAFVGNQLPFIGFTYYR
;
_entity_poly.pdbx_strand_id   A,B,C,D
#
# COMPACT_ATOMS: atom_id res chain seq x y z
N ALA A 3 22.09 -14.81 22.79
CA ALA A 3 23.04 -14.49 21.71
C ALA A 3 22.40 -14.29 20.33
N SER A 4 21.19 -14.85 20.13
CA SER A 4 20.44 -14.66 18.88
C SER A 4 19.72 -13.30 18.95
N ARG A 5 19.14 -12.98 20.13
CA ARG A 5 18.49 -11.69 20.39
C ARG A 5 19.56 -10.59 20.50
N GLN A 6 20.76 -10.93 21.01
CA GLN A 6 21.88 -10.01 21.12
C GLN A 6 22.50 -9.68 19.76
N ARG A 7 22.38 -10.59 18.80
CA ARG A 7 22.87 -10.33 17.44
C ARG A 7 21.90 -9.30 16.83
N LYS A 8 20.58 -9.52 16.97
CA LYS A 8 19.52 -8.63 16.49
C LYS A 8 19.66 -7.20 17.08
N LEU A 9 20.00 -7.10 18.37
CA LEU A 9 20.18 -5.83 19.06
C LEU A 9 21.49 -5.17 18.63
N GLU A 10 22.57 -5.98 18.47
CA GLU A 10 23.87 -5.48 18.01
C GLU A 10 23.82 -4.97 16.55
N ALA A 11 22.76 -5.36 15.80
CA ALA A 11 22.52 -4.99 14.41
C ALA A 11 21.94 -3.60 14.32
N LEU A 12 20.94 -3.26 15.17
CA LEU A 12 20.34 -1.92 15.17
C LEU A 12 21.39 -0.87 15.49
N ILE A 13 22.22 -1.13 16.48
CA ILE A 13 23.29 -0.23 16.89
C ILE A 13 24.35 -0.05 15.80
N ARG A 14 24.55 -1.08 14.95
CA ARG A 14 25.50 -1.02 13.86
C ARG A 14 24.93 -0.24 12.67
N ASP A 15 23.61 -0.33 12.43
CA ASP A 15 22.94 0.38 11.34
C ASP A 15 23.08 1.89 11.55
N PRO A 16 23.80 2.59 10.66
CA PRO A 16 23.99 4.03 10.84
C PRO A 16 22.74 4.86 10.66
N ARG A 17 21.70 4.31 10.05
CA ARG A 17 20.44 5.02 9.88
C ARG A 17 19.44 4.68 11.01
N SER A 18 19.94 4.23 12.19
CA SER A 18 19.07 3.84 13.30
C SER A 18 18.99 4.94 14.35
N PRO A 19 17.80 5.15 14.96
CA PRO A 19 17.69 6.18 16.01
C PRO A 19 18.71 6.00 17.14
N ILE A 20 18.92 4.76 17.60
CA ILE A 20 19.95 4.47 18.59
C ILE A 20 21.04 3.65 17.90
N ASN A 21 22.17 4.29 17.65
CA ASN A 21 23.35 3.72 17.00
C ASN A 21 24.61 4.20 17.77
N VAL A 22 25.84 3.80 17.37
CA VAL A 22 27.04 4.22 18.11
C VAL A 22 27.16 5.73 18.28
N GLU A 23 26.92 6.51 17.21
CA GLU A 23 26.98 7.98 17.29
C GLU A 23 25.92 8.56 18.23
N SER A 24 24.69 8.01 18.18
CA SER A 24 23.60 8.45 19.03
C SER A 24 23.89 8.12 20.47
N LEU A 25 24.38 6.91 20.73
CA LEU A 25 24.69 6.45 22.08
C LEU A 25 25.81 7.28 22.67
N LEU A 26 26.82 7.64 21.85
CA LEU A 26 27.90 8.49 22.30
C LEU A 26 27.37 9.91 22.58
N ASP A 27 26.46 10.40 21.73
CA ASP A 27 25.82 11.71 21.88
C ASP A 27 25.04 11.75 23.21
N GLY A 28 24.34 10.68 23.53
CA GLY A 28 23.59 10.57 24.77
C GLY A 28 24.48 10.67 26.00
N LEU A 29 25.62 9.97 25.99
CA LEU A 29 26.54 10.00 27.13
C LEU A 29 27.21 11.37 27.26
N ASN A 30 27.59 11.99 26.12
CA ASN A 30 28.25 13.30 26.15
C ASN A 30 27.31 14.39 26.67
N SER A 31 26.05 14.38 26.16
CA SER A 31 25.01 15.30 26.62
C SER A 31 24.75 15.10 28.12
N LEU A 32 24.57 13.84 28.59
CA LEU A 32 24.36 13.55 30.00
C LEU A 32 25.47 14.12 30.89
N VAL A 33 26.73 13.98 30.47
CA VAL A 33 27.85 14.52 31.25
C VAL A 33 27.80 16.04 31.25
N LEU A 34 27.56 16.67 30.09
CA LEU A 34 27.49 18.13 29.96
C LEU A 34 26.35 18.78 30.75
N ASP A 35 25.16 18.19 30.69
CA ASP A 35 23.97 18.67 31.38
C ASP A 35 24.02 18.48 32.89
N LEU A 36 24.95 17.65 33.41
CA LEU A 36 25.05 17.44 34.84
C LEU A 36 26.29 18.09 35.47
N ASP A 37 27.28 18.51 34.67
CA ASP A 37 28.50 19.08 35.20
C ASP A 37 28.37 20.53 35.60
N PHE A 38 27.52 20.79 36.58
CA PHE A 38 27.33 22.11 37.16
C PHE A 38 27.36 21.95 38.67
N PRO A 39 28.12 22.80 39.38
CA PRO A 39 28.25 22.67 40.84
C PRO A 39 26.94 22.59 41.64
N ALA A 40 25.91 23.32 41.20
CA ALA A 40 24.59 23.30 41.85
C ALA A 40 24.00 21.88 41.80
N LEU A 41 24.18 21.20 40.66
CA LEU A 41 23.69 19.85 40.43
C LEU A 41 24.55 18.82 41.14
N ARG A 42 25.88 19.05 41.15
CA ARG A 42 26.90 18.23 41.77
C ARG A 42 26.70 17.99 43.28
N LYS A 43 25.80 18.76 43.92
CA LYS A 43 25.48 18.56 45.33
C LYS A 43 24.82 17.18 45.54
N ASN A 44 24.02 16.72 44.54
CA ASN A 44 23.39 15.41 44.51
C ASN A 44 24.51 14.37 44.41
N LYS A 45 24.53 13.37 45.31
CA LYS A 45 25.59 12.36 45.30
C LYS A 45 25.52 11.44 44.07
N ASN A 46 24.30 11.13 43.59
CA ASN A 46 24.09 10.31 42.40
C ASN A 46 24.78 10.95 41.18
N ILE A 47 24.56 12.26 40.99
CA ILE A 47 25.15 13.03 39.91
C ILE A 47 26.66 13.19 40.07
N ASP A 48 27.12 13.57 41.26
CA ASP A 48 28.55 13.76 41.51
C ASP A 48 29.36 12.48 41.29
N ASN A 49 28.83 11.34 41.76
CA ASN A 49 29.52 10.06 41.61
C ASN A 49 29.58 9.59 40.16
N PHE A 50 28.45 9.73 39.40
CA PHE A 50 28.38 9.36 37.98
C PHE A 50 29.40 10.17 37.21
N LEU A 51 29.42 11.48 37.45
CA LEU A 51 30.35 12.38 36.81
C LEU A 51 31.78 12.03 37.13
N ASN A 52 32.08 11.58 38.35
CA ASN A 52 33.43 11.22 38.72
C ASN A 52 33.89 10.00 38.00
N ARG A 53 33.05 8.98 37.88
CA ARG A 53 33.45 7.75 37.21
C ARG A 53 33.66 7.97 35.73
N TYR A 54 32.68 8.61 35.06
CA TYR A 54 32.73 8.82 33.63
C TYR A 54 33.43 10.09 33.16
N GLU A 55 33.98 10.91 34.05
CA GLU A 55 34.64 12.14 33.66
C GLU A 55 35.84 11.88 32.77
N LYS A 56 36.79 11.07 33.24
CA LYS A 56 38.02 10.77 32.51
C LYS A 56 37.78 10.07 31.19
N ILE A 57 36.90 9.06 31.17
CA ILE A 57 36.63 8.31 29.96
C ILE A 57 35.89 9.18 28.91
N VAL A 58 34.92 10.02 29.33
CA VAL A 58 34.24 10.93 28.40
C VAL A 58 35.26 11.89 27.73
N LYS A 59 36.33 12.27 28.44
CA LYS A 59 37.38 13.11 27.89
C LYS A 59 38.16 12.32 26.82
N LYS A 60 38.56 11.06 27.13
CA LYS A 60 39.27 10.19 26.19
C LYS A 60 38.46 9.93 24.91
N ILE A 61 37.15 9.66 25.05
CA ILE A 61 36.23 9.44 23.94
C ILE A 61 36.10 10.70 23.08
N ARG A 62 35.96 11.87 23.72
CA ARG A 62 35.86 13.15 23.00
C ARG A 62 37.09 13.46 22.15
N GLY A 63 38.25 12.93 22.53
CA GLY A 63 39.48 13.12 21.77
C GLY A 63 39.58 12.24 20.55
N LEU A 64 38.98 11.04 20.60
CA LEU A 64 39.03 10.13 19.46
C LEU A 64 38.02 10.52 18.39
N GLN A 65 36.81 10.93 18.84
CA GLN A 65 35.72 11.36 17.97
C GLN A 65 36.13 12.58 17.16
N MET A 66 35.49 12.80 15.99
CA MET A 66 35.79 13.99 15.20
C MET A 66 35.46 15.27 15.96
N LYS A 67 36.39 16.22 15.98
CA LYS A 67 36.21 17.46 16.70
C LYS A 67 36.67 18.66 15.87
N ALA A 68 36.30 19.88 16.29
CA ALA A 68 36.64 21.09 15.57
C ALA A 68 38.15 21.25 15.36
N GLU A 69 38.96 20.77 16.32
CA GLU A 69 40.42 20.85 16.29
C GLU A 69 41.03 20.03 15.16
N ASP A 70 40.32 18.97 14.66
CA ASP A 70 40.80 18.20 13.50
C ASP A 70 40.85 19.04 12.22
N TYR A 71 40.35 20.26 12.24
CA TYR A 71 40.25 21.10 11.07
C TYR A 71 41.06 22.37 11.23
N ASP A 72 41.56 22.87 10.15
CA ASP A 72 42.33 24.08 10.11
C ASP A 72 41.42 25.16 9.53
N VAL A 73 41.17 26.25 10.25
CA VAL A 73 40.29 27.30 9.74
C VAL A 73 41.01 28.26 8.79
N VAL A 74 40.75 28.10 7.49
CA VAL A 74 41.34 28.94 6.45
C VAL A 74 40.78 30.35 6.53
N LYS A 75 39.45 30.51 6.47
CA LYS A 75 38.82 31.83 6.59
C LYS A 75 37.31 31.75 6.66
N VAL A 76 36.66 32.78 7.22
CA VAL A 76 35.21 32.81 7.30
C VAL A 76 34.64 33.21 5.92
N ILE A 77 33.75 32.40 5.33
CA ILE A 77 33.18 32.72 4.02
C ILE A 77 31.66 32.99 4.09
N GLY A 78 31.16 33.31 5.27
CA GLY A 78 29.74 33.58 5.48
C GLY A 78 29.48 33.63 6.97
N ARG A 79 28.77 34.63 7.44
CA ARG A 79 28.42 34.77 8.86
C ARG A 79 26.98 35.24 8.91
N GLY A 80 26.27 34.75 9.91
CA GLY A 80 24.86 35.03 10.08
C GLY A 80 24.40 35.06 11.52
N ALA A 81 23.06 35.07 11.73
CA ALA A 81 22.45 35.12 13.06
C ALA A 81 22.74 33.80 13.84
N PHE A 82 22.58 32.68 13.11
CA PHE A 82 22.79 31.27 13.47
C PHE A 82 24.24 31.01 13.96
N GLY A 83 25.19 31.36 13.10
CA GLY A 83 26.62 31.18 13.25
C GLY A 83 27.31 31.50 11.93
N GLU A 84 28.48 30.94 11.71
CA GLU A 84 29.28 31.24 10.53
C GLU A 84 29.55 30.01 9.67
N VAL A 85 30.16 30.20 8.51
CA VAL A 85 30.59 29.14 7.61
C VAL A 85 32.07 29.38 7.39
N GLN A 86 32.90 28.38 7.68
CA GLN A 86 34.33 28.53 7.52
C GLN A 86 34.86 27.65 6.44
N LEU A 87 35.81 28.16 5.69
CA LEU A 87 36.53 27.39 4.71
C LEU A 87 37.57 26.68 5.57
N VAL A 88 37.49 25.35 5.66
CA VAL A 88 38.39 24.60 6.51
C VAL A 88 39.17 23.56 5.73
N ARG A 89 40.25 23.07 6.33
CA ARG A 89 40.98 21.95 5.75
C ARG A 89 41.10 20.88 6.82
N HIS A 90 40.72 19.62 6.51
CA HIS A 90 40.90 18.53 7.46
C HIS A 90 42.42 18.31 7.56
N LYS A 91 42.99 18.43 8.76
CA LYS A 91 44.43 18.31 8.94
C LYS A 91 45.02 16.97 8.41
N ALA A 92 44.41 15.85 8.74
CA ALA A 92 44.93 14.55 8.33
C ALA A 92 44.77 14.24 6.85
N SER A 93 43.56 14.41 6.30
CA SER A 93 43.33 14.10 4.88
C SER A 93 43.78 15.22 3.94
N GLN A 94 44.01 16.43 4.47
CA GLN A 94 44.42 17.59 3.70
C GLN A 94 43.37 18.08 2.71
N LYS A 95 42.11 17.58 2.80
CA LYS A 95 41.03 17.97 1.92
C LYS A 95 40.30 19.16 2.50
N VAL A 96 39.91 20.10 1.62
CA VAL A 96 39.20 21.32 2.01
C VAL A 96 37.69 21.10 1.98
N TYR A 97 36.99 21.66 2.97
CA TYR A 97 35.53 21.57 3.12
C TYR A 97 34.96 22.92 3.53
N ALA A 98 33.62 23.04 3.54
CA ALA A 98 32.95 24.23 4.06
C ALA A 98 32.29 23.76 5.36
N MET A 99 32.54 24.43 6.48
CA MET A 99 32.00 24.01 7.77
C MET A 99 31.09 25.02 8.42
N LYS A 100 29.78 24.71 8.53
CA LYS A 100 28.86 25.63 9.18
C LYS A 100 28.87 25.37 10.68
N LEU A 101 29.00 26.43 11.45
CA LEU A 101 28.94 26.35 12.90
C LEU A 101 27.60 26.96 13.28
N LEU A 102 26.77 26.21 14.00
CA LEU A 102 25.50 26.71 14.49
C LEU A 102 25.62 26.83 15.99
N SER A 103 25.14 27.94 16.55
CA SER A 103 25.18 28.13 17.98
C SER A 103 24.07 27.28 18.54
N LYS A 104 24.39 26.38 19.48
CA LYS A 104 23.36 25.50 20.07
C LYS A 104 22.30 26.35 20.79
N PHE A 105 22.75 27.41 21.48
CA PHE A 105 21.90 28.34 22.21
C PHE A 105 20.90 29.03 21.28
N GLU A 106 21.36 29.59 20.16
CA GLU A 106 20.47 30.24 19.20
C GLU A 106 19.57 29.20 18.54
N MET A 107 20.11 28.03 18.23
CA MET A 107 19.37 26.92 17.64
C MET A 107 18.16 26.51 18.47
N ILE A 108 18.34 26.38 19.78
CA ILE A 108 17.28 25.95 20.70
C ILE A 108 16.09 26.98 20.72
N LYS A 109 16.38 28.27 20.43
CA LYS A 109 15.40 29.34 20.36
C LYS A 109 14.75 29.41 18.94
N ARG A 110 14.08 28.30 18.51
CA ARG A 110 13.49 28.20 17.17
C ARG A 110 12.49 27.03 17.10
N ALA A 114 12.87 20.45 17.02
CA ALA A 114 13.00 19.09 17.57
C ALA A 114 13.25 18.04 16.46
N PHE A 115 14.47 17.43 16.42
CA PHE A 115 14.93 16.48 15.37
C PHE A 115 14.97 17.21 14.00
N PHE A 116 15.61 18.37 14.01
CA PHE A 116 15.67 19.23 12.85
C PHE A 116 16.55 18.69 11.71
N TRP A 117 17.44 17.73 12.00
CA TRP A 117 18.32 17.18 10.99
C TRP A 117 17.70 15.99 10.24
N GLU A 118 16.40 15.77 10.37
CA GLU A 118 15.71 14.68 9.70
C GLU A 118 15.84 14.78 8.17
N GLU A 119 15.61 16.00 7.64
CA GLU A 119 15.68 16.29 6.22
C GLU A 119 17.13 16.31 5.74
N ARG A 120 18.07 16.80 6.59
CA ARG A 120 19.51 16.79 6.31
C ARG A 120 19.94 15.33 6.06
N ASP A 121 19.53 14.40 6.96
CA ASP A 121 19.80 12.98 6.78
C ASP A 121 19.21 12.41 5.49
N ILE A 122 17.94 12.75 5.16
CA ILE A 122 17.30 12.27 3.93
C ILE A 122 18.09 12.72 2.71
N MET A 123 18.50 13.98 2.70
CA MET A 123 19.24 14.56 1.59
C MET A 123 20.63 14.00 1.47
N ALA A 124 21.29 13.76 2.65
CA ALA A 124 22.63 13.21 2.75
C ALA A 124 22.64 11.79 2.18
N PHE A 125 21.62 11.00 2.52
CA PHE A 125 21.52 9.64 2.02
C PHE A 125 21.19 9.59 0.52
N ALA A 126 20.30 10.48 0.05
CA ALA A 126 19.91 10.53 -1.36
C ALA A 126 21.12 10.81 -2.27
N ASN A 127 22.10 11.58 -1.77
CA ASN A 127 23.34 11.88 -2.48
C ASN A 127 23.12 12.37 -3.90
N SER A 128 22.29 13.39 -4.08
CA SER A 128 22.01 13.96 -5.40
C SER A 128 23.15 14.83 -5.89
N PRO A 129 23.54 14.72 -7.17
CA PRO A 129 24.55 15.64 -7.71
C PRO A 129 24.09 17.09 -7.76
N TRP A 130 22.81 17.37 -7.47
CA TRP A 130 22.20 18.70 -7.47
C TRP A 130 22.06 19.33 -6.10
N VAL A 131 22.48 18.64 -5.03
CA VAL A 131 22.32 19.16 -3.68
C VAL A 131 23.68 19.06 -2.99
N VAL A 132 24.14 20.19 -2.37
CA VAL A 132 25.40 20.33 -1.63
C VAL A 132 25.47 19.23 -0.58
N GLN A 133 26.52 18.41 -0.63
CA GLN A 133 26.69 17.19 0.15
C GLN A 133 27.17 17.39 1.58
N LEU A 134 26.62 16.59 2.52
CA LEU A 134 27.00 16.57 3.92
C LEU A 134 27.95 15.41 4.06
N PHE A 135 29.14 15.66 4.60
CA PHE A 135 30.12 14.62 4.80
C PHE A 135 30.10 14.14 6.25
N TYR A 136 30.16 15.08 7.21
CA TYR A 136 30.18 14.78 8.64
C TYR A 136 29.43 15.86 9.40
N ALA A 137 28.94 15.54 10.59
CA ALA A 137 28.33 16.50 11.49
C ALA A 137 28.70 16.07 12.88
N PHE A 138 29.18 16.99 13.67
CA PHE A 138 29.58 16.72 15.03
C PHE A 138 29.12 17.86 15.94
N GLN A 139 29.44 17.82 17.23
CA GLN A 139 29.02 18.88 18.14
C GLN A 139 29.90 18.97 19.35
N ASP A 140 30.02 20.16 19.93
CA ASP A 140 30.69 20.38 21.21
C ASP A 140 29.69 21.10 22.13
N ASP A 141 30.07 21.49 23.37
CA ASP A 141 29.08 22.09 24.29
C ASP A 141 28.35 23.29 23.73
N ARG A 142 29.06 24.12 22.94
CA ARG A 142 28.53 25.37 22.40
C ARG A 142 28.05 25.30 20.97
N TYR A 143 28.75 24.56 20.10
CA TYR A 143 28.37 24.53 18.68
C TYR A 143 27.91 23.21 18.12
N LEU A 144 27.26 23.29 16.98
CA LEU A 144 26.79 22.24 16.10
C LEU A 144 27.66 22.45 14.84
N TYR A 145 28.26 21.39 14.30
CA TYR A 145 29.12 21.54 13.15
C TYR A 145 28.66 20.72 12.02
N MET A 146 28.68 21.31 10.82
CA MET A 146 28.27 20.58 9.64
C MET A 146 29.33 20.74 8.59
N VAL A 147 30.00 19.64 8.22
CA VAL A 147 31.06 19.63 7.22
C VAL A 147 30.47 19.23 5.87
N MET A 148 30.36 20.25 4.99
CA MET A 148 29.78 20.22 3.67
C MET A 148 30.81 20.33 2.57
N GLU A 149 30.46 19.92 1.33
CA GLU A 149 31.36 20.10 0.21
C GLU A 149 31.51 21.57 -0.09
N TYR A 150 32.74 22.02 -0.24
CA TYR A 150 33.01 23.41 -0.53
C TYR A 150 32.59 23.69 -1.98
N MET A 151 31.89 24.80 -2.19
CA MET A 151 31.39 25.20 -3.52
C MET A 151 32.17 26.44 -3.91
N PRO A 152 33.39 26.26 -4.46
CA PRO A 152 34.26 27.41 -4.72
C PRO A 152 33.79 28.43 -5.74
N GLY A 153 32.74 28.12 -6.49
CA GLY A 153 32.24 29.06 -7.48
C GLY A 153 31.38 30.17 -6.90
N GLY A 154 31.11 30.12 -5.59
CA GLY A 154 30.27 31.11 -4.91
C GLY A 154 28.80 30.93 -5.17
N ASP A 155 27.97 31.81 -4.61
CA ASP A 155 26.52 31.72 -4.82
C ASP A 155 26.05 32.52 -6.05
N LEU A 156 24.73 32.47 -6.36
CA LEU A 156 24.22 33.24 -7.48
C LEU A 156 23.98 34.71 -7.11
N VAL A 157 24.11 35.12 -5.83
CA VAL A 157 24.05 36.54 -5.48
C VAL A 157 25.32 37.19 -6.08
N ASN A 158 26.47 36.55 -5.84
CA ASN A 158 27.78 36.91 -6.32
C ASN A 158 27.83 36.88 -7.85
N LEU A 159 27.29 35.82 -8.49
CA LEU A 159 27.31 35.76 -9.96
C LEU A 159 26.53 36.90 -10.57
N MET A 160 25.32 37.17 -10.02
CA MET A 160 24.43 38.22 -10.47
C MET A 160 25.08 39.60 -10.29
N SER A 161 25.71 39.84 -9.13
CA SER A 161 26.37 41.12 -8.88
C SER A 161 27.66 41.32 -9.67
N ASN A 162 28.19 40.28 -10.34
CA ASN A 162 29.41 40.42 -11.15
C ASN A 162 29.17 40.30 -12.65
N TYR A 163 27.97 39.87 -13.07
CA TYR A 163 27.68 39.66 -14.49
C TYR A 163 26.30 40.15 -14.93
N ASP A 164 26.19 40.51 -16.21
CA ASP A 164 24.94 40.87 -16.86
C ASP A 164 24.57 39.51 -17.46
N VAL A 165 23.50 38.90 -16.97
CA VAL A 165 23.15 37.54 -17.35
C VAL A 165 22.34 37.41 -18.66
N PRO A 166 22.96 36.90 -19.74
CA PRO A 166 22.21 36.67 -20.98
C PRO A 166 21.21 35.52 -20.87
N GLU A 167 20.27 35.43 -21.81
CA GLU A 167 19.25 34.39 -21.80
C GLU A 167 19.86 33.00 -21.95
N LYS A 168 21.05 32.85 -22.59
CA LYS A 168 21.70 31.53 -22.69
C LYS A 168 22.11 31.03 -21.30
N TRP A 169 22.67 31.95 -20.51
CA TRP A 169 23.07 31.68 -19.13
C TRP A 169 21.85 31.41 -18.24
N ALA A 170 20.84 32.32 -18.23
CA ALA A 170 19.66 32.14 -17.41
C ALA A 170 18.88 30.86 -17.79
N LYS A 171 18.94 30.48 -19.07
CA LYS A 171 18.31 29.26 -19.55
C LYS A 171 18.96 28.01 -18.90
N PHE A 172 20.30 28.05 -18.66
CA PHE A 172 21.13 27.02 -18.01
C PHE A 172 20.91 26.95 -16.48
N TYR A 173 21.09 28.09 -15.74
CA TYR A 173 20.90 28.07 -14.30
C TYR A 173 19.50 27.75 -13.93
N THR A 174 18.50 28.19 -14.72
CA THR A 174 17.12 27.88 -14.42
C THR A 174 16.89 26.38 -14.60
N ALA A 175 17.44 25.80 -15.68
CA ALA A 175 17.30 24.36 -15.90
C ALA A 175 17.96 23.54 -14.77
N GLU A 176 19.18 23.96 -14.32
CA GLU A 176 19.84 23.28 -13.21
C GLU A 176 19.03 23.41 -11.91
N VAL A 177 18.51 24.61 -11.59
CA VAL A 177 17.65 24.78 -10.42
C VAL A 177 16.39 23.89 -10.56
N VAL A 178 15.85 23.79 -11.77
CA VAL A 178 14.68 22.97 -12.03
C VAL A 178 14.96 21.49 -11.76
N LEU A 179 16.17 20.99 -12.15
CA LEU A 179 16.52 19.60 -11.89
C LEU A 179 16.85 19.33 -10.43
N ALA A 180 17.41 20.33 -9.73
CA ALA A 180 17.72 20.27 -8.31
C ALA A 180 16.44 20.21 -7.54
N LEU A 181 15.43 21.02 -7.92
CA LEU A 181 14.14 21.02 -7.25
C LEU A 181 13.34 19.76 -7.53
N ASP A 182 13.51 19.17 -8.73
CA ASP A 182 12.87 17.88 -9.04
C ASP A 182 13.44 16.82 -8.07
N ALA A 183 14.78 16.78 -7.93
CA ALA A 183 15.49 15.89 -7.00
C ALA A 183 14.99 16.03 -5.55
N ILE A 184 14.83 17.26 -5.04
CA ILE A 184 14.38 17.49 -3.68
C ILE A 184 12.94 17.04 -3.49
N HIS A 185 12.09 17.34 -4.50
CA HIS A 185 10.68 16.93 -4.39
C HIS A 185 10.54 15.42 -4.42
N SER A 186 11.38 14.74 -5.25
CA SER A 186 11.43 13.29 -5.38
C SER A 186 11.90 12.59 -4.08
N MET A 187 12.63 13.32 -3.21
CA MET A 187 13.02 12.78 -1.90
C MET A 187 11.85 12.82 -0.89
N GLY A 188 10.73 13.45 -1.28
CA GLY A 188 9.58 13.70 -0.42
C GLY A 188 9.77 15.00 0.34
N LEU A 189 10.47 15.96 -0.27
CA LEU A 189 10.79 17.20 0.41
C LEU A 189 10.42 18.47 -0.36
N ILE A 190 10.23 19.54 0.41
CA ILE A 190 9.96 20.87 -0.10
C ILE A 190 11.08 21.74 0.45
N HIS A 191 11.81 22.38 -0.46
CA HIS A 191 12.93 23.21 -0.05
C HIS A 191 12.49 24.39 0.82
N ARG A 192 11.45 25.10 0.38
CA ARG A 192 10.83 26.22 1.11
C ARG A 192 11.46 27.56 0.98
N ASP A 193 12.78 27.64 0.81
CA ASP A 193 13.48 28.92 0.78
C ASP A 193 14.47 28.99 -0.36
N VAL A 194 14.03 28.65 -1.56
CA VAL A 194 14.89 28.71 -2.75
C VAL A 194 15.21 30.20 -3.03
N LYS A 195 16.48 30.58 -3.00
CA LYS A 195 16.94 31.94 -3.28
C LYS A 195 18.42 31.88 -3.71
N PRO A 196 18.99 32.91 -4.37
CA PRO A 196 20.40 32.81 -4.82
C PRO A 196 21.46 32.55 -3.74
N ASP A 197 21.17 32.86 -2.47
CA ASP A 197 22.12 32.52 -1.39
C ASP A 197 22.26 30.99 -1.28
N ASN A 198 21.16 30.24 -1.50
CA ASN A 198 21.11 28.77 -1.48
C ASN A 198 21.57 28.13 -2.79
N MET A 199 21.78 28.92 -3.84
CA MET A 199 22.20 28.40 -5.13
C MET A 199 23.68 28.54 -5.20
N LEU A 200 24.40 27.45 -4.95
CA LEU A 200 25.86 27.45 -4.92
C LEU A 200 26.47 26.81 -6.18
N LEU A 201 27.63 27.32 -6.59
CA LEU A 201 28.28 26.83 -7.81
C LEU A 201 29.53 26.02 -7.47
N ASP A 202 29.63 24.82 -8.02
CA ASP A 202 30.72 23.92 -7.69
C ASP A 202 32.08 24.28 -8.35
N LYS A 203 33.08 23.41 -8.22
CA LYS A 203 34.41 23.61 -8.78
C LYS A 203 34.38 23.93 -10.33
N HIS A 204 33.31 23.52 -11.08
CA HIS A 204 33.16 23.70 -12.54
C HIS A 204 32.04 24.67 -12.97
N GLY A 205 31.43 25.37 -12.03
CA GLY A 205 30.37 26.31 -12.35
C GLY A 205 29.00 25.69 -12.52
N HIS A 206 28.81 24.47 -11.99
CA HIS A 206 27.51 23.83 -12.04
C HIS A 206 26.80 23.97 -10.70
N LEU A 207 25.52 24.40 -10.76
CA LEU A 207 24.66 24.68 -9.63
C LEU A 207 24.29 23.47 -8.77
N LYS A 208 24.15 23.71 -7.48
CA LYS A 208 23.65 22.77 -6.48
C LYS A 208 22.81 23.60 -5.50
N LEU A 209 21.70 23.04 -5.04
CA LEU A 209 20.87 23.72 -4.04
C LEU A 209 21.38 23.33 -2.66
N ALA A 210 21.43 24.29 -1.76
CA ALA A 210 21.82 24.06 -0.40
C ALA A 210 20.60 24.28 0.51
N ASP A 211 20.49 23.49 1.55
CA ASP A 211 19.41 23.63 2.53
C ASP A 211 20.04 24.31 3.74
N PHE A 212 19.59 25.51 4.11
CA PHE A 212 20.13 26.16 5.30
C PHE A 212 19.18 26.05 6.50
N GLY A 213 18.38 24.97 6.55
CA GLY A 213 17.49 24.70 7.65
C GLY A 213 16.01 24.83 7.35
N THR A 214 15.65 25.06 6.09
CA THR A 214 14.27 25.19 5.68
C THR A 214 13.61 23.93 5.11
N CYS A 215 14.36 22.93 4.65
CA CYS A 215 13.77 21.74 4.02
C CYS A 215 12.80 21.03 4.91
N MET A 216 11.66 20.62 4.35
CA MET A 216 10.69 19.89 5.14
C MET A 216 10.12 18.73 4.39
N LYS A 217 9.89 17.61 5.13
CA LYS A 217 9.31 16.36 4.65
C LYS A 217 7.78 16.55 4.42
N MET A 218 7.29 16.21 3.23
CA MET A 218 5.87 16.37 2.90
C MET A 218 5.06 15.29 3.60
N ASP A 219 3.84 15.62 4.07
CA ASP A 219 2.98 14.61 4.68
C ASP A 219 2.36 13.66 3.61
N GLU A 220 1.50 12.70 4.03
CA GLU A 220 0.87 11.76 3.10
C GLU A 220 0.19 12.45 1.89
N THR A 221 -0.34 13.68 2.11
CA THR A 221 -1.04 14.49 1.10
C THR A 221 -0.10 15.26 0.17
N GLY A 222 1.18 15.40 0.56
CA GLY A 222 2.21 16.11 -0.20
C GLY A 222 2.28 17.59 0.14
N MET A 223 2.04 17.90 1.43
CA MET A 223 1.97 19.24 2.01
C MET A 223 2.84 19.42 3.24
N VAL A 224 3.21 20.69 3.57
CA VAL A 224 3.99 21.05 4.76
C VAL A 224 3.34 22.25 5.54
N HIS A 225 3.92 22.65 6.72
CA HIS A 225 3.50 23.77 7.61
C HIS A 225 4.66 24.27 8.55
N CYS A 226 4.73 25.62 8.82
CA CYS A 226 5.66 26.39 9.74
C CYS A 226 7.08 26.68 9.17
N ALA A 229 10.81 31.97 10.30
CA ALA A 229 11.18 30.90 9.38
C ALA A 229 11.46 31.46 7.99
N VAL A 230 10.65 32.44 7.54
CA VAL A 230 10.75 32.99 6.19
C VAL A 230 12.05 33.77 5.98
N GLY A 231 12.31 34.73 6.86
CA GLY A 231 13.46 35.59 6.72
C GLY A 231 13.22 36.61 5.62
N THR A 232 14.17 36.75 4.71
CA THR A 232 14.02 37.68 3.59
C THR A 232 13.02 37.10 2.63
N PRO A 233 12.00 37.89 2.25
CA PRO A 233 10.90 37.33 1.47
C PRO A 233 10.91 37.48 -0.04
N ASP A 234 11.81 38.26 -0.66
CA ASP A 234 11.82 38.48 -2.13
C ASP A 234 11.46 37.25 -3.01
N TYR A 235 11.87 36.05 -2.61
CA TYR A 235 11.61 34.84 -3.40
C TYR A 235 10.48 33.94 -2.89
N ILE A 236 9.82 34.34 -1.81
CA ILE A 236 8.78 33.54 -1.19
C ILE A 236 7.44 33.77 -1.87
N SER A 237 6.69 32.69 -2.10
CA SER A 237 5.39 32.70 -2.77
C SER A 237 4.31 33.32 -1.88
N PRO A 238 3.16 33.77 -2.43
CA PRO A 238 2.10 34.31 -1.56
C PRO A 238 1.54 33.25 -0.62
N GLU A 239 1.45 31.99 -1.06
CA GLU A 239 0.89 30.93 -0.23
C GLU A 239 1.72 30.72 1.02
N VAL A 240 3.07 30.73 0.89
CA VAL A 240 4.00 30.58 2.01
C VAL A 240 3.90 31.75 3.00
N LEU A 241 3.78 33.00 2.49
CA LEU A 241 3.60 34.21 3.30
C LEU A 241 2.27 34.16 4.07
N LYS A 242 1.19 33.78 3.38
CA LYS A 242 -0.15 33.69 3.95
C LYS A 242 -0.28 32.59 5.03
N SER A 243 0.60 31.57 4.97
CA SER A 243 0.57 30.47 5.91
C SER A 243 1.13 30.85 7.26
N GLN A 244 2.08 31.78 7.32
CA GLN A 244 2.74 32.20 8.57
C GLN A 244 1.80 32.78 9.66
N GLY A 246 -0.08 31.11 12.22
CA GLY A 246 -0.99 30.79 11.13
C GLY A 246 -1.22 29.30 10.89
N ASP A 247 -0.12 28.50 10.84
CA ASP A 247 -0.16 27.06 10.59
C ASP A 247 -0.97 26.69 9.33
N GLY A 248 -0.58 27.25 8.19
CA GLY A 248 -1.19 27.02 6.89
C GLY A 248 -0.44 25.97 6.08
N PHE A 249 -1.15 25.30 5.15
CA PHE A 249 -0.58 24.24 4.33
C PHE A 249 -0.30 24.71 2.94
N TYR A 250 0.81 24.23 2.36
CA TYR A 250 1.23 24.50 0.98
C TYR A 250 2.01 23.28 0.42
N GLY A 251 2.13 23.19 -0.91
CA GLY A 251 2.83 22.07 -1.53
C GLY A 251 4.14 22.45 -2.19
N ARG A 252 4.66 21.54 -3.03
CA ARG A 252 5.92 21.75 -3.74
C ARG A 252 5.90 22.91 -4.75
N GLU A 253 4.69 23.33 -5.17
CA GLU A 253 4.54 24.42 -6.13
C GLU A 253 5.06 25.76 -5.58
N CYS A 254 5.20 25.89 -4.25
CA CYS A 254 5.77 27.09 -3.62
C CYS A 254 7.23 27.32 -4.05
N ASP A 255 7.95 26.22 -4.38
CA ASP A 255 9.34 26.26 -4.85
C ASP A 255 9.38 26.73 -6.30
N TRP A 256 8.37 26.40 -7.12
CA TRP A 256 8.36 26.86 -8.53
C TRP A 256 8.14 28.39 -8.64
N TRP A 257 7.50 29.01 -7.63
CA TRP A 257 7.35 30.46 -7.58
C TRP A 257 8.75 31.10 -7.51
N SER A 258 9.61 30.59 -6.64
CA SER A 258 10.96 31.04 -6.49
C SER A 258 11.78 30.86 -7.80
N VAL A 259 11.48 29.85 -8.63
CA VAL A 259 12.17 29.70 -9.92
C VAL A 259 11.83 30.89 -10.84
N GLY A 260 10.57 31.30 -10.84
CA GLY A 260 10.12 32.47 -11.61
C GLY A 260 10.76 33.76 -11.11
N VAL A 261 10.85 33.93 -9.75
CA VAL A 261 11.55 35.07 -9.14
C VAL A 261 13.01 35.07 -9.57
N PHE A 262 13.63 33.91 -9.63
CA PHE A 262 15.03 33.76 -9.99
C PHE A 262 15.23 34.14 -11.43
N LEU A 263 14.43 33.59 -12.37
CA LEU A 263 14.57 33.95 -13.80
C LEU A 263 14.42 35.46 -14.03
N TYR A 264 13.53 36.10 -13.26
CA TYR A 264 13.32 37.52 -13.35
C TYR A 264 14.55 38.27 -12.87
N GLU A 265 15.08 37.98 -11.67
CA GLU A 265 16.27 38.66 -11.19
C GLU A 265 17.47 38.49 -12.13
N MET A 266 17.61 37.34 -12.79
CA MET A 266 18.73 37.11 -13.74
C MET A 266 18.66 37.96 -15.01
N LEU A 267 17.46 38.04 -15.60
CA LEU A 267 17.29 38.76 -16.83
C LEU A 267 17.05 40.26 -16.63
N VAL A 268 16.42 40.64 -15.53
CA VAL A 268 16.09 42.04 -15.27
C VAL A 268 17.13 42.74 -14.43
N GLY A 269 17.67 42.05 -13.43
CA GLY A 269 18.68 42.65 -12.57
C GLY A 269 18.19 42.92 -11.17
N ASP A 270 16.88 43.13 -11.01
CA ASP A 270 16.25 43.38 -9.70
C ASP A 270 15.16 42.34 -9.47
N THR A 271 14.78 42.09 -8.20
CA THR A 271 13.71 41.14 -7.89
C THR A 271 12.37 41.74 -8.35
N PRO A 272 11.40 40.91 -8.79
CA PRO A 272 10.15 41.46 -9.32
C PRO A 272 9.25 42.15 -8.31
N PHE A 273 9.45 41.87 -7.00
CA PHE A 273 8.63 42.49 -5.97
C PHE A 273 9.48 43.27 -4.98
N TYR A 274 10.56 43.90 -5.46
CA TYR A 274 11.49 44.68 -4.65
C TYR A 274 10.84 45.89 -4.02
N ALA A 275 11.30 46.28 -2.84
CA ALA A 275 10.82 47.49 -2.16
C ALA A 275 11.85 47.99 -1.15
N ASP A 276 11.82 49.30 -0.84
CA ASP A 276 12.74 49.88 0.16
C ASP A 276 12.50 49.33 1.59
N SER A 277 11.40 48.61 1.81
CA SER A 277 11.06 48.03 3.10
C SER A 277 10.65 46.56 2.95
N LEU A 278 10.69 45.81 4.06
CA LEU A 278 10.25 44.43 4.06
C LEU A 278 8.73 44.38 3.87
N VAL A 279 8.00 45.30 4.54
CA VAL A 279 6.54 45.40 4.43
C VAL A 279 6.14 45.61 2.97
N GLY A 280 6.85 46.48 2.28
CA GLY A 280 6.58 46.75 0.87
C GLY A 280 6.83 45.54 0.00
N THR A 281 7.85 44.73 0.35
CA THR A 281 8.18 43.51 -0.38
C THR A 281 7.03 42.55 -0.18
N TYR A 282 6.63 42.34 1.09
CA TYR A 282 5.52 41.49 1.46
C TYR A 282 4.24 41.92 0.70
N SER A 283 3.95 43.22 0.70
CA SER A 283 2.79 43.76 0.01
C SER A 283 2.86 43.51 -1.47
N LYS A 284 3.95 43.92 -2.15
CA LYS A 284 4.09 43.70 -3.59
C LYS A 284 3.94 42.19 -3.97
N ILE A 285 4.34 41.28 -3.06
CA ILE A 285 4.20 39.85 -3.34
C ILE A 285 2.74 39.45 -3.25
N MET A 286 2.03 39.90 -2.20
CA MET A 286 0.62 39.58 -2.08
C MET A 286 -0.22 40.21 -3.22
N ASP A 287 0.13 41.42 -3.70
CA ASP A 287 -0.59 42.03 -4.82
C ASP A 287 0.15 41.79 -6.12
N HIS A 288 0.72 40.59 -6.29
CA HIS A 288 1.51 40.16 -7.44
C HIS A 288 0.77 40.26 -8.78
N LYS A 289 -0.59 40.24 -8.76
CA LYS A 289 -1.37 40.40 -9.98
C LYS A 289 -1.28 41.84 -10.50
N ASN A 290 -1.13 42.83 -9.62
CA ASN A 290 -0.99 44.22 -10.05
C ASN A 290 0.46 44.68 -10.08
N SER A 291 1.31 44.18 -9.15
CA SER A 291 2.69 44.63 -9.02
C SER A 291 3.71 43.97 -9.95
N LEU A 292 3.37 42.82 -10.58
CA LEU A 292 4.34 42.23 -11.47
C LEU A 292 4.40 43.06 -12.73
N CYS A 293 5.61 43.50 -13.10
CA CYS A 293 5.82 44.24 -14.35
C CYS A 293 7.25 44.20 -14.73
N PHE A 294 7.46 44.12 -16.01
CA PHE A 294 8.78 44.09 -16.62
C PHE A 294 9.11 45.52 -17.12
N PRO A 295 10.31 46.04 -16.83
CA PRO A 295 10.67 47.39 -17.31
C PRO A 295 10.75 47.46 -18.83
N GLU A 296 10.45 48.64 -19.40
CA GLU A 296 10.46 48.83 -20.86
C GLU A 296 11.88 48.71 -21.39
N ASP A 297 12.85 49.33 -20.66
CA ASP A 297 14.28 49.33 -20.97
C ASP A 297 14.88 47.90 -21.01
N ALA A 298 14.36 47.01 -20.17
CA ALA A 298 14.82 45.62 -20.11
C ALA A 298 14.22 44.79 -21.26
N GLU A 299 15.03 44.48 -22.27
CA GLU A 299 14.58 43.67 -23.40
C GLU A 299 14.57 42.20 -22.97
N ILE A 300 13.39 41.54 -23.03
CA ILE A 300 13.23 40.15 -22.60
C ILE A 300 12.44 39.39 -23.67
N SER A 301 12.86 38.17 -24.03
CA SER A 301 12.16 37.39 -25.06
C SER A 301 10.72 37.06 -24.67
N LYS A 302 9.86 36.73 -25.66
CA LYS A 302 8.47 36.39 -25.39
C LYS A 302 8.36 35.15 -24.49
N HIS A 303 9.20 34.13 -24.74
CA HIS A 303 9.21 32.88 -23.96
C HIS A 303 9.75 33.09 -22.55
N ALA A 304 10.72 34.02 -22.39
CA ALA A 304 11.27 34.30 -21.07
C ALA A 304 10.19 34.95 -20.21
N LYS A 305 9.49 35.96 -20.76
CA LYS A 305 8.39 36.67 -20.09
C LYS A 305 7.28 35.67 -19.78
N ASN A 306 6.95 34.81 -20.74
CA ASN A 306 5.92 33.78 -20.56
C ASN A 306 6.24 32.86 -19.39
N LEU A 307 7.49 32.33 -19.33
CA LEU A 307 7.91 31.41 -18.28
C LEU A 307 7.89 32.07 -16.91
N ILE A 308 8.41 33.31 -16.79
CA ILE A 308 8.38 34.05 -15.53
C ILE A 308 6.93 34.19 -15.04
N CYS A 309 6.01 34.50 -15.97
CA CYS A 309 4.60 34.68 -15.63
C CYS A 309 3.87 33.39 -15.34
N ALA A 310 4.27 32.28 -15.99
CA ALA A 310 3.64 30.99 -15.71
C ALA A 310 3.95 30.53 -14.28
N PHE A 311 5.12 30.93 -13.72
CA PHE A 311 5.55 30.59 -12.37
C PHE A 311 5.01 31.62 -11.40
N LEU A 312 5.04 32.91 -11.76
CA LEU A 312 4.57 33.95 -10.87
C LEU A 312 3.05 34.20 -10.98
N THR A 313 2.26 33.15 -10.80
CA THR A 313 0.80 33.19 -10.74
C THR A 313 0.31 32.42 -9.49
N ASP A 314 -0.99 32.41 -9.22
CA ASP A 314 -1.58 31.71 -8.10
C ASP A 314 -1.27 30.22 -8.18
N ARG A 315 -1.07 29.57 -7.01
CA ARG A 315 -0.72 28.15 -6.92
C ARG A 315 -1.59 27.22 -7.77
N GLU A 316 -2.90 27.52 -7.83
CA GLU A 316 -3.93 26.78 -8.55
C GLU A 316 -3.60 26.67 -10.01
N VAL A 317 -3.10 27.75 -10.60
CA VAL A 317 -2.83 27.79 -12.03
C VAL A 317 -1.30 27.89 -12.39
N ARG A 318 -0.40 27.77 -11.38
CA ARG A 318 1.05 27.88 -11.52
C ARG A 318 1.66 26.69 -12.23
N LEU A 319 2.71 26.93 -13.05
CA LEU A 319 3.46 25.92 -13.81
C LEU A 319 4.23 25.01 -12.85
N GLY A 320 4.16 23.71 -13.08
CA GLY A 320 4.77 22.74 -12.19
C GLY A 320 3.76 22.02 -11.31
N ARG A 321 2.48 22.45 -11.36
CA ARG A 321 1.36 21.84 -10.64
C ARG A 321 1.05 20.46 -11.23
N ASN A 322 1.22 20.30 -12.55
CA ASN A 322 1.03 19.02 -13.22
C ASN A 322 2.28 18.14 -13.08
N GLY A 323 3.45 18.76 -13.03
CA GLY A 323 4.70 18.01 -12.93
C GLY A 323 5.85 18.71 -13.60
N VAL A 324 7.06 18.13 -13.51
CA VAL A 324 8.24 18.78 -14.07
C VAL A 324 8.25 18.75 -15.60
N GLU A 325 7.63 17.72 -16.22
CA GLU A 325 7.60 17.59 -17.67
C GLU A 325 7.10 18.86 -18.40
N GLU A 326 6.05 19.54 -17.88
CA GLU A 326 5.55 20.76 -18.52
C GLU A 326 6.55 21.94 -18.41
N ILE A 327 7.37 21.95 -17.35
CA ILE A 327 8.41 22.96 -17.16
C ILE A 327 9.51 22.71 -18.18
N ARG A 328 9.94 21.43 -18.33
CA ARG A 328 10.97 21.06 -19.31
C ARG A 328 10.49 21.32 -20.73
N GLN A 329 9.20 21.07 -21.00
CA GLN A 329 8.62 21.28 -22.32
C GLN A 329 8.45 22.76 -22.69
N HIS A 330 8.54 23.68 -21.72
CA HIS A 330 8.38 25.11 -22.02
C HIS A 330 9.39 25.58 -23.09
N PRO A 331 8.89 26.29 -24.11
CA PRO A 331 9.77 26.74 -25.20
C PRO A 331 10.94 27.66 -24.82
N PHE A 332 11.01 28.19 -23.58
CA PHE A 332 12.16 29.00 -23.17
C PHE A 332 13.43 28.12 -23.15
N PHE A 333 13.29 26.84 -22.74
CA PHE A 333 14.33 25.83 -22.65
C PHE A 333 14.70 25.17 -23.99
N LYS A 334 14.32 25.77 -25.12
CA LYS A 334 14.74 25.26 -26.42
C LYS A 334 16.16 25.81 -26.61
N ASN A 335 17.14 24.93 -26.85
CA ASN A 335 18.52 25.38 -27.00
C ASN A 335 19.40 24.36 -27.75
N ASP A 336 20.54 24.84 -28.26
CA ASP A 336 21.52 24.05 -28.98
C ASP A 336 22.72 23.63 -28.09
N GLN A 337 22.68 23.87 -26.77
CA GLN A 337 23.82 23.61 -25.91
C GLN A 337 23.69 22.44 -24.92
N TRP A 338 22.47 22.02 -24.55
CA TRP A 338 22.30 20.94 -23.59
C TRP A 338 20.98 20.22 -23.71
N HIS A 339 20.86 19.09 -23.03
CA HIS A 339 19.67 18.27 -22.92
C HIS A 339 19.32 18.15 -21.43
N TRP A 340 18.07 17.85 -21.14
CA TRP A 340 17.62 17.65 -19.76
C TRP A 340 18.29 16.43 -19.11
N ASP A 341 18.82 15.48 -19.91
CA ASP A 341 19.49 14.29 -19.40
C ASP A 341 21.02 14.44 -19.32
N ASN A 342 21.61 15.48 -19.96
CA ASN A 342 23.06 15.64 -19.92
C ASN A 342 23.55 17.01 -19.51
N ILE A 343 22.65 17.94 -19.12
CA ILE A 343 23.01 19.31 -18.79
C ILE A 343 24.21 19.44 -17.82
N ARG A 344 24.32 18.53 -16.83
CA ARG A 344 25.40 18.62 -15.85
C ARG A 344 26.77 18.27 -16.40
N GLU A 345 26.83 17.55 -17.55
CA GLU A 345 28.11 17.26 -18.17
C GLU A 345 28.35 18.16 -19.41
N THR A 346 27.66 19.30 -19.51
CA THR A 346 27.89 20.26 -20.59
C THR A 346 28.70 21.44 -20.01
N ALA A 347 29.28 22.26 -20.90
CA ALA A 347 30.05 23.42 -20.49
C ALA A 347 29.22 24.43 -19.70
N ALA A 348 29.66 24.79 -18.51
CA ALA A 348 28.96 25.76 -17.72
C ALA A 348 29.33 27.16 -18.23
N PRO A 349 28.35 28.10 -18.22
CA PRO A 349 28.60 29.43 -18.79
C PRO A 349 29.62 30.29 -18.05
N VAL A 350 29.79 30.06 -16.76
CA VAL A 350 30.77 30.79 -15.97
C VAL A 350 31.67 29.76 -15.34
N VAL A 351 32.89 29.61 -15.84
CA VAL A 351 33.82 28.64 -15.29
C VAL A 351 34.76 29.35 -14.31
N PRO A 352 34.81 28.89 -13.05
CA PRO A 352 35.69 29.55 -12.08
C PRO A 352 37.17 29.28 -12.34
N GLU A 353 38.03 30.27 -12.05
CA GLU A 353 39.47 30.14 -12.19
C GLU A 353 39.98 30.00 -10.77
N LEU A 354 40.34 28.77 -10.35
CA LEU A 354 40.75 28.54 -8.97
C LEU A 354 42.19 28.08 -8.87
N SER A 355 43.10 29.00 -8.49
CA SER A 355 44.54 28.78 -8.39
C SER A 355 44.97 27.83 -7.30
N SER A 356 44.17 27.67 -6.24
CA SER A 356 44.46 26.73 -5.17
C SER A 356 43.15 26.12 -4.64
N ASP A 357 43.22 25.05 -3.83
CA ASP A 357 42.02 24.45 -3.27
C ASP A 357 41.37 25.31 -2.16
N ILE A 358 42.06 26.40 -1.72
CA ILE A 358 41.54 27.37 -0.76
C ILE A 358 41.28 28.72 -1.41
N ASP A 359 41.19 28.80 -2.76
CA ASP A 359 40.87 30.03 -3.48
C ASP A 359 39.42 30.36 -3.15
N SER A 360 39.19 31.49 -2.47
CA SER A 360 37.84 31.90 -2.11
C SER A 360 37.50 33.26 -2.74
N SER A 361 37.98 33.49 -3.98
CA SER A 361 37.77 34.72 -4.71
C SER A 361 36.29 35.03 -4.93
N ASN A 362 35.47 34.00 -5.18
CA ASN A 362 34.04 34.18 -5.39
C ASN A 362 33.24 34.37 -4.10
N PHE A 363 33.91 34.68 -3.00
CA PHE A 363 33.26 34.92 -1.73
C PHE A 363 33.68 36.27 -1.21
N ASP A 364 32.72 37.05 -0.74
CA ASP A 364 32.99 38.36 -0.16
C ASP A 364 33.78 38.16 1.14
N ASP A 365 34.68 39.11 1.47
CA ASP A 365 35.48 38.96 2.70
C ASP A 365 34.69 39.31 3.98
N ILE A 366 34.91 38.56 5.09
CA ILE A 366 34.20 38.84 6.34
C ILE A 366 35.24 39.00 7.52
N GLU A 367 36.26 38.12 7.63
CA GLU A 367 37.36 38.14 8.64
C GLU A 367 36.89 38.03 10.16
N ASP A 368 36.37 39.16 10.77
CA ASP A 368 35.85 39.29 12.16
C ASP A 368 35.42 40.72 12.46
N VAL A 373 30.07 35.94 21.32
CA VAL A 373 29.10 34.88 20.98
C VAL A 373 28.35 34.37 22.23
N GLU A 374 27.01 34.44 22.23
CA GLU A 374 26.23 34.02 23.39
C GLU A 374 26.14 32.50 23.60
N THR A 375 26.11 32.08 24.87
CA THR A 375 26.04 30.68 25.28
C THR A 375 24.83 30.40 26.22
N PHE A 376 24.59 29.11 26.61
CA PHE A 376 23.52 28.74 27.55
C PHE A 376 23.86 29.25 28.95
N PRO A 377 22.86 29.73 29.71
CA PRO A 377 23.15 30.18 31.08
C PRO A 377 23.25 29.00 32.06
N ILE A 378 24.26 29.03 32.98
CA ILE A 378 24.47 27.99 33.99
C ILE A 378 23.20 27.73 34.78
N PRO A 379 22.68 26.49 34.73
CA PRO A 379 21.42 26.22 35.43
C PRO A 379 21.57 25.93 36.92
N LYS A 380 20.45 26.01 37.65
CA LYS A 380 20.39 25.71 39.08
C LYS A 380 19.91 24.25 39.21
N ALA A 381 18.85 23.90 38.48
CA ALA A 381 18.28 22.56 38.40
C ALA A 381 18.61 21.93 37.02
N PHE A 382 18.39 20.61 36.85
CA PHE A 382 18.63 19.97 35.58
C PHE A 382 17.62 20.48 34.56
N VAL A 383 18.12 21.01 33.43
CA VAL A 383 17.27 21.54 32.35
C VAL A 383 17.43 20.82 31.00
N GLY A 384 18.51 20.06 30.84
CA GLY A 384 18.78 19.26 29.66
C GLY A 384 18.90 20.01 28.36
N ASN A 385 19.74 21.04 28.33
CA ASN A 385 19.93 21.85 27.13
C ASN A 385 20.58 21.10 25.98
N GLN A 386 21.36 20.05 26.29
CA GLN A 386 22.04 19.26 25.27
C GLN A 386 21.18 18.12 24.71
N LEU A 387 20.10 17.76 25.42
CA LEU A 387 19.20 16.69 25.01
C LEU A 387 18.63 16.82 23.59
N PRO A 388 18.28 18.02 23.09
CA PRO A 388 17.70 18.08 21.72
C PRO A 388 18.67 17.76 20.59
N PHE A 389 19.97 17.63 20.90
CA PHE A 389 20.98 17.40 19.87
C PHE A 389 21.51 15.98 19.83
N ILE A 390 20.92 15.04 20.61
CA ILE A 390 21.30 13.63 20.61
C ILE A 390 20.86 13.01 19.27
N GLY A 391 21.83 12.50 18.53
CA GLY A 391 21.60 11.93 17.21
C GLY A 391 22.07 12.84 16.10
N PHE A 392 22.43 14.10 16.40
CA PHE A 392 22.92 15.04 15.40
C PHE A 392 24.22 14.54 14.79
N THR A 393 25.16 13.98 15.61
CA THR A 393 26.44 13.48 15.11
C THR A 393 26.25 12.45 13.99
N TYR A 394 26.92 12.70 12.86
CA TYR A 394 26.84 11.94 11.62
C TYR A 394 28.24 11.57 11.16
N TYR A 395 28.47 10.27 10.93
CA TYR A 395 29.75 9.82 10.40
C TYR A 395 29.55 8.79 9.30
N ARG A 396 30.18 9.00 8.15
CA ARG A 396 30.11 8.05 7.05
C ARG A 396 31.49 7.91 6.35
N ALA B 3 38.91 8.13 9.75
CA ALA B 3 38.53 6.72 9.68
C ALA B 3 39.52 5.79 10.42
N SER B 4 40.78 6.23 10.60
CA SER B 4 41.78 5.45 11.35
C SER B 4 41.54 5.69 12.84
N ARG B 5 41.26 6.96 13.24
CA ARG B 5 40.93 7.31 14.62
C ARG B 5 39.53 6.79 14.97
N GLN B 6 38.62 6.71 13.99
CA GLN B 6 37.28 6.18 14.17
C GLN B 6 37.27 4.67 14.37
N ARG B 7 38.26 3.97 13.78
CA ARG B 7 38.40 2.53 13.97
C ARG B 7 38.87 2.33 15.43
N LYS B 8 39.88 3.13 15.86
CA LYS B 8 40.44 3.15 17.21
C LYS B 8 39.38 3.40 18.29
N LEU B 9 38.37 4.25 18.00
CA LEU B 9 37.29 4.51 18.96
C LEU B 9 36.22 3.41 18.88
N GLU B 10 35.91 2.94 17.66
CA GLU B 10 34.96 1.83 17.50
C GLU B 10 35.48 0.53 18.16
N ALA B 11 36.79 0.50 18.51
CA ALA B 11 37.46 -0.64 19.15
C ALA B 11 37.19 -0.64 20.65
N LEU B 12 37.28 0.53 21.32
CA LEU B 12 37.01 0.62 22.76
C LEU B 12 35.59 0.22 23.06
N ILE B 13 34.64 0.65 22.24
CA ILE B 13 33.23 0.33 22.37
C ILE B 13 32.97 -1.18 22.18
N ARG B 14 33.78 -1.84 21.34
CA ARG B 14 33.68 -3.29 21.11
C ARG B 14 34.30 -4.10 22.29
N ASP B 15 35.44 -3.62 22.85
CA ASP B 15 36.13 -4.29 23.95
C ASP B 15 35.28 -4.30 25.23
N PRO B 16 34.86 -5.50 25.66
CA PRO B 16 34.04 -5.59 26.88
C PRO B 16 34.72 -5.18 28.16
N ARG B 17 36.05 -5.10 28.17
CA ARG B 17 36.78 -4.65 29.35
C ARG B 17 36.46 -3.15 29.60
N SER B 18 36.41 -2.37 28.49
CA SER B 18 36.21 -0.92 28.41
C SER B 18 35.08 -0.34 29.27
N PRO B 19 35.37 0.79 29.95
CA PRO B 19 34.32 1.47 30.75
C PRO B 19 33.11 1.90 29.92
N ILE B 20 33.34 2.42 28.70
CA ILE B 20 32.25 2.78 27.79
C ILE B 20 32.24 1.78 26.65
N ASN B 21 31.33 0.84 26.72
CA ASN B 21 31.09 -0.23 25.76
C ASN B 21 29.59 -0.24 25.41
N VAL B 22 29.15 -1.04 24.43
CA VAL B 22 27.74 -1.08 24.03
C VAL B 22 26.77 -1.19 25.22
N GLU B 23 27.11 -2.03 26.22
CA GLU B 23 26.24 -2.22 27.39
C GLU B 23 26.16 -0.98 28.24
N SER B 24 27.30 -0.28 28.43
CA SER B 24 27.36 0.95 29.20
C SER B 24 26.59 2.05 28.50
N LEU B 25 26.77 2.17 27.18
CA LEU B 25 26.08 3.18 26.40
C LEU B 25 24.58 2.95 26.42
N LEU B 26 24.15 1.69 26.34
CA LEU B 26 22.74 1.35 26.41
C LEU B 26 22.21 1.62 27.83
N ASP B 27 23.02 1.34 28.88
CA ASP B 27 22.66 1.61 30.28
C ASP B 27 22.40 3.10 30.47
N GLY B 28 23.30 3.92 29.91
CA GLY B 28 23.23 5.37 29.95
C GLY B 28 21.93 5.89 29.38
N LEU B 29 21.56 5.40 28.21
CA LEU B 29 20.32 5.82 27.57
C LEU B 29 19.09 5.35 28.35
N ASN B 30 19.10 4.12 28.86
CA ASN B 30 17.96 3.60 29.62
C ASN B 30 17.73 4.40 30.89
N SER B 31 18.83 4.67 31.63
CA SER B 31 18.83 5.48 32.86
C SER B 31 18.32 6.86 32.57
N LEU B 32 18.84 7.52 31.53
CA LEU B 32 18.39 8.84 31.15
C LEU B 32 16.88 8.88 30.88
N VAL B 33 16.33 7.87 30.20
CA VAL B 33 14.90 7.78 29.95
C VAL B 33 14.13 7.57 31.25
N LEU B 34 14.60 6.64 32.10
CA LEU B 34 13.93 6.34 33.37
C LEU B 34 13.89 7.52 34.35
N ASP B 35 15.02 8.23 34.47
CA ASP B 35 15.16 9.37 35.36
C ASP B 35 14.43 10.61 34.90
N LEU B 36 13.98 10.66 33.63
CA LEU B 36 13.28 11.83 33.12
C LEU B 36 11.79 11.59 32.88
N ASP B 37 11.32 10.33 32.82
CA ASP B 37 9.92 10.01 32.52
C ASP B 37 8.91 10.27 33.65
N PHE B 38 8.97 11.45 34.27
CA PHE B 38 8.06 11.83 35.33
C PHE B 38 7.33 13.08 34.90
N PRO B 39 6.00 13.12 35.06
CA PRO B 39 5.21 14.28 34.61
C PRO B 39 5.69 15.66 35.09
N ALA B 40 6.21 15.74 36.32
CA ALA B 40 6.74 16.99 36.87
C ALA B 40 7.91 17.52 35.99
N LEU B 41 8.77 16.58 35.57
CA LEU B 41 9.93 16.86 34.74
C LEU B 41 9.55 17.12 33.30
N ARG B 42 8.56 16.38 32.81
CA ARG B 42 8.01 16.45 31.46
C ARG B 42 7.44 17.83 31.06
N LYS B 43 7.29 18.75 32.04
CA LYS B 43 6.84 20.12 31.75
C LYS B 43 7.91 20.84 30.88
N ASN B 44 9.22 20.54 31.14
CA ASN B 44 10.36 21.04 30.37
C ASN B 44 10.24 20.50 28.95
N LYS B 45 10.30 21.37 27.92
CA LYS B 45 10.17 20.95 26.53
C LYS B 45 11.35 20.10 26.04
N ASN B 46 12.56 20.40 26.53
CA ASN B 46 13.77 19.64 26.18
C ASN B 46 13.61 18.18 26.59
N ILE B 47 13.16 17.96 27.83
CA ILE B 47 12.94 16.63 28.38
C ILE B 47 11.77 15.93 27.70
N ASP B 48 10.62 16.59 27.55
CA ASP B 48 9.44 15.99 26.93
C ASP B 48 9.71 15.56 25.49
N ASN B 49 10.44 16.39 24.73
CA ASN B 49 10.73 16.06 23.34
C ASN B 49 11.70 14.90 23.20
N PHE B 50 12.77 14.88 24.03
CA PHE B 50 13.76 13.79 24.04
C PHE B 50 13.06 12.47 24.34
N LEU B 51 12.22 12.49 25.38
CA LEU B 51 11.47 11.32 25.79
C LEU B 51 10.54 10.85 24.71
N ASN B 52 9.94 11.77 23.94
CA ASN B 52 9.03 11.37 22.86
C ASN B 52 9.76 10.67 21.74
N ARG B 53 10.92 11.21 21.36
CA ARG B 53 11.73 10.65 20.29
C ARG B 53 12.30 9.26 20.64
N TYR B 54 12.82 9.09 21.86
CA TYR B 54 13.44 7.84 22.26
C TYR B 54 12.57 6.89 23.07
N GLU B 55 11.31 7.24 23.32
CA GLU B 55 10.42 6.39 24.14
C GLU B 55 10.24 5.01 23.53
N LYS B 56 9.75 4.95 22.28
CA LYS B 56 9.47 3.69 21.61
C LYS B 56 10.71 2.84 21.38
N ILE B 57 11.82 3.45 20.94
CA ILE B 57 13.04 2.69 20.68
C ILE B 57 13.62 2.11 21.97
N VAL B 58 13.65 2.89 23.08
CA VAL B 58 14.13 2.39 24.37
C VAL B 58 13.32 1.16 24.83
N LYS B 59 12.02 1.12 24.49
CA LYS B 59 11.18 -0.03 24.83
C LYS B 59 11.59 -1.25 23.98
N LYS B 60 11.80 -1.07 22.67
CA LYS B 60 12.23 -2.12 21.73
C LYS B 60 13.58 -2.71 22.16
N ILE B 61 14.54 -1.84 22.54
CA ILE B 61 15.88 -2.21 23.00
C ILE B 61 15.78 -3.01 24.29
N ARG B 62 14.97 -2.56 25.24
CA ARG B 62 14.78 -3.27 26.51
C ARG B 62 14.24 -4.70 26.36
N GLY B 63 13.51 -4.95 25.27
CA GLY B 63 12.97 -6.26 24.99
C GLY B 63 13.99 -7.21 24.42
N LEU B 64 14.98 -6.69 23.67
CA LEU B 64 16.01 -7.53 23.06
C LEU B 64 17.07 -7.90 24.07
N GLN B 65 17.46 -6.93 24.92
CA GLN B 65 18.44 -7.10 25.99
C GLN B 65 17.98 -8.15 26.98
N MET B 66 18.93 -8.80 27.67
CA MET B 66 18.55 -9.83 28.64
C MET B 66 17.69 -9.24 29.78
N LYS B 67 16.60 -9.90 30.12
CA LYS B 67 15.71 -9.44 31.16
C LYS B 67 15.30 -10.57 32.11
N ALA B 68 14.72 -10.21 33.26
CA ALA B 68 14.31 -11.18 34.26
C ALA B 68 13.35 -12.23 33.70
N GLU B 69 12.49 -11.82 32.75
CA GLU B 69 11.49 -12.68 32.12
C GLU B 69 12.14 -13.82 31.33
N ASP B 70 13.39 -13.66 30.85
CA ASP B 70 14.09 -14.74 30.15
C ASP B 70 14.40 -15.93 31.09
N TYR B 71 14.15 -15.80 32.39
CA TYR B 71 14.47 -16.85 33.36
C TYR B 71 13.22 -17.39 34.04
N ASP B 72 13.30 -18.64 34.43
CA ASP B 72 12.24 -19.34 35.12
C ASP B 72 12.69 -19.52 36.56
N VAL B 73 11.94 -18.99 37.53
CA VAL B 73 12.33 -19.09 38.95
C VAL B 73 11.96 -20.43 39.56
N VAL B 74 12.96 -21.29 39.80
CA VAL B 74 12.75 -22.59 40.41
C VAL B 74 12.44 -22.46 41.90
N LYS B 75 13.32 -21.77 42.67
CA LYS B 75 13.09 -21.54 44.11
C LYS B 75 14.12 -20.62 44.75
N VAL B 76 13.77 -19.97 45.87
CA VAL B 76 14.69 -19.08 46.60
C VAL B 76 15.66 -19.92 47.40
N ILE B 77 16.97 -19.75 47.20
CA ILE B 77 17.96 -20.59 47.85
C ILE B 77 18.91 -19.84 48.79
N GLY B 78 18.89 -18.52 48.75
CA GLY B 78 19.65 -17.66 49.65
C GLY B 78 18.84 -16.46 50.08
N ARG B 79 19.32 -15.73 51.10
CA ARG B 79 18.67 -14.50 51.56
C ARG B 79 19.41 -13.95 52.78
N GLY B 80 20.74 -13.89 52.69
CA GLY B 80 21.54 -13.39 53.81
C GLY B 80 21.37 -11.91 54.15
N ALA B 81 22.49 -11.24 54.51
CA ALA B 81 22.57 -9.81 54.86
C ALA B 81 21.69 -8.91 53.93
N PHE B 82 21.89 -8.98 52.56
CA PHE B 82 21.08 -8.20 51.61
C PHE B 82 20.70 -9.04 50.35
N GLY B 83 19.49 -8.78 49.80
CA GLY B 83 18.92 -9.39 48.58
C GLY B 83 18.83 -10.90 48.46
N GLU B 84 17.81 -11.44 47.71
CA GLU B 84 17.68 -12.89 47.59
C GLU B 84 18.44 -13.50 46.44
N VAL B 85 18.64 -14.83 46.49
CA VAL B 85 19.31 -15.59 45.45
C VAL B 85 18.32 -16.65 45.02
N GLN B 86 18.03 -16.73 43.72
CA GLN B 86 17.07 -17.70 43.21
C GLN B 86 17.75 -18.71 42.33
N LEU B 87 17.30 -19.94 42.43
CA LEU B 87 17.73 -21.01 41.56
C LEU B 87 16.87 -20.78 40.33
N VAL B 88 17.48 -20.44 39.20
CA VAL B 88 16.71 -20.13 38.00
C VAL B 88 17.12 -21.01 36.84
N ARG B 89 16.27 -21.05 35.79
CA ARG B 89 16.61 -21.74 34.56
C ARG B 89 16.41 -20.78 33.42
N HIS B 90 17.42 -20.61 32.56
CA HIS B 90 17.27 -19.77 31.37
C HIS B 90 16.29 -20.51 30.46
N LYS B 91 15.18 -19.88 30.10
CA LYS B 91 14.14 -20.51 29.29
C LYS B 91 14.65 -21.07 27.95
N ALA B 92 15.42 -20.26 27.20
CA ALA B 92 15.88 -20.67 25.88
C ALA B 92 16.97 -21.70 25.91
N SER B 93 18.04 -21.50 26.71
CA SER B 93 19.15 -22.47 26.74
C SER B 93 18.87 -23.69 27.63
N GLN B 94 17.85 -23.60 28.51
CA GLN B 94 17.48 -24.64 29.45
C GLN B 94 18.52 -24.92 30.52
N LYS B 95 19.55 -24.05 30.64
CA LYS B 95 20.60 -24.23 31.63
C LYS B 95 20.20 -23.54 32.94
N VAL B 96 20.53 -24.19 34.06
CA VAL B 96 20.24 -23.66 35.40
C VAL B 96 21.41 -22.80 35.91
N TYR B 97 21.06 -21.70 36.59
CA TYR B 97 22.01 -20.74 37.18
C TYR B 97 21.53 -20.32 38.58
N ALA B 98 22.37 -19.56 39.31
CA ALA B 98 21.98 -18.96 40.58
C ALA B 98 21.88 -17.46 40.30
N MET B 99 20.74 -16.82 40.60
CA MET B 99 20.56 -15.40 40.29
C MET B 99 20.33 -14.51 41.51
N LYS B 100 21.28 -13.61 41.84
CA LYS B 100 21.07 -12.72 42.97
C LYS B 100 20.31 -11.48 42.51
N LEU B 101 19.27 -11.12 43.25
CA LEU B 101 18.48 -9.94 42.99
C LEU B 101 18.81 -8.93 44.08
N LEU B 102 19.25 -7.73 43.70
CA LEU B 102 19.54 -6.68 44.66
C LEU B 102 18.52 -5.57 44.45
N SER B 103 17.98 -5.01 45.54
CA SER B 103 17.06 -3.90 45.42
C SER B 103 17.91 -2.67 45.09
N LYS B 104 17.63 -2.00 43.95
CA LYS B 104 18.36 -0.77 43.59
C LYS B 104 18.16 0.31 44.69
N PHE B 105 16.92 0.41 45.20
CA PHE B 105 16.58 1.35 46.26
C PHE B 105 17.44 1.16 47.53
N GLU B 106 17.52 -0.07 48.05
CA GLU B 106 18.33 -0.34 49.22
C GLU B 106 19.82 -0.21 48.89
N MET B 107 20.22 -0.59 47.67
CA MET B 107 21.60 -0.50 47.21
C MET B 107 22.16 0.92 47.29
N ILE B 108 21.35 1.89 46.84
CA ILE B 108 21.76 3.30 46.83
C ILE B 108 22.03 3.86 48.27
N LYS B 109 21.39 3.25 49.30
CA LYS B 109 21.56 3.61 50.70
C LYS B 109 22.74 2.86 51.35
N SER B 113 27.36 1.16 46.91
CA SER B 113 28.53 2.06 46.80
C SER B 113 28.61 2.67 45.38
N ALA B 114 29.59 3.56 45.13
CA ALA B 114 29.74 4.15 43.80
C ALA B 114 30.71 3.26 42.98
N PHE B 115 30.19 2.63 41.87
CA PHE B 115 30.91 1.70 40.98
C PHE B 115 31.33 0.47 41.75
N PHE B 116 30.34 -0.10 42.46
CA PHE B 116 30.54 -1.25 43.33
C PHE B 116 30.86 -2.56 42.59
N TRP B 117 30.55 -2.65 41.30
CA TRP B 117 30.82 -3.87 40.53
C TRP B 117 32.20 -3.89 39.91
N GLU B 118 33.11 -2.98 40.31
CA GLU B 118 34.45 -2.92 39.73
C GLU B 118 35.21 -4.23 39.94
N GLU B 119 35.16 -4.74 41.18
CA GLU B 119 35.83 -5.98 41.58
C GLU B 119 35.12 -7.19 40.96
N ARG B 120 33.78 -7.14 40.84
CA ARG B 120 33.00 -8.17 40.15
C ARG B 120 33.56 -8.40 38.71
N ASP B 121 33.75 -7.31 37.92
CA ASP B 121 34.28 -7.37 36.57
C ASP B 121 35.72 -7.84 36.55
N ILE B 122 36.54 -7.48 37.54
CA ILE B 122 37.92 -7.96 37.59
C ILE B 122 37.92 -9.49 37.79
N MET B 123 37.05 -9.96 38.70
CA MET B 123 36.96 -11.38 39.01
C MET B 123 36.39 -12.18 37.88
N ALA B 124 35.39 -11.60 37.20
CA ALA B 124 34.70 -12.20 36.07
C ALA B 124 35.66 -12.40 34.92
N PHE B 125 36.53 -11.43 34.67
CA PHE B 125 37.49 -11.53 33.57
C PHE B 125 38.66 -12.41 33.91
N ALA B 126 39.04 -12.49 35.19
CA ALA B 126 40.12 -13.38 35.61
C ALA B 126 39.73 -14.85 35.38
N ASN B 127 38.44 -15.17 35.51
CA ASN B 127 37.88 -16.50 35.27
C ASN B 127 38.63 -17.60 36.01
N SER B 128 38.80 -17.44 37.33
CA SER B 128 39.49 -18.44 38.14
C SER B 128 38.60 -19.62 38.44
N PRO B 129 39.12 -20.85 38.32
CA PRO B 129 38.31 -22.02 38.71
C PRO B 129 37.98 -22.07 40.21
N TRP B 130 38.55 -21.15 41.01
CA TRP B 130 38.35 -21.08 42.44
C TRP B 130 37.37 -20.02 42.89
N VAL B 131 36.79 -19.26 41.95
CA VAL B 131 35.87 -18.19 42.30
C VAL B 131 34.61 -18.42 41.49
N VAL B 132 33.43 -18.42 42.16
CA VAL B 132 32.08 -18.57 41.58
C VAL B 132 31.94 -17.59 40.42
N GLN B 133 31.65 -18.10 39.20
CA GLN B 133 31.65 -17.35 37.95
C GLN B 133 30.41 -16.48 37.69
N LEU B 134 30.62 -15.27 37.16
CA LEU B 134 29.57 -14.37 36.75
C LEU B 134 29.38 -14.60 35.27
N PHE B 135 28.16 -14.88 34.85
CA PHE B 135 27.84 -15.10 33.45
C PHE B 135 27.26 -13.86 32.84
N TYR B 136 26.26 -13.28 33.48
CA TYR B 136 25.57 -12.09 33.01
C TYR B 136 25.14 -11.24 34.18
N ALA B 137 25.01 -9.95 33.97
CA ALA B 137 24.46 -9.01 34.94
C ALA B 137 23.53 -8.05 34.16
N PHE B 138 22.35 -7.80 34.67
CA PHE B 138 21.39 -6.91 34.01
C PHE B 138 20.63 -6.12 35.05
N GLN B 139 19.70 -5.26 34.63
CA GLN B 139 18.95 -4.46 35.58
C GLN B 139 17.64 -4.01 35.01
N ASP B 140 16.67 -3.80 35.86
CA ASP B 140 15.41 -3.18 35.48
C ASP B 140 15.21 -1.92 36.37
N ASP B 141 14.10 -1.18 36.25
CA ASP B 141 13.94 0.05 37.03
C ASP B 141 14.14 -0.14 38.55
N ARG B 142 13.69 -1.29 39.08
CA ARG B 142 13.74 -1.58 40.51
C ARG B 142 14.86 -2.48 41.00
N TYR B 143 15.28 -3.45 40.18
CA TYR B 143 16.25 -4.46 40.59
C TYR B 143 17.54 -4.50 39.83
N LEU B 144 18.57 -5.14 40.43
CA LEU B 144 19.91 -5.42 39.92
C LEU B 144 20.01 -6.95 39.90
N TYR B 145 20.45 -7.55 38.80
CA TYR B 145 20.48 -9.00 38.68
C TYR B 145 21.84 -9.51 38.36
N MET B 146 22.24 -10.57 39.05
CA MET B 146 23.54 -11.17 38.79
C MET B 146 23.36 -12.65 38.59
N VAL B 147 23.67 -13.15 37.39
CA VAL B 147 23.53 -14.55 37.03
C VAL B 147 24.87 -15.24 37.16
N MET B 148 24.99 -16.05 38.19
CA MET B 148 26.17 -16.79 38.63
C MET B 148 26.06 -18.29 38.40
N GLU B 149 27.19 -19.00 38.38
CA GLU B 149 27.16 -20.46 38.27
C GLU B 149 26.56 -21.04 39.53
N TYR B 150 25.61 -21.93 39.37
CA TYR B 150 24.98 -22.57 40.50
C TYR B 150 25.99 -23.53 41.14
N MET B 151 26.08 -23.51 42.46
CA MET B 151 26.97 -24.36 43.24
C MET B 151 26.11 -25.35 44.00
N PRO B 152 25.69 -26.45 43.36
CA PRO B 152 24.73 -27.37 43.98
C PRO B 152 25.15 -28.11 45.24
N GLY B 153 26.44 -28.06 45.59
CA GLY B 153 26.92 -28.73 46.78
C GLY B 153 26.67 -28.01 48.09
N GLY B 154 26.13 -26.80 48.02
CA GLY B 154 25.84 -26.02 49.22
C GLY B 154 27.10 -25.39 49.81
N ASP B 155 26.91 -24.54 50.83
CA ASP B 155 28.04 -23.86 51.45
C ASP B 155 28.71 -24.71 52.54
N LEU B 156 29.81 -24.20 53.15
CA LEU B 156 30.45 -24.93 54.21
C LEU B 156 29.76 -24.77 55.56
N VAL B 157 28.74 -23.88 55.69
CA VAL B 157 27.92 -23.80 56.90
C VAL B 157 27.12 -25.11 56.97
N ASN B 158 26.49 -25.47 55.83
CA ASN B 158 25.73 -26.68 55.62
C ASN B 158 26.62 -27.92 55.79
N LEU B 159 27.83 -27.90 55.21
CA LEU B 159 28.73 -29.05 55.31
C LEU B 159 29.11 -29.31 56.75
N MET B 160 29.54 -28.26 57.49
CA MET B 160 29.90 -28.41 58.90
C MET B 160 28.72 -28.79 59.80
N SER B 161 27.53 -28.24 59.52
CA SER B 161 26.36 -28.61 60.32
C SER B 161 25.85 -30.03 60.05
N ASN B 162 26.35 -30.71 58.99
CA ASN B 162 25.93 -32.07 58.67
C ASN B 162 27.05 -33.11 58.85
N TYR B 163 28.30 -32.67 59.04
CA TYR B 163 29.41 -33.59 59.18
C TYR B 163 30.38 -33.31 60.34
N ASP B 164 31.04 -34.38 60.82
CA ASP B 164 32.12 -34.34 61.79
C ASP B 164 33.33 -34.31 60.86
N VAL B 165 34.03 -33.18 60.78
CA VAL B 165 35.11 -33.02 59.81
C VAL B 165 36.50 -33.57 60.24
N PRO B 166 36.95 -34.67 59.62
CA PRO B 166 38.30 -35.18 59.91
C PRO B 166 39.41 -34.29 59.34
N GLU B 167 40.64 -34.47 59.82
CA GLU B 167 41.78 -33.68 59.36
C GLU B 167 42.09 -33.91 57.87
N LYS B 168 41.72 -35.08 57.28
CA LYS B 168 41.92 -35.29 55.84
C LYS B 168 41.04 -34.33 55.05
N TRP B 169 39.78 -34.19 55.48
CA TRP B 169 38.82 -33.29 54.87
C TRP B 169 39.24 -31.84 55.08
N ALA B 170 39.54 -31.46 56.33
CA ALA B 170 39.90 -30.09 56.62
C ALA B 170 41.18 -29.68 55.92
N LYS B 171 42.09 -30.62 55.66
CA LYS B 171 43.32 -30.32 54.94
C LYS B 171 42.96 -29.90 53.49
N PHE B 172 42.01 -30.62 52.88
CA PHE B 172 41.51 -30.37 51.53
C PHE B 172 40.81 -29.03 51.39
N TYR B 173 39.76 -28.76 52.20
CA TYR B 173 39.04 -27.50 52.11
C TYR B 173 39.91 -26.31 52.44
N THR B 174 40.84 -26.45 53.38
CA THR B 174 41.74 -25.36 53.70
C THR B 174 42.67 -25.10 52.51
N ALA B 175 43.18 -26.16 51.87
CA ALA B 175 44.05 -25.99 50.70
C ALA B 175 43.29 -25.31 49.55
N GLU B 176 42.04 -25.73 49.30
CA GLU B 176 41.24 -25.12 48.25
C GLU B 176 40.95 -23.63 48.57
N VAL B 177 40.57 -23.30 49.84
CA VAL B 177 40.40 -21.90 50.27
C VAL B 177 41.72 -21.11 50.08
N VAL B 178 42.84 -21.74 50.38
CA VAL B 178 44.16 -21.12 50.23
C VAL B 178 44.46 -20.80 48.76
N LEU B 179 44.11 -21.71 47.83
CA LEU B 179 44.32 -21.43 46.40
C LEU B 179 43.35 -20.39 45.84
N ALA B 180 42.11 -20.37 46.35
CA ALA B 180 41.10 -19.39 45.99
C ALA B 180 41.51 -18.01 46.45
N LEU B 181 42.06 -17.90 47.68
CA LEU B 181 42.53 -16.62 48.21
C LEU B 181 43.78 -16.13 47.51
N ASP B 182 44.65 -17.07 47.07
CA ASP B 182 45.83 -16.71 46.30
C ASP B 182 45.36 -16.03 44.98
N ALA B 183 44.41 -16.69 44.28
CA ALA B 183 43.81 -16.20 43.06
C ALA B 183 43.25 -14.78 43.24
N ILE B 184 42.47 -14.53 44.31
CA ILE B 184 41.85 -13.23 44.55
C ILE B 184 42.89 -12.14 44.84
N HIS B 185 43.92 -12.48 45.64
CA HIS B 185 44.97 -11.50 45.94
C HIS B 185 45.78 -11.17 44.71
N SER B 186 46.05 -12.18 43.86
CA SER B 186 46.77 -12.02 42.60
C SER B 186 46.03 -11.12 41.60
N MET B 187 44.70 -11.03 41.71
CA MET B 187 43.92 -10.12 40.88
C MET B 187 44.04 -8.64 41.36
N GLY B 188 44.69 -8.42 42.51
CA GLY B 188 44.81 -7.11 43.13
C GLY B 188 43.64 -6.85 44.06
N LEU B 189 43.03 -7.92 44.60
CA LEU B 189 41.86 -7.78 45.46
C LEU B 189 42.02 -8.42 46.84
N ILE B 190 41.21 -7.96 47.79
CA ILE B 190 41.12 -8.43 49.15
C ILE B 190 39.65 -8.79 49.38
N HIS B 191 39.37 -10.02 49.85
CA HIS B 191 38.00 -10.47 50.07
C HIS B 191 37.28 -9.71 51.17
N ARG B 192 37.92 -9.53 52.33
CA ARG B 192 37.40 -8.77 53.47
C ARG B 192 36.26 -9.45 54.21
N ASP B 193 35.77 -10.63 53.74
CA ASP B 193 34.69 -11.33 54.46
C ASP B 193 34.69 -12.84 54.17
N VAL B 194 35.85 -13.49 54.28
CA VAL B 194 35.95 -14.92 54.06
C VAL B 194 35.21 -15.64 55.20
N LYS B 195 34.19 -16.43 54.88
CA LYS B 195 33.42 -17.16 55.90
C LYS B 195 32.72 -18.34 55.24
N PRO B 196 32.32 -19.42 55.96
CA PRO B 196 31.68 -20.56 55.29
C PRO B 196 30.46 -20.24 54.41
N ASP B 197 29.76 -19.13 54.64
CA ASP B 197 28.64 -18.74 53.76
C ASP B 197 29.16 -18.46 52.35
N ASN B 198 30.36 -17.85 52.23
CA ASN B 198 31.04 -17.54 50.97
C ASN B 198 31.77 -18.74 50.36
N MET B 199 31.91 -19.84 51.10
CA MET B 199 32.62 -21.01 50.63
C MET B 199 31.60 -21.93 50.07
N LEU B 200 31.45 -21.95 48.73
CA LEU B 200 30.45 -22.76 48.03
C LEU B 200 31.06 -23.98 47.36
N LEU B 201 30.29 -25.07 47.30
CA LEU B 201 30.78 -26.31 46.73
C LEU B 201 30.11 -26.61 45.41
N ASP B 202 30.92 -26.91 44.38
CA ASP B 202 30.40 -27.11 43.03
C ASP B 202 29.70 -28.49 42.80
N LYS B 203 29.44 -28.87 41.53
CA LYS B 203 28.78 -30.12 41.15
C LYS B 203 29.53 -31.39 41.62
N HIS B 204 30.83 -31.27 41.91
CA HIS B 204 31.67 -32.37 42.36
C HIS B 204 32.21 -32.23 43.78
N GLY B 205 31.72 -31.25 44.54
CA GLY B 205 32.16 -31.04 45.92
C GLY B 205 33.48 -30.31 46.08
N HIS B 206 33.91 -29.55 45.05
CA HIS B 206 35.13 -28.74 45.09
C HIS B 206 34.78 -27.29 45.37
N LEU B 207 35.50 -26.69 46.32
CA LEU B 207 35.29 -25.34 46.81
C LEU B 207 35.58 -24.20 45.79
N LYS B 208 34.80 -23.14 45.90
CA LYS B 208 34.97 -21.87 45.20
C LYS B 208 34.59 -20.76 46.20
N LEU B 209 35.30 -19.64 46.16
CA LEU B 209 34.95 -18.51 47.00
C LEU B 209 33.98 -17.63 46.24
N ALA B 210 32.99 -17.12 46.93
CA ALA B 210 32.02 -16.22 46.35
C ALA B 210 32.21 -14.84 46.98
N ASP B 211 32.04 -13.78 46.19
CA ASP B 211 32.13 -12.41 46.70
C ASP B 211 30.69 -11.92 46.81
N PHE B 212 30.21 -11.59 48.01
CA PHE B 212 28.84 -11.09 48.15
C PHE B 212 28.80 -9.55 48.30
N GLY B 213 29.81 -8.85 47.79
CA GLY B 213 29.85 -7.40 47.87
C GLY B 213 30.98 -6.84 48.71
N THR B 214 31.83 -7.71 49.30
CA THR B 214 32.91 -7.25 50.16
C THR B 214 34.28 -7.08 49.48
N CYS B 215 34.53 -7.74 48.33
CA CYS B 215 35.84 -7.63 47.69
C CYS B 215 36.21 -6.22 47.35
N MET B 216 37.47 -5.86 47.58
CA MET B 216 37.94 -4.53 47.28
C MET B 216 39.30 -4.58 46.63
N LYS B 217 39.51 -3.66 45.67
CA LYS B 217 40.72 -3.46 44.91
C LYS B 217 41.73 -2.80 45.83
N MET B 218 42.94 -3.38 45.93
CA MET B 218 44.01 -2.81 46.75
C MET B 218 44.58 -1.59 46.07
N ASP B 219 44.91 -0.54 46.84
CA ASP B 219 45.51 0.66 46.25
C ASP B 219 47.01 0.41 45.89
N GLU B 220 47.74 1.43 45.42
CA GLU B 220 49.15 1.30 45.04
C GLU B 220 50.01 0.65 46.16
N THR B 221 49.63 0.90 47.43
CA THR B 221 50.31 0.39 48.64
C THR B 221 49.95 -1.09 48.97
N GLY B 222 48.84 -1.58 48.43
CA GLY B 222 48.34 -2.94 48.65
C GLY B 222 47.45 -3.07 49.87
N MET B 223 46.80 -1.97 50.28
CA MET B 223 45.96 -1.96 51.48
C MET B 223 44.62 -1.22 51.25
N VAL B 224 43.67 -1.29 52.20
CA VAL B 224 42.34 -0.67 52.09
C VAL B 224 41.96 0.08 53.40
N HIS B 225 40.87 0.88 53.42
CA HIS B 225 40.40 1.55 54.63
C HIS B 225 38.91 1.92 54.59
N ALA B 229 32.02 -3.29 56.51
CA ALA B 229 32.22 -4.50 55.71
C ALA B 229 32.06 -5.79 56.56
N VAL B 230 31.22 -5.73 57.62
CA VAL B 230 31.07 -6.81 58.59
C VAL B 230 29.61 -7.13 58.93
N GLY B 231 29.35 -8.41 59.21
CA GLY B 231 28.06 -8.92 59.67
C GLY B 231 28.36 -9.88 60.80
N THR B 232 28.44 -11.19 60.46
CA THR B 232 28.85 -12.25 61.40
C THR B 232 30.36 -11.96 61.68
N PRO B 233 30.72 -11.62 62.93
CA PRO B 233 32.10 -11.23 63.18
C PRO B 233 33.04 -12.38 63.42
N ASP B 234 32.55 -13.59 63.72
CA ASP B 234 33.39 -14.74 64.04
C ASP B 234 34.64 -14.92 63.19
N TYR B 235 34.61 -14.56 61.90
CA TYR B 235 35.76 -14.75 61.00
C TYR B 235 36.61 -13.50 60.70
N ILE B 236 36.25 -12.37 61.29
CA ILE B 236 36.94 -11.12 61.04
C ILE B 236 38.13 -10.94 61.98
N SER B 237 39.24 -10.38 61.40
CA SER B 237 40.52 -10.14 62.08
C SER B 237 40.46 -8.86 62.94
N PRO B 238 41.29 -8.80 64.00
CA PRO B 238 41.23 -7.65 64.88
C PRO B 238 41.56 -6.34 64.19
N GLU B 239 42.41 -6.37 63.15
CA GLU B 239 42.75 -5.13 62.46
C GLU B 239 41.55 -4.65 61.68
N VAL B 240 40.79 -5.57 61.04
CA VAL B 240 39.58 -5.21 60.32
C VAL B 240 38.55 -4.64 61.31
N LEU B 241 38.44 -5.22 62.51
CA LEU B 241 37.59 -4.75 63.60
C LEU B 241 37.97 -3.32 64.01
N LYS B 242 39.23 -3.08 64.39
CA LYS B 242 39.73 -1.78 64.84
C LYS B 242 39.77 -0.73 63.72
N SER B 243 39.65 -1.18 62.45
CA SER B 243 39.62 -0.25 61.33
C SER B 243 38.28 0.46 61.18
N GLN B 244 37.19 -0.19 61.62
CA GLN B 244 35.82 0.33 61.58
C GLN B 244 35.68 1.62 62.40
N GLY B 245 34.79 2.50 61.97
CA GLY B 245 34.59 3.78 62.65
C GLY B 245 35.66 4.79 62.26
N GLY B 246 36.88 4.58 62.75
CA GLY B 246 38.02 5.42 62.42
C GLY B 246 38.53 5.09 61.03
N ASP B 247 39.86 5.21 60.82
CA ASP B 247 40.40 4.88 59.51
C ASP B 247 41.67 4.10 59.60
N GLY B 248 41.49 2.80 59.74
CA GLY B 248 42.59 1.85 59.83
C GLY B 248 42.85 1.17 58.52
N PHE B 249 44.10 0.73 58.32
CA PHE B 249 44.54 0.06 57.10
C PHE B 249 44.59 -1.44 57.30
N TYR B 250 44.18 -2.20 56.29
CA TYR B 250 44.24 -3.65 56.34
C TYR B 250 44.63 -4.19 54.97
N GLY B 251 45.65 -5.05 54.95
CA GLY B 251 46.13 -5.66 53.72
C GLY B 251 45.53 -7.04 53.51
N ARG B 252 46.10 -7.81 52.58
CA ARG B 252 45.60 -9.15 52.25
C ARG B 252 45.70 -10.17 53.40
N GLU B 253 46.58 -9.90 54.38
CA GLU B 253 46.78 -10.78 55.51
C GLU B 253 45.52 -10.92 56.38
N CYS B 254 44.57 -9.97 56.29
CA CYS B 254 43.30 -10.07 57.02
C CYS B 254 42.47 -11.27 56.58
N ASP B 255 42.66 -11.71 55.31
CA ASP B 255 41.99 -12.88 54.75
C ASP B 255 42.61 -14.16 55.30
N TRP B 256 43.93 -14.17 55.58
CA TRP B 256 44.56 -15.37 56.13
C TRP B 256 44.13 -15.66 57.57
N TRP B 257 43.71 -14.63 58.33
CA TRP B 257 43.16 -14.85 59.66
C TRP B 257 41.87 -15.69 59.54
N SER B 258 41.00 -15.36 58.56
CA SER B 258 39.78 -16.11 58.29
C SER B 258 40.07 -17.55 57.98
N VAL B 259 41.20 -17.84 57.31
CA VAL B 259 41.58 -19.23 57.03
C VAL B 259 41.84 -20.00 58.32
N GLY B 260 42.52 -19.34 59.28
CA GLY B 260 42.80 -19.88 60.60
C GLY B 260 41.52 -20.11 61.39
N VAL B 261 40.59 -19.13 61.33
CA VAL B 261 39.28 -19.28 61.98
C VAL B 261 38.52 -20.46 61.37
N PHE B 262 38.63 -20.65 60.05
CA PHE B 262 37.98 -21.74 59.32
C PHE B 262 38.53 -23.07 59.75
N LEU B 263 39.87 -23.24 59.76
CA LEU B 263 40.49 -24.49 60.17
C LEU B 263 40.09 -24.88 61.57
N TYR B 264 39.96 -23.88 62.47
CA TYR B 264 39.53 -24.11 63.83
C TYR B 264 38.10 -24.59 63.89
N GLU B 265 37.15 -23.89 63.23
CA GLU B 265 35.76 -24.34 63.24
C GLU B 265 35.59 -25.73 62.64
N MET B 266 36.37 -26.07 61.62
CA MET B 266 36.27 -27.40 61.02
C MET B 266 36.65 -28.51 62.02
N LEU B 267 37.85 -28.39 62.61
CA LEU B 267 38.40 -29.40 63.48
C LEU B 267 37.81 -29.41 64.88
N VAL B 268 37.42 -28.25 65.39
CA VAL B 268 36.90 -28.15 66.74
C VAL B 268 35.38 -28.25 66.77
N GLY B 269 34.72 -27.63 65.81
CA GLY B 269 33.26 -27.68 65.75
C GLY B 269 32.61 -26.36 66.07
N ASP B 270 33.32 -25.51 66.84
CA ASP B 270 32.86 -24.18 67.22
C ASP B 270 33.89 -23.15 66.80
N THR B 271 33.48 -21.89 66.60
CA THR B 271 34.42 -20.82 66.24
C THR B 271 35.34 -20.53 67.43
N PRO B 272 36.61 -20.13 67.18
CA PRO B 272 37.54 -19.91 68.29
C PRO B 272 37.25 -18.73 69.19
N PHE B 273 36.41 -17.80 68.75
CA PHE B 273 36.06 -16.62 69.54
C PHE B 273 34.56 -16.53 69.74
N TYR B 274 33.87 -17.68 69.87
CA TYR B 274 32.43 -17.74 70.03
C TYR B 274 31.96 -17.10 71.33
N ALA B 275 30.78 -16.49 71.31
CA ALA B 275 30.13 -15.92 72.48
C ALA B 275 28.61 -15.81 72.23
N ASP B 276 27.81 -15.83 73.30
CA ASP B 276 26.36 -15.69 73.18
C ASP B 276 25.92 -14.31 72.70
N SER B 277 26.85 -13.35 72.58
CA SER B 277 26.55 -12.02 72.10
C SER B 277 27.52 -11.61 70.98
N LEU B 278 27.09 -10.65 70.18
CA LEU B 278 27.90 -10.14 69.10
C LEU B 278 29.05 -9.34 69.69
N VAL B 279 28.77 -8.53 70.72
CA VAL B 279 29.78 -7.75 71.44
C VAL B 279 30.84 -8.67 72.06
N GLY B 280 30.38 -9.80 72.61
CA GLY B 280 31.25 -10.84 73.15
C GLY B 280 32.24 -11.34 72.12
N THR B 281 31.77 -11.66 70.91
CA THR B 281 32.63 -12.13 69.84
C THR B 281 33.69 -11.06 69.43
N TYR B 282 33.31 -9.75 69.34
CA TYR B 282 34.27 -8.69 69.01
C TYR B 282 35.35 -8.64 70.08
N SER B 283 34.93 -8.72 71.35
CA SER B 283 35.84 -8.66 72.46
C SER B 283 36.82 -9.84 72.53
N LYS B 284 36.33 -11.09 72.32
CA LYS B 284 37.22 -12.25 72.30
C LYS B 284 38.24 -12.15 71.16
N ILE B 285 37.87 -11.49 70.05
CA ILE B 285 38.77 -11.33 68.92
C ILE B 285 39.83 -10.33 69.30
N MET B 286 39.45 -9.20 69.85
CA MET B 286 40.38 -8.17 70.29
C MET B 286 41.40 -8.72 71.30
N ASP B 287 40.94 -9.64 72.17
CA ASP B 287 41.74 -10.32 73.17
C ASP B 287 42.13 -11.72 72.66
N HIS B 288 42.45 -11.83 71.35
CA HIS B 288 42.73 -13.13 70.75
C HIS B 288 43.82 -13.89 71.47
N LYS B 289 44.89 -13.19 71.88
CA LYS B 289 46.06 -13.76 72.56
C LYS B 289 45.71 -14.52 73.80
N ASN B 290 44.65 -14.10 74.51
CA ASN B 290 44.24 -14.79 75.73
C ASN B 290 43.08 -15.72 75.48
N SER B 291 42.13 -15.32 74.62
CA SER B 291 40.91 -16.08 74.38
C SER B 291 41.03 -17.27 73.43
N LEU B 292 42.12 -17.36 72.63
CA LEU B 292 42.27 -18.50 71.74
C LEU B 292 42.60 -19.71 72.60
N CYS B 293 41.67 -20.67 72.73
CA CYS B 293 41.87 -21.83 73.61
C CYS B 293 41.36 -23.11 73.00
N PHE B 294 42.25 -24.03 72.65
CA PHE B 294 41.85 -25.31 72.10
C PHE B 294 41.37 -26.21 73.23
N PRO B 295 40.17 -26.81 73.12
CA PRO B 295 39.69 -27.70 74.19
C PRO B 295 40.54 -28.95 74.33
N GLU B 296 40.71 -29.47 75.57
CA GLU B 296 41.52 -30.66 75.82
C GLU B 296 40.88 -31.89 75.16
N ASP B 297 39.55 -32.00 75.31
CA ASP B 297 38.72 -33.09 74.75
C ASP B 297 38.80 -33.16 73.20
N ALA B 298 38.99 -32.01 72.54
CA ALA B 298 39.11 -31.95 71.08
C ALA B 298 40.52 -32.34 70.66
N GLU B 299 40.68 -33.54 70.10
CA GLU B 299 41.99 -34.02 69.68
C GLU B 299 42.40 -33.33 68.38
N ILE B 300 43.51 -32.56 68.42
CA ILE B 300 44.00 -31.82 67.26
C ILE B 300 45.49 -32.06 67.10
N SER B 301 45.96 -32.39 65.87
CA SER B 301 47.37 -32.63 65.63
C SER B 301 48.26 -31.42 65.94
N LYS B 302 49.55 -31.64 66.16
CA LYS B 302 50.46 -30.53 66.46
C LYS B 302 50.54 -29.54 65.31
N HIS B 303 50.55 -30.04 64.07
CA HIS B 303 50.62 -29.20 62.87
C HIS B 303 49.32 -28.43 62.64
N ALA B 304 48.16 -29.03 62.98
CA ALA B 304 46.88 -28.36 62.83
C ALA B 304 46.82 -27.18 63.79
N LYS B 305 47.19 -27.39 65.08
CA LYS B 305 47.24 -26.35 66.11
C LYS B 305 48.23 -25.26 65.68
N ASN B 306 49.40 -25.67 65.18
CA ASN B 306 50.43 -24.76 64.70
C ASN B 306 49.91 -23.84 63.60
N LEU B 307 49.23 -24.43 62.58
CA LEU B 307 48.71 -23.67 61.45
C LEU B 307 47.63 -22.70 61.88
N ILE B 308 46.68 -23.13 62.74
CA ILE B 308 45.65 -22.24 63.28
C ILE B 308 46.27 -21.03 63.98
N CYS B 309 47.32 -21.28 64.79
CA CYS B 309 48.02 -20.24 65.52
C CYS B 309 48.85 -19.35 64.65
N ALA B 310 49.45 -19.88 63.59
CA ALA B 310 50.26 -19.06 62.69
C ALA B 310 49.40 -18.02 61.96
N PHE B 311 48.09 -18.34 61.73
CA PHE B 311 47.13 -17.47 61.08
C PHE B 311 46.49 -16.55 62.11
N LEU B 312 46.11 -17.10 63.27
CA LEU B 312 45.47 -16.32 64.31
C LEU B 312 46.46 -15.58 65.25
N THR B 313 47.33 -14.73 64.68
CA THR B 313 48.28 -13.90 65.42
C THR B 313 48.31 -12.50 64.81
N ASP B 314 49.05 -11.54 65.42
CA ASP B 314 49.19 -10.17 64.94
C ASP B 314 49.62 -10.15 63.48
N ARG B 315 48.99 -9.27 62.70
CA ARG B 315 49.21 -9.11 61.28
C ARG B 315 50.66 -9.04 60.87
N GLU B 316 51.49 -8.36 61.67
CA GLU B 316 52.93 -8.17 61.48
C GLU B 316 53.66 -9.51 61.36
N VAL B 317 53.25 -10.50 62.17
CA VAL B 317 53.90 -11.79 62.20
C VAL B 317 53.01 -12.96 61.67
N ARG B 318 51.85 -12.64 61.05
CA ARG B 318 50.88 -13.64 60.54
C ARG B 318 51.32 -14.37 59.23
N LEU B 319 51.06 -15.69 59.18
CA LEU B 319 51.41 -16.54 58.04
C LEU B 319 50.72 -16.05 56.79
N GLY B 320 51.47 -15.95 55.71
CA GLY B 320 50.93 -15.43 54.45
C GLY B 320 51.35 -14.01 54.14
N ARG B 321 52.01 -13.34 55.08
CA ARG B 321 52.55 -11.98 54.92
C ARG B 321 53.57 -12.04 53.76
N ASN B 322 54.46 -13.05 53.79
CA ASN B 322 55.49 -13.29 52.79
C ASN B 322 55.07 -14.34 51.77
N GLY B 323 53.98 -14.05 51.07
CA GLY B 323 53.46 -14.93 50.02
C GLY B 323 52.78 -16.20 50.48
N VAL B 324 52.27 -16.97 49.50
CA VAL B 324 51.52 -18.21 49.68
C VAL B 324 52.42 -19.45 49.84
N GLU B 325 53.64 -19.39 49.30
CA GLU B 325 54.61 -20.48 49.36
C GLU B 325 54.82 -21.02 50.80
N GLU B 326 54.92 -20.13 51.82
CA GLU B 326 55.10 -20.57 53.21
C GLU B 326 53.85 -21.26 53.78
N ILE B 327 52.66 -20.92 53.27
CA ILE B 327 51.41 -21.56 53.66
C ILE B 327 51.37 -22.97 53.05
N ARG B 328 51.75 -23.08 51.75
CA ARG B 328 51.79 -24.38 51.08
C ARG B 328 52.82 -25.31 51.70
N GLN B 329 53.97 -24.72 52.09
CA GLN B 329 55.05 -25.48 52.72
C GLN B 329 54.75 -25.95 54.14
N HIS B 330 53.72 -25.39 54.79
CA HIS B 330 53.36 -25.81 56.15
C HIS B 330 53.10 -27.33 56.24
N PRO B 331 53.75 -27.98 57.22
CA PRO B 331 53.60 -29.44 57.36
C PRO B 331 52.20 -29.98 57.63
N PHE B 332 51.19 -29.13 57.89
CA PHE B 332 49.82 -29.62 58.04
C PHE B 332 49.32 -30.18 56.69
N PHE B 333 49.74 -29.55 55.57
CA PHE B 333 49.40 -29.93 54.20
C PHE B 333 50.22 -31.11 53.64
N LYS B 334 50.86 -31.90 54.50
CA LYS B 334 51.56 -33.09 54.04
C LYS B 334 50.47 -34.18 53.96
N ASN B 335 50.31 -34.82 52.78
CA ASN B 335 49.26 -35.81 52.60
C ASN B 335 49.55 -36.80 51.44
N ASP B 336 48.82 -37.92 51.41
CA ASP B 336 48.93 -38.94 50.37
C ASP B 336 47.85 -38.84 49.28
N GLN B 337 47.01 -37.77 49.29
CA GLN B 337 45.86 -37.71 48.39
C GLN B 337 45.92 -36.69 47.25
N TRP B 338 46.69 -35.63 47.40
CA TRP B 338 46.71 -34.58 46.39
C TRP B 338 47.97 -33.72 46.42
N HIS B 339 48.16 -32.93 45.37
CA HIS B 339 49.26 -32.00 45.19
C HIS B 339 48.71 -30.60 45.04
N TRP B 340 49.55 -29.57 45.30
CA TRP B 340 49.08 -28.20 45.12
C TRP B 340 48.73 -27.93 43.64
N ASP B 341 49.41 -28.63 42.70
CA ASP B 341 49.15 -28.43 41.27
C ASP B 341 48.00 -29.27 40.71
N ASN B 342 47.47 -30.25 41.47
CA ASN B 342 46.38 -31.08 40.93
C ASN B 342 45.18 -31.26 41.86
N ILE B 343 45.16 -30.62 43.02
CA ILE B 343 44.10 -30.75 44.02
C ILE B 343 42.67 -30.69 43.44
N ARG B 344 42.43 -29.80 42.47
CA ARG B 344 41.09 -29.64 41.92
C ARG B 344 40.62 -30.82 41.06
N GLU B 345 41.55 -31.64 40.56
CA GLU B 345 41.17 -32.82 39.81
C GLU B 345 41.33 -34.10 40.64
N THR B 346 41.38 -33.99 41.98
CA THR B 346 41.42 -35.17 42.87
C THR B 346 40.01 -35.37 43.46
N ALA B 347 39.76 -36.56 44.02
CA ALA B 347 38.46 -36.87 44.60
C ALA B 347 38.15 -35.94 45.76
N ALA B 348 36.98 -35.30 45.73
CA ALA B 348 36.57 -34.44 46.82
C ALA B 348 35.99 -35.33 47.93
N PRO B 349 36.25 -34.97 49.20
CA PRO B 349 35.82 -35.79 50.33
C PRO B 349 34.32 -35.93 50.52
N VAL B 350 33.54 -34.95 50.08
CA VAL B 350 32.09 -34.99 50.15
C VAL B 350 31.57 -34.79 48.74
N VAL B 351 31.09 -35.88 48.11
CA VAL B 351 30.58 -35.78 46.75
C VAL B 351 29.06 -35.70 46.78
N PRO B 352 28.49 -34.64 46.18
CA PRO B 352 27.03 -34.49 46.19
C PRO B 352 26.32 -35.50 45.27
N GLU B 353 25.11 -35.93 45.69
CA GLU B 353 24.28 -36.81 44.88
C GLU B 353 23.16 -35.93 44.37
N LEU B 354 23.23 -35.57 43.09
CA LEU B 354 22.26 -34.64 42.51
C LEU B 354 21.45 -35.28 41.40
N SER B 355 20.19 -35.65 41.72
CA SER B 355 19.28 -36.36 40.83
C SER B 355 18.79 -35.54 39.62
N SER B 356 18.73 -34.22 39.78
CA SER B 356 18.33 -33.33 38.69
C SER B 356 19.19 -32.06 38.71
N ASP B 357 19.13 -31.26 37.62
CA ASP B 357 19.90 -30.02 37.59
C ASP B 357 19.30 -28.90 38.49
N ILE B 358 18.11 -29.14 39.07
CA ILE B 358 17.48 -28.25 40.02
C ILE B 358 17.42 -28.87 41.42
N ASP B 359 18.22 -29.93 41.70
CA ASP B 359 18.32 -30.55 43.02
C ASP B 359 18.98 -29.52 43.93
N SER B 360 18.24 -29.04 44.93
CA SER B 360 18.77 -28.06 45.88
C SER B 360 18.77 -28.63 47.30
N SER B 361 19.07 -29.94 47.44
CA SER B 361 19.05 -30.64 48.71
C SER B 361 20.01 -30.05 49.71
N ASN B 362 21.19 -29.61 49.24
CA ASN B 362 22.19 -29.02 50.13
C ASN B 362 21.91 -27.57 50.50
N PHE B 363 20.68 -27.10 50.29
CA PHE B 363 20.30 -25.74 50.63
C PHE B 363 19.09 -25.78 51.51
N ASP B 364 19.10 -24.97 52.58
CA ASP B 364 17.96 -24.84 53.48
C ASP B 364 16.79 -24.21 52.71
N ASP B 365 15.57 -24.63 53.03
CA ASP B 365 14.38 -24.12 52.35
C ASP B 365 14.01 -22.73 52.87
N ILE B 366 13.66 -21.79 51.95
CA ILE B 366 13.35 -20.42 52.36
C ILE B 366 11.92 -20.01 51.96
N GLU B 367 11.11 -19.55 52.95
CA GLU B 367 9.72 -19.16 52.70
C GLU B 367 9.56 -17.78 52.01
N ASP B 368 9.46 -17.78 50.64
CA ASP B 368 9.32 -16.59 49.76
C ASP B 368 8.16 -15.64 50.13
N VAL B 373 8.42 -5.18 49.00
CA VAL B 373 9.64 -4.64 48.41
C VAL B 373 9.57 -3.12 48.20
N GLU B 374 10.44 -2.35 48.88
CA GLU B 374 10.44 -0.89 48.74
C GLU B 374 11.07 -0.39 47.42
N THR B 375 10.52 0.72 46.89
CA THR B 375 10.98 1.34 45.65
C THR B 375 11.34 2.85 45.83
N PHE B 376 11.94 3.48 44.79
CA PHE B 376 12.30 4.91 44.80
C PHE B 376 11.03 5.75 44.77
N PRO B 377 11.02 6.89 45.48
CA PRO B 377 9.84 7.75 45.43
C PRO B 377 9.83 8.65 44.19
N ILE B 378 8.67 8.84 43.53
CA ILE B 378 8.51 9.73 42.36
C ILE B 378 9.03 11.13 42.66
N PRO B 379 10.03 11.59 41.92
CA PRO B 379 10.62 12.90 42.22
C PRO B 379 9.86 14.08 41.62
N LYS B 380 10.17 15.28 42.14
CA LYS B 380 9.61 16.54 41.65
C LYS B 380 10.63 17.14 40.66
N ALA B 381 11.91 17.16 41.07
CA ALA B 381 13.02 17.64 40.27
C ALA B 381 13.90 16.43 39.83
N PHE B 382 14.83 16.63 38.88
CA PHE B 382 15.71 15.54 38.46
C PHE B 382 16.65 15.16 39.62
N VAL B 383 16.64 13.88 40.00
CA VAL B 383 17.49 13.38 41.08
C VAL B 383 18.50 12.29 40.64
N GLY B 384 18.29 11.71 39.45
CA GLY B 384 19.18 10.71 38.86
C GLY B 384 19.41 9.45 39.65
N ASN B 385 18.33 8.80 40.07
CA ASN B 385 18.44 7.58 40.86
C ASN B 385 19.03 6.40 40.12
N GLN B 386 18.90 6.38 38.79
CA GLN B 386 19.43 5.30 37.96
C GLN B 386 20.87 5.52 37.56
N LEU B 387 21.38 6.76 37.67
CA LEU B 387 22.77 7.08 37.31
C LEU B 387 23.84 6.21 37.95
N PRO B 388 23.73 5.78 39.24
CA PRO B 388 24.81 4.98 39.82
C PRO B 388 24.93 3.57 39.27
N PHE B 389 23.96 3.14 38.45
CA PHE B 389 23.97 1.77 37.92
C PHE B 389 24.37 1.66 36.44
N ILE B 390 24.83 2.78 35.82
CA ILE B 390 25.29 2.80 34.43
C ILE B 390 26.61 2.04 34.36
N GLY B 391 26.63 0.99 33.57
CA GLY B 391 27.79 0.12 33.45
C GLY B 391 27.63 -1.21 34.16
N PHE B 392 26.59 -1.34 34.99
CA PHE B 392 26.36 -2.57 35.72
C PHE B 392 26.10 -3.74 34.76
N THR B 393 25.32 -3.52 33.68
CA THR B 393 25.00 -4.57 32.69
C THR B 393 26.24 -5.20 32.10
N TYR B 394 26.32 -6.53 32.17
CA TYR B 394 27.45 -7.34 31.72
C TYR B 394 26.95 -8.45 30.80
N TYR B 395 27.54 -8.57 29.60
CA TYR B 395 27.20 -9.64 28.67
C TYR B 395 28.45 -10.22 28.04
N ARG B 396 28.56 -11.54 28.07
CA ARG B 396 29.68 -12.22 27.44
C ARG B 396 29.22 -13.51 26.74
N ALA C 3 -16.94 -24.07 -19.66
CA ALA C 3 -17.92 -23.90 -18.60
C ALA C 3 -17.34 -23.24 -17.32
N SER C 4 -16.01 -23.37 -17.12
CA SER C 4 -15.33 -22.73 -15.98
C SER C 4 -15.08 -21.25 -16.33
N ARG C 5 -14.65 -20.98 -17.58
CA ARG C 5 -14.46 -19.62 -18.07
C ARG C 5 -15.82 -18.94 -18.28
N GLN C 6 -16.87 -19.71 -18.64
CA GLN C 6 -18.23 -19.22 -18.81
C GLN C 6 -18.89 -18.85 -17.48
N ARG C 7 -18.48 -19.51 -16.38
CA ARG C 7 -18.98 -19.17 -15.05
C ARG C 7 -18.38 -17.81 -14.68
N LYS C 8 -17.05 -17.65 -14.88
CA LYS C 8 -16.30 -16.42 -14.63
C LYS C 8 -16.86 -15.22 -15.42
N LEU C 9 -17.26 -15.47 -16.69
CA LEU C 9 -17.81 -14.44 -17.57
C LEU C 9 -19.23 -14.09 -17.17
N GLU C 10 -20.07 -15.09 -16.87
CA GLU C 10 -21.45 -14.82 -16.42
C GLU C 10 -21.49 -14.16 -15.01
N ALA C 11 -20.34 -14.13 -14.28
CA ALA C 11 -20.21 -13.49 -12.99
C ALA C 11 -20.04 -11.97 -13.15
N LEU C 12 -19.18 -11.53 -14.10
CA LEU C 12 -18.98 -10.11 -14.38
C LEU C 12 -20.30 -9.46 -14.82
N ILE C 13 -21.03 -10.16 -15.70
CA ILE C 13 -22.32 -9.74 -16.24
C ILE C 13 -23.41 -9.64 -15.15
N ARG C 14 -23.27 -10.45 -14.11
CA ARG C 14 -24.20 -10.45 -12.98
C ARG C 14 -23.86 -9.33 -12.00
N ASP C 15 -22.58 -8.98 -11.84
CA ASP C 15 -22.15 -7.91 -10.95
C ASP C 15 -22.76 -6.57 -11.41
N PRO C 16 -23.64 -5.95 -10.59
CA PRO C 16 -24.23 -4.66 -11.01
C PRO C 16 -23.28 -3.48 -11.02
N ARG C 17 -22.15 -3.57 -10.30
CA ARG C 17 -21.14 -2.50 -10.31
C ARG C 17 -20.13 -2.68 -11.47
N SER C 18 -20.29 -3.72 -12.31
CA SER C 18 -19.41 -4.03 -13.42
C SER C 18 -19.67 -3.13 -14.61
N PRO C 19 -18.62 -2.77 -15.35
CA PRO C 19 -18.82 -1.90 -16.52
C PRO C 19 -19.75 -2.51 -17.57
N ILE C 20 -19.59 -3.82 -17.86
CA ILE C 20 -20.48 -4.50 -18.79
C ILE C 20 -21.33 -5.48 -17.98
N ASN C 21 -22.56 -5.08 -17.72
CA ASN C 21 -23.58 -5.83 -17.00
C ASN C 21 -24.87 -5.77 -17.81
N VAL C 22 -25.91 -6.50 -17.44
CA VAL C 22 -27.17 -6.54 -18.19
C VAL C 22 -27.71 -5.16 -18.62
N GLU C 23 -27.68 -4.16 -17.72
CA GLU C 23 -28.16 -2.80 -18.04
C GLU C 23 -27.32 -2.14 -19.12
N SER C 24 -25.97 -2.29 -19.03
CA SER C 24 -25.03 -1.75 -20.00
C SER C 24 -25.20 -2.41 -21.32
N LEU C 25 -25.34 -3.73 -21.35
CA LEU C 25 -25.49 -4.50 -22.57
C LEU C 25 -26.80 -4.14 -23.26
N LEU C 26 -27.87 -3.93 -22.47
CA LEU C 26 -29.15 -3.52 -23.03
C LEU C 26 -29.06 -2.11 -23.57
N ASP C 27 -28.33 -1.22 -22.87
CA ASP C 27 -28.07 0.16 -23.27
C ASP C 27 -27.32 0.21 -24.60
N GLY C 28 -26.34 -0.67 -24.77
CA GLY C 28 -25.57 -0.81 -26.00
C GLY C 28 -26.42 -1.20 -27.18
N LEU C 29 -27.29 -2.22 -27.02
CA LEU C 29 -28.18 -2.67 -28.09
C LEU C 29 -29.23 -1.60 -28.42
N ASN C 30 -29.80 -0.94 -27.39
CA ASN C 30 -30.79 0.12 -27.62
C ASN C 30 -30.17 1.33 -28.31
N SER C 31 -28.90 1.62 -28.01
CA SER C 31 -28.17 2.74 -28.62
C SER C 31 -27.86 2.42 -30.03
N LEU C 32 -27.38 1.21 -30.30
CA LEU C 32 -27.08 0.76 -31.65
C LEU C 32 -28.32 0.82 -32.55
N VAL C 33 -29.49 0.41 -32.03
CA VAL C 33 -30.72 0.47 -32.81
C VAL C 33 -31.12 1.92 -33.05
N LEU C 34 -31.07 2.77 -32.02
CA LEU C 34 -31.43 4.20 -32.14
C LEU C 34 -30.52 4.99 -33.09
N ASP C 35 -29.21 4.78 -33.00
CA ASP C 35 -28.23 5.45 -33.83
C ASP C 35 -28.22 5.00 -35.29
N LEU C 36 -28.85 3.87 -35.62
CA LEU C 36 -28.89 3.38 -36.99
C LEU C 36 -30.27 3.52 -37.64
N ASP C 37 -31.33 3.76 -36.86
CA ASP C 37 -32.68 3.84 -37.42
C ASP C 37 -32.98 5.18 -38.07
N PHE C 38 -32.24 5.49 -39.13
CA PHE C 38 -32.44 6.69 -39.92
C PHE C 38 -32.42 6.28 -41.38
N PRO C 39 -33.40 6.75 -42.18
CA PRO C 39 -33.50 6.32 -43.58
C PRO C 39 -32.24 6.48 -44.41
N ALA C 40 -31.46 7.54 -44.16
CA ALA C 40 -30.20 7.78 -44.88
C ALA C 40 -29.22 6.63 -44.64
N LEU C 41 -29.16 6.14 -43.39
CA LEU C 41 -28.30 5.05 -42.96
C LEU C 41 -28.82 3.71 -43.44
N ARG C 42 -30.15 3.54 -43.41
CA ARG C 42 -30.89 2.36 -43.83
C ARG C 42 -30.62 1.94 -45.29
N LYS C 43 -29.98 2.79 -46.10
CA LYS C 43 -29.62 2.46 -47.48
C LYS C 43 -28.58 1.31 -47.48
N ASN C 44 -27.69 1.29 -46.46
CA ASN C 44 -26.70 0.24 -46.24
C ASN C 44 -27.47 -1.05 -45.92
N LYS C 45 -27.20 -2.15 -46.63
CA LYS C 45 -27.94 -3.40 -46.40
C LYS C 45 -27.61 -4.03 -45.04
N ASN C 46 -26.35 -3.90 -44.59
CA ASN C 46 -25.91 -4.41 -43.28
C ASN C 46 -26.75 -3.80 -42.16
N ILE C 47 -26.92 -2.47 -42.20
CA ILE C 47 -27.71 -1.73 -41.23
C ILE C 47 -29.19 -2.04 -41.33
N ASP C 48 -29.75 -2.00 -42.54
CA ASP C 48 -31.17 -2.26 -42.74
C ASP C 48 -31.57 -3.67 -42.29
N ASN C 49 -30.74 -4.67 -42.58
CA ASN C 49 -31.03 -6.05 -42.19
C ASN C 49 -30.95 -6.25 -40.68
N PHE C 50 -29.90 -5.70 -40.01
CA PHE C 50 -29.74 -5.79 -38.57
C PHE C 50 -30.96 -5.17 -37.89
N LEU C 51 -31.34 -3.98 -38.34
CA LEU C 51 -32.49 -3.29 -37.80
C LEU C 51 -33.76 -4.07 -38.00
N ASN C 52 -33.91 -4.78 -39.13
CA ASN C 52 -35.11 -5.58 -39.37
C ASN C 52 -35.21 -6.76 -38.40
N ARG C 53 -34.10 -7.45 -38.19
CA ARG C 53 -34.05 -8.60 -37.30
C ARG C 53 -34.26 -8.23 -35.83
N TYR C 54 -33.64 -7.13 -35.35
CA TYR C 54 -33.75 -6.73 -33.95
C TYR C 54 -34.79 -5.66 -33.67
N GLU C 55 -35.55 -5.20 -34.67
CA GLU C 55 -36.54 -4.14 -34.47
C GLU C 55 -37.61 -4.56 -33.49
N LYS C 56 -38.31 -5.68 -33.76
CA LYS C 56 -39.39 -6.17 -32.93
C LYS C 56 -38.96 -6.53 -31.50
N ILE C 57 -37.83 -7.22 -31.35
CA ILE C 57 -37.36 -7.62 -30.03
C ILE C 57 -36.93 -6.40 -29.19
N VAL C 58 -36.23 -5.42 -29.79
CA VAL C 58 -35.83 -4.20 -29.08
C VAL C 58 -37.07 -3.44 -28.56
N LYS C 59 -38.20 -3.51 -29.30
CA LYS C 59 -39.46 -2.90 -28.87
C LYS C 59 -40.01 -3.65 -27.65
N LYS C 60 -40.05 -5.00 -27.69
CA LYS C 60 -40.52 -5.84 -26.59
C LYS C 60 -39.69 -5.60 -25.30
N ILE C 61 -38.36 -5.53 -25.44
CA ILE C 61 -37.42 -5.28 -24.35
C ILE C 61 -37.67 -3.90 -23.76
N ARG C 62 -37.85 -2.87 -24.61
CA ARG C 62 -38.11 -1.51 -24.15
C ARG C 62 -39.39 -1.37 -23.32
N GLY C 63 -40.35 -2.27 -23.54
CA GLY C 63 -41.60 -2.25 -22.79
C GLY C 63 -41.46 -2.88 -21.42
N LEU C 64 -40.56 -3.87 -21.26
CA LEU C 64 -40.37 -4.53 -19.98
C LEU C 64 -39.51 -3.66 -19.04
N GLN C 65 -38.47 -3.04 -19.61
CA GLN C 65 -37.54 -2.17 -18.90
C GLN C 65 -38.25 -0.97 -18.31
N MET C 66 -37.69 -0.37 -17.25
CA MET C 66 -38.29 0.80 -16.66
C MET C 66 -38.31 1.97 -17.64
N LYS C 67 -39.47 2.61 -17.77
CA LYS C 67 -39.64 3.72 -18.70
C LYS C 67 -40.41 4.86 -18.06
N ALA C 68 -40.39 6.04 -18.69
CA ALA C 68 -41.06 7.22 -18.17
C ALA C 68 -42.54 7.00 -17.94
N GLU C 69 -43.18 6.17 -18.79
CA GLU C 69 -44.61 5.86 -18.73
C GLU C 69 -44.98 5.09 -17.46
N ASP C 70 -44.01 4.36 -16.86
CA ASP C 70 -44.22 3.63 -15.59
C ASP C 70 -44.49 4.61 -14.41
N TYR C 71 -44.40 5.94 -14.63
CA TYR C 71 -44.56 6.97 -13.62
C TYR C 71 -45.70 7.92 -13.97
N ASP C 72 -46.30 8.46 -12.94
CA ASP C 72 -47.38 9.40 -13.06
C ASP C 72 -46.83 10.76 -12.69
N VAL C 73 -46.87 11.75 -13.59
CA VAL C 73 -46.34 13.07 -13.29
C VAL C 73 -47.31 13.94 -12.49
N VAL C 74 -47.04 14.10 -11.20
CA VAL C 74 -47.86 14.92 -10.32
C VAL C 74 -47.70 16.40 -10.65
N LYS C 75 -46.47 16.92 -10.65
CA LYS C 75 -46.20 18.34 -10.97
C LYS C 75 -44.72 18.66 -11.06
N VAL C 76 -44.36 19.74 -11.79
CA VAL C 76 -42.97 20.15 -11.91
C VAL C 76 -42.59 20.91 -10.65
N ILE C 77 -41.58 20.43 -9.92
CA ILE C 77 -41.18 21.08 -8.69
C ILE C 77 -39.88 21.94 -8.85
N GLY C 78 -39.10 21.64 -9.88
CA GLY C 78 -37.87 22.35 -10.22
C GLY C 78 -37.65 22.40 -11.72
N ARG C 79 -37.03 23.47 -12.23
CA ARG C 79 -36.72 23.57 -13.66
C ARG C 79 -35.40 24.31 -13.87
N GLY C 80 -34.72 23.98 -14.96
CA GLY C 80 -33.42 24.57 -15.30
C GLY C 80 -33.06 24.50 -16.76
N ALA C 81 -31.78 24.82 -17.07
CA ALA C 81 -31.25 24.80 -18.45
C ALA C 81 -31.19 23.35 -19.00
N PHE C 82 -30.73 22.45 -18.14
CA PHE C 82 -30.54 21.00 -18.28
C PHE C 82 -31.88 20.29 -18.65
N GLY C 83 -32.86 20.50 -17.77
CA GLY C 83 -34.20 19.96 -17.80
C GLY C 83 -34.94 20.31 -16.51
N GLU C 84 -35.92 19.50 -16.15
CA GLU C 84 -36.74 19.76 -14.97
C GLU C 84 -36.72 18.62 -13.97
N VAL C 85 -37.35 18.82 -12.81
CA VAL C 85 -37.51 17.83 -11.76
C VAL C 85 -39.02 17.72 -11.52
N GLN C 86 -39.56 16.50 -11.65
CA GLN C 86 -40.97 16.28 -11.48
C GLN C 86 -41.25 15.46 -10.26
N LEU C 87 -42.32 15.81 -9.58
CA LEU C 87 -42.83 15.04 -8.47
C LEU C 87 -43.62 13.94 -9.17
N VAL C 88 -43.18 12.69 -9.05
CA VAL C 88 -43.81 11.60 -9.73
C VAL C 88 -44.28 10.52 -8.77
N ARG C 89 -45.16 9.65 -9.23
CA ARG C 89 -45.57 8.51 -8.45
C ARG C 89 -45.39 7.29 -9.33
N HIS C 90 -44.70 6.26 -8.82
CA HIS C 90 -44.57 5.01 -9.56
C HIS C 90 -45.98 4.38 -9.58
N LYS C 91 -46.53 4.13 -10.78
CA LYS C 91 -47.87 3.60 -10.92
C LYS C 91 -48.10 2.28 -10.16
N ALA C 92 -47.20 1.32 -10.32
CA ALA C 92 -47.35 0.01 -9.68
C ALA C 92 -47.16 0.01 -8.16
N SER C 93 -46.05 0.58 -7.68
CA SER C 93 -45.78 0.59 -6.25
C SER C 93 -46.52 1.70 -5.50
N GLN C 94 -47.06 2.68 -6.21
CA GLN C 94 -47.78 3.83 -5.63
C GLN C 94 -46.91 4.73 -4.75
N LYS C 95 -45.58 4.55 -4.78
CA LYS C 95 -44.63 5.35 -4.01
C LYS C 95 -44.24 6.59 -4.81
N VAL C 96 -44.11 7.72 -4.10
CA VAL C 96 -43.75 9.00 -4.69
C VAL C 96 -42.23 9.20 -4.69
N TYR C 97 -41.71 9.74 -5.79
CA TYR C 97 -40.29 10.02 -5.99
C TYR C 97 -40.11 11.42 -6.63
N ALA C 98 -38.85 11.89 -6.72
CA ALA C 98 -38.52 13.11 -7.45
C ALA C 98 -37.75 12.63 -8.67
N MET C 99 -38.17 13.01 -9.88
CA MET C 99 -37.51 12.54 -11.09
C MET C 99 -36.90 13.66 -11.92
N LYS C 100 -35.55 13.70 -12.03
CA LYS C 100 -34.91 14.72 -12.87
C LYS C 100 -34.84 14.22 -14.30
N LEU C 101 -35.21 15.08 -15.23
CA LEU C 101 -35.16 14.81 -16.65
C LEU C 101 -34.06 15.68 -17.22
N LEU C 102 -33.07 15.07 -17.86
CA LEU C 102 -31.98 15.80 -18.51
C LEU C 102 -32.14 15.60 -20.00
N SER C 103 -31.99 16.65 -20.79
CA SER C 103 -32.05 16.55 -22.23
C SER C 103 -30.74 15.87 -22.68
N LYS C 104 -30.81 14.79 -23.46
CA LYS C 104 -29.60 14.12 -23.94
C LYS C 104 -28.81 15.07 -24.85
N PHE C 105 -29.54 15.87 -25.69
CA PHE C 105 -29.02 16.86 -26.63
C PHE C 105 -28.25 17.95 -25.89
N GLU C 106 -28.86 18.56 -24.85
CA GLU C 106 -28.18 19.61 -24.07
C GLU C 106 -26.98 19.03 -23.34
N MET C 107 -27.13 17.81 -22.79
CA MET C 107 -26.09 17.11 -22.06
C MET C 107 -24.81 16.92 -22.88
N ILE C 108 -24.97 16.50 -24.14
CA ILE C 108 -23.85 16.24 -25.04
C ILE C 108 -23.05 17.54 -25.33
N LYS C 109 -23.72 18.71 -25.27
CA LYS C 109 -23.10 20.01 -25.50
C LYS C 109 -22.23 20.47 -24.31
N ARG C 110 -22.48 19.95 -23.10
CA ARG C 110 -21.66 20.30 -21.95
C ARG C 110 -20.66 19.18 -21.69
N SER C 111 -19.83 18.86 -22.70
CA SER C 111 -18.83 17.78 -22.55
C SER C 111 -17.63 18.24 -21.71
N SER C 113 -20.76 15.50 -19.90
CA SER C 113 -19.36 15.04 -19.95
C SER C 113 -19.24 13.56 -20.43
N ALA C 114 -18.02 13.01 -20.50
CA ALA C 114 -17.84 11.61 -20.90
C ALA C 114 -17.81 10.73 -19.63
N PHE C 115 -18.83 9.82 -19.48
CA PHE C 115 -19.02 8.97 -18.29
C PHE C 115 -19.19 9.88 -17.06
N PHE C 116 -20.19 10.77 -17.15
CA PHE C 116 -20.50 11.76 -16.12
C PHE C 116 -21.18 11.22 -14.86
N TRP C 117 -21.76 10.03 -14.96
CA TRP C 117 -22.46 9.40 -13.84
C TRP C 117 -21.54 8.58 -12.95
N GLU C 118 -20.21 8.71 -13.09
CA GLU C 118 -19.25 7.99 -12.28
C GLU C 118 -19.41 8.29 -10.79
N GLU C 119 -19.50 9.58 -10.46
CA GLU C 119 -19.68 10.05 -9.09
C GLU C 119 -21.09 9.74 -8.58
N ARG C 120 -22.13 9.87 -9.44
CA ARG C 120 -23.51 9.50 -9.11
C ARG C 120 -23.55 8.03 -8.64
N ASP C 121 -22.75 7.16 -9.31
CA ASP C 121 -22.69 5.74 -8.99
C ASP C 121 -22.01 5.51 -7.65
N ILE C 122 -20.89 6.21 -7.39
CA ILE C 122 -20.15 6.15 -6.13
C ILE C 122 -21.05 6.55 -4.98
N MET C 123 -21.79 7.62 -5.16
CA MET C 123 -22.66 8.14 -4.12
C MET C 123 -23.83 7.24 -3.84
N ALA C 124 -24.40 6.63 -4.91
CA ALA C 124 -25.53 5.71 -4.82
C ALA C 124 -25.13 4.46 -4.04
N PHE C 125 -23.92 3.95 -4.29
CA PHE C 125 -23.43 2.77 -3.60
C PHE C 125 -23.13 3.08 -2.14
N ALA C 126 -22.52 4.27 -1.87
CA ALA C 126 -22.17 4.66 -0.51
C ALA C 126 -23.39 4.73 0.41
N ASN C 127 -24.56 5.09 -0.16
CA ASN C 127 -25.84 5.13 0.54
C ASN C 127 -25.77 5.90 1.86
N SER C 128 -25.29 7.15 1.81
CA SER C 128 -25.20 7.97 3.02
C SER C 128 -26.56 8.57 3.38
N PRO C 129 -26.92 8.55 4.67
CA PRO C 129 -28.19 9.20 5.07
C PRO C 129 -28.15 10.73 4.90
N TRP C 130 -26.99 11.30 4.53
CA TRP C 130 -26.80 12.73 4.32
C TRP C 130 -26.83 13.16 2.87
N VAL C 131 -27.00 12.23 1.92
CA VAL C 131 -26.99 12.55 0.51
C VAL C 131 -28.27 11.98 -0.10
N VAL C 132 -29.02 12.82 -0.86
CA VAL C 132 -30.27 12.46 -1.55
C VAL C 132 -30.05 11.20 -2.39
N GLN C 133 -30.83 10.12 -2.13
CA GLN C 133 -30.63 8.79 -2.69
C GLN C 133 -31.11 8.59 -4.10
N LEU C 134 -30.33 7.85 -4.92
CA LEU C 134 -30.70 7.50 -6.28
C LEU C 134 -31.29 6.11 -6.20
N PHE C 135 -32.49 5.93 -6.72
CA PHE C 135 -33.15 4.64 -6.72
C PHE C 135 -32.97 3.94 -8.06
N TYR C 136 -33.27 4.67 -9.16
CA TYR C 136 -33.18 4.16 -10.51
C TYR C 136 -32.75 5.26 -11.45
N ALA C 137 -32.14 4.87 -12.54
CA ALA C 137 -31.82 5.77 -13.62
C ALA C 137 -32.16 5.01 -14.91
N PHE C 138 -32.76 5.71 -15.88
CA PHE C 138 -33.11 5.13 -17.18
C PHE C 138 -32.98 6.20 -18.28
N GLN C 139 -33.27 5.85 -19.54
CA GLN C 139 -33.16 6.80 -20.63
C GLN C 139 -34.04 6.42 -21.80
N ASP C 140 -34.47 7.42 -22.56
CA ASP C 140 -35.17 7.20 -23.82
C ASP C 140 -34.40 7.94 -24.93
N ASP C 141 -34.88 7.95 -26.19
CA ASP C 141 -34.13 8.60 -27.29
C ASP C 141 -33.75 10.06 -26.99
N ARG C 142 -34.63 10.80 -26.32
CA ARG C 142 -34.38 12.21 -26.06
C ARG C 142 -33.91 12.58 -24.66
N TYR C 143 -34.36 11.83 -23.65
CA TYR C 143 -34.09 12.17 -22.26
C TYR C 143 -33.27 11.17 -21.46
N LEU C 144 -32.75 11.66 -20.32
CA LEU C 144 -31.98 10.95 -19.28
C LEU C 144 -32.85 11.13 -18.02
N TYR C 145 -33.11 10.04 -17.28
CA TYR C 145 -34.00 10.11 -16.11
C TYR C 145 -33.32 9.65 -14.87
N MET C 146 -33.51 10.40 -13.80
CA MET C 146 -32.94 10.03 -12.53
C MET C 146 -34.02 10.08 -11.48
N VAL C 147 -34.36 8.90 -10.90
CA VAL C 147 -35.39 8.73 -9.88
C VAL C 147 -34.75 8.76 -8.50
N MET C 148 -34.94 9.88 -7.82
CA MET C 148 -34.38 10.23 -6.52
C MET C 148 -35.42 10.24 -5.42
N GLU C 149 -34.99 10.14 -4.16
CA GLU C 149 -35.91 10.25 -3.05
C GLU C 149 -36.46 11.66 -2.99
N TYR C 150 -37.76 11.78 -2.86
CA TYR C 150 -38.42 13.08 -2.79
C TYR C 150 -38.11 13.69 -1.43
N MET C 151 -37.76 14.97 -1.42
CA MET C 151 -37.41 15.72 -0.20
C MET C 151 -38.51 16.76 -0.02
N PRO C 152 -39.63 16.35 0.61
CA PRO C 152 -40.79 17.24 0.72
C PRO C 152 -40.63 18.50 1.54
N GLY C 153 -39.56 18.63 2.30
CA GLY C 153 -39.34 19.82 3.10
C GLY C 153 -38.83 21.04 2.33
N GLY C 154 -38.52 20.84 1.04
CA GLY C 154 -37.99 21.90 0.19
C GLY C 154 -36.51 22.17 0.41
N ASP C 155 -35.96 23.16 -0.30
CA ASP C 155 -34.54 23.50 -0.14
C ASP C 155 -34.32 24.60 0.91
N LEU C 156 -33.05 24.94 1.20
CA LEU C 156 -32.78 25.99 2.16
C LEU C 156 -32.93 27.39 1.58
N VAL C 157 -33.14 27.54 0.24
CA VAL C 157 -33.45 28.85 -0.35
C VAL C 157 -34.86 29.22 0.19
N ASN C 158 -35.80 28.25 0.09
CA ASN C 158 -37.18 28.33 0.54
C ASN C 158 -37.25 28.54 2.04
N LEU C 159 -36.48 27.77 2.84
CA LEU C 159 -36.51 27.95 4.30
C LEU C 159 -36.07 29.35 4.67
N MET C 160 -34.95 29.81 4.07
CA MET C 160 -34.37 31.13 4.33
C MET C 160 -35.38 32.24 3.96
N SER C 161 -36.03 32.11 2.80
CA SER C 161 -37.00 33.12 2.37
C SER C 161 -38.32 33.12 3.16
N ASN C 162 -38.55 32.09 3.99
CA ASN C 162 -39.78 32.01 4.80
C ASN C 162 -39.54 32.14 6.29
N TYR C 163 -38.27 32.09 6.75
CA TYR C 163 -37.97 32.17 8.17
C TYR C 163 -36.78 33.08 8.48
N ASP C 164 -36.82 33.65 9.70
CA ASP C 164 -35.75 34.43 10.30
C ASP C 164 -35.03 33.33 11.09
N VAL C 165 -33.83 32.96 10.67
CA VAL C 165 -33.12 31.84 11.25
C VAL C 165 -32.32 32.17 12.56
N PRO C 166 -32.79 31.66 13.71
CA PRO C 166 -32.02 31.84 14.95
C PRO C 166 -30.75 31.00 14.97
N GLU C 167 -29.82 31.31 15.89
CA GLU C 167 -28.55 30.59 16.00
C GLU C 167 -28.74 29.13 16.36
N LYS C 168 -29.86 28.76 17.04
CA LYS C 168 -30.09 27.34 17.36
C LYS C 168 -30.33 26.57 16.05
N TRP C 169 -31.11 27.16 15.15
CA TRP C 169 -31.42 26.58 13.86
C TRP C 169 -30.18 26.53 12.96
N ALA C 170 -29.54 27.69 12.72
CA ALA C 170 -28.35 27.80 11.89
C ALA C 170 -27.23 26.83 12.35
N LYS C 171 -27.13 26.58 13.68
CA LYS C 171 -26.18 25.66 14.28
C LYS C 171 -26.44 24.22 13.79
N PHE C 172 -27.72 23.82 13.82
CA PHE C 172 -28.20 22.52 13.37
C PHE C 172 -27.95 22.25 11.86
N TYR C 173 -28.42 23.17 10.97
CA TYR C 173 -28.24 22.99 9.54
C TYR C 173 -26.80 23.02 9.16
N THR C 174 -25.97 23.84 9.83
CA THR C 174 -24.54 23.87 9.53
C THR C 174 -23.91 22.52 9.93
N ALA C 175 -24.30 21.98 11.11
CA ALA C 175 -23.75 20.70 11.53
C ALA C 175 -24.14 19.57 10.55
N GLU C 176 -25.40 19.55 10.11
CA GLU C 176 -25.85 18.55 9.16
C GLU C 176 -25.10 18.69 7.81
N VAL C 177 -24.93 19.93 7.29
CA VAL C 177 -24.14 20.18 6.08
C VAL C 177 -22.69 19.70 6.31
N VAL C 178 -22.14 19.93 7.50
CA VAL C 178 -20.79 19.52 7.84
C VAL C 178 -20.66 17.99 7.79
N LEU C 179 -21.66 17.26 8.31
CA LEU C 179 -21.60 15.79 8.27
C LEU C 179 -21.81 15.22 6.87
N ALA C 180 -22.65 15.89 6.07
CA ALA C 180 -22.91 15.53 4.68
C ALA C 180 -21.66 15.72 3.86
N LEU C 181 -20.91 16.82 4.10
CA LEU C 181 -19.67 17.11 3.39
C LEU C 181 -18.56 16.17 3.81
N ASP C 182 -18.56 15.74 5.09
CA ASP C 182 -17.59 14.76 5.56
C ASP C 182 -17.83 13.43 4.78
N ALA C 183 -19.09 13.00 4.71
CA ALA C 183 -19.49 11.82 3.96
C ALA C 183 -19.05 11.85 2.50
N ILE C 184 -19.27 12.98 1.79
CA ILE C 184 -18.90 13.12 0.39
C ILE C 184 -17.39 13.09 0.19
N HIS C 185 -16.65 13.77 1.08
CA HIS C 185 -15.18 13.77 0.99
C HIS C 185 -14.62 12.36 1.26
N SER C 186 -15.22 11.64 2.23
CA SER C 186 -14.83 10.27 2.58
C SER C 186 -15.08 9.27 1.43
N MET C 187 -15.99 9.59 0.51
CA MET C 187 -16.21 8.76 -0.68
C MET C 187 -15.12 8.99 -1.73
N GLY C 188 -14.24 9.97 -1.53
CA GLY C 188 -13.21 10.38 -2.48
C GLY C 188 -13.76 11.43 -3.43
N LEU C 189 -14.76 12.23 -2.98
CA LEU C 189 -15.39 13.22 -3.83
C LEU C 189 -15.36 14.63 -3.26
N ILE C 190 -15.49 15.62 -4.15
CA ILE C 190 -15.57 17.05 -3.84
C ILE C 190 -16.87 17.55 -4.50
N HIS C 191 -17.76 18.20 -3.72
CA HIS C 191 -19.04 18.67 -4.23
C HIS C 191 -18.88 19.75 -5.29
N ARG C 192 -18.04 20.76 -5.03
CA ARG C 192 -17.76 21.86 -5.95
C ARG C 192 -18.88 22.86 -6.15
N ASP C 193 -20.07 22.65 -5.57
CA ASP C 193 -21.18 23.60 -5.72
C ASP C 193 -22.14 23.57 -4.55
N VAL C 194 -21.60 23.61 -3.32
CA VAL C 194 -22.45 23.61 -2.14
C VAL C 194 -23.17 24.94 -2.04
N LYS C 195 -24.50 24.93 -2.08
CA LYS C 195 -25.35 26.13 -1.98
C LYS C 195 -26.75 25.70 -1.50
N PRO C 196 -27.60 26.63 -0.99
CA PRO C 196 -28.93 26.21 -0.49
C PRO C 196 -29.86 25.49 -1.48
N ASP C 197 -29.66 25.65 -2.78
CA ASP C 197 -30.46 24.91 -3.78
C ASP C 197 -30.18 23.42 -3.66
N ASN C 198 -28.92 23.04 -3.37
CA ASN C 198 -28.49 21.66 -3.16
C ASN C 198 -28.80 21.11 -1.74
N MET C 199 -29.18 21.98 -0.80
CA MET C 199 -29.47 21.58 0.56
C MET C 199 -30.96 21.32 0.63
N LEU C 200 -31.35 20.04 0.56
CA LEU C 200 -32.76 19.64 0.58
C LEU C 200 -33.16 19.05 1.94
N LEU C 201 -34.43 19.27 2.32
CA LEU C 201 -34.93 18.82 3.61
C LEU C 201 -35.90 17.66 3.43
N ASP C 202 -35.67 16.56 4.19
CA ASP C 202 -36.48 15.34 4.05
C ASP C 202 -37.91 15.43 4.72
N LYS C 203 -38.62 14.27 4.85
CA LYS C 203 -39.96 14.19 5.43
C LYS C 203 -40.03 14.70 6.89
N HIS C 204 -38.88 14.75 7.58
CA HIS C 204 -38.78 15.20 8.96
C HIS C 204 -37.99 16.48 9.18
N GLY C 205 -37.64 17.17 8.11
CA GLY C 205 -36.90 18.42 8.19
C GLY C 205 -35.39 18.29 8.39
N HIS C 206 -34.83 17.10 8.09
CA HIS C 206 -33.40 16.84 8.21
C HIS C 206 -32.74 16.97 6.85
N LEU C 207 -31.61 17.71 6.82
CA LEU C 207 -30.85 18.04 5.63
C LEU C 207 -30.15 16.85 4.96
N LYS C 208 -30.08 16.92 3.63
CA LYS C 208 -29.34 16.02 2.76
C LYS C 208 -28.74 16.90 1.63
N LEU C 209 -27.51 16.60 1.23
CA LEU C 209 -26.91 17.31 0.12
C LEU C 209 -27.28 16.58 -1.18
N ALA C 210 -27.57 17.35 -2.20
CA ALA C 210 -27.92 16.81 -3.50
C ALA C 210 -26.80 17.20 -4.45
N ASP C 211 -26.42 16.30 -5.36
CA ASP C 211 -25.40 16.58 -6.35
C ASP C 211 -26.17 16.85 -7.63
N PHE C 212 -26.09 18.04 -8.21
CA PHE C 212 -26.80 18.32 -9.47
C PHE C 212 -25.85 18.27 -10.66
N GLY C 213 -24.76 17.52 -10.57
CA GLY C 213 -23.82 17.36 -11.67
C GLY C 213 -22.42 17.90 -11.42
N THR C 214 -22.19 18.48 -10.23
CA THR C 214 -20.89 19.08 -9.93
C THR C 214 -19.91 18.19 -9.21
N CYS C 215 -20.35 17.12 -8.52
CA CYS C 215 -19.41 16.26 -7.77
C CYS C 215 -18.34 15.67 -8.62
N MET C 216 -17.12 15.67 -8.11
CA MET C 216 -16.00 15.14 -8.85
C MET C 216 -15.11 14.30 -7.98
N LYS C 217 -14.55 13.23 -8.55
CA LYS C 217 -13.65 12.27 -7.93
C LYS C 217 -12.28 12.91 -7.75
N MET C 218 -11.72 12.88 -6.54
CA MET C 218 -10.39 13.45 -6.28
C MET C 218 -9.32 12.53 -6.83
N ASP C 219 -8.23 13.11 -7.37
CA ASP C 219 -7.12 12.29 -7.85
C ASP C 219 -6.28 11.74 -6.68
N GLU C 220 -5.17 11.01 -6.97
CA GLU C 220 -4.30 10.43 -5.94
C GLU C 220 -3.87 11.45 -4.87
N THR C 221 -3.69 12.73 -5.29
CA THR C 221 -3.25 13.86 -4.44
C THR C 221 -4.40 14.47 -3.60
N GLY C 222 -5.66 14.19 -3.97
CA GLY C 222 -6.85 14.69 -3.30
C GLY C 222 -7.33 16.02 -3.85
N MET C 223 -7.16 16.18 -5.19
CA MET C 223 -7.45 17.39 -5.95
C MET C 223 -8.33 17.14 -7.19
N VAL C 224 -9.01 18.18 -7.69
CA VAL C 224 -9.86 18.16 -8.91
C VAL C 224 -9.54 19.43 -9.78
N HIS C 225 -10.27 19.66 -10.93
CA HIS C 225 -10.05 20.87 -11.75
C HIS C 225 -11.14 21.12 -12.85
N CYS C 226 -11.09 22.33 -13.50
CA CYS C 226 -11.97 22.79 -14.60
C CYS C 226 -11.47 24.13 -15.20
N GLY C 231 -20.66 27.20 -10.24
CA GLY C 231 -21.79 27.63 -11.06
C GLY C 231 -22.36 29.01 -10.72
N THR C 232 -23.33 29.07 -9.76
CA THR C 232 -23.89 30.35 -9.31
C THR C 232 -22.85 30.95 -8.34
N PRO C 233 -22.48 32.22 -8.55
CA PRO C 233 -21.31 32.78 -7.88
C PRO C 233 -21.26 32.99 -6.37
N ASP C 234 -22.32 33.43 -5.73
CA ASP C 234 -22.31 33.77 -4.31
C ASP C 234 -21.61 32.78 -3.34
N TYR C 235 -21.69 31.48 -3.62
CA TYR C 235 -21.12 30.44 -2.76
C TYR C 235 -19.78 29.85 -3.26
N ILE C 236 -19.20 30.42 -4.31
CA ILE C 236 -17.92 29.96 -4.83
C ILE C 236 -16.73 30.53 -4.04
N SER C 237 -15.68 29.72 -3.92
CA SER C 237 -14.45 30.03 -3.22
C SER C 237 -13.46 30.74 -4.14
N PRO C 238 -12.59 31.62 -3.63
CA PRO C 238 -11.64 32.31 -4.50
C PRO C 238 -10.72 31.36 -5.26
N GLU C 239 -10.36 30.23 -4.66
CA GLU C 239 -9.52 29.24 -5.36
C GLU C 239 -10.22 28.64 -6.56
N VAL C 240 -11.57 28.60 -6.55
CA VAL C 240 -12.33 28.05 -7.65
C VAL C 240 -12.42 29.11 -8.73
N LEU C 241 -12.66 30.39 -8.37
CA LEU C 241 -12.66 31.47 -9.36
C LEU C 241 -11.28 31.57 -10.04
N LYS C 242 -10.17 31.49 -9.28
CA LYS C 242 -8.82 31.54 -9.86
C LYS C 242 -8.55 30.37 -10.81
N SER C 243 -9.11 29.18 -10.52
CA SER C 243 -8.95 27.98 -11.34
C SER C 243 -9.77 28.04 -12.64
N GLN C 244 -10.91 28.78 -12.66
CA GLN C 244 -11.82 28.91 -13.82
C GLN C 244 -11.10 29.19 -15.14
N GLY C 245 -10.91 28.14 -15.94
CA GLY C 245 -10.22 28.20 -17.22
C GLY C 245 -8.75 27.96 -17.01
N GLY C 246 -8.11 27.21 -17.91
CA GLY C 246 -6.70 26.84 -17.76
C GLY C 246 -6.51 25.98 -16.51
N ASP C 247 -7.48 25.03 -16.36
CA ASP C 247 -7.78 24.14 -15.24
C ASP C 247 -6.74 24.13 -14.12
N GLY C 248 -7.06 24.92 -13.11
CA GLY C 248 -6.34 25.00 -11.85
C GLY C 248 -6.82 23.91 -10.92
N PHE C 249 -5.99 23.54 -9.94
CA PHE C 249 -6.32 22.49 -8.97
C PHE C 249 -6.75 23.08 -7.65
N TYR C 250 -7.68 22.42 -7.00
CA TYR C 250 -8.18 22.77 -5.66
C TYR C 250 -8.61 21.48 -4.93
N GLY C 251 -8.71 21.56 -3.61
CA GLY C 251 -9.07 20.40 -2.82
C GLY C 251 -10.44 20.52 -2.18
N ARG C 252 -10.70 19.64 -1.20
CA ARG C 252 -11.96 19.58 -0.50
C ARG C 252 -12.28 20.83 0.33
N GLU C 253 -11.25 21.63 0.66
CA GLU C 253 -11.42 22.85 1.45
C GLU C 253 -12.30 23.90 0.71
N CYS C 254 -12.44 23.80 -0.63
CA CYS C 254 -13.32 24.69 -1.40
C CYS C 254 -14.78 24.55 -0.97
N ASP C 255 -15.15 23.35 -0.44
CA ASP C 255 -16.50 23.06 0.06
C ASP C 255 -16.70 23.72 1.43
N TRP C 256 -15.66 23.80 2.27
CA TRP C 256 -15.80 24.43 3.59
C TRP C 256 -16.02 25.94 3.49
N TRP C 257 -15.51 26.57 2.41
CA TRP C 257 -15.76 27.97 2.10
C TRP C 257 -17.30 28.18 2.01
N SER C 258 -17.98 27.30 1.26
CA SER C 258 -19.41 27.26 1.02
C SER C 258 -20.22 27.10 2.33
N VAL C 259 -19.66 26.42 3.34
CA VAL C 259 -20.32 26.29 4.64
C VAL C 259 -20.32 27.68 5.37
N GLY C 260 -19.23 28.42 5.23
CA GLY C 260 -19.11 29.78 5.77
C GLY C 260 -20.06 30.73 5.07
N VAL C 261 -20.16 30.67 3.72
CA VAL C 261 -21.14 31.51 3.00
C VAL C 261 -22.59 31.21 3.48
N PHE C 262 -22.85 29.94 3.80
CA PHE C 262 -24.15 29.45 4.25
C PHE C 262 -24.47 29.97 5.61
N LEU C 263 -23.57 29.80 6.60
CA LEU C 263 -23.81 30.31 7.96
C LEU C 263 -24.07 31.80 7.98
N TYR C 264 -23.38 32.56 7.11
CA TYR C 264 -23.56 34.00 6.96
C TYR C 264 -24.92 34.32 6.41
N GLU C 265 -25.33 33.72 5.27
CA GLU C 265 -26.65 33.99 4.71
C GLU C 265 -27.77 33.65 5.69
N MET C 266 -27.60 32.57 6.45
CA MET C 266 -28.59 32.18 7.42
C MET C 266 -28.81 33.23 8.53
N LEU C 267 -27.74 33.62 9.21
CA LEU C 267 -27.79 34.57 10.31
C LEU C 267 -27.93 36.04 9.91
N VAL C 268 -27.41 36.42 8.75
CA VAL C 268 -27.44 37.81 8.31
C VAL C 268 -28.62 38.09 7.39
N GLY C 269 -28.96 37.16 6.52
CA GLY C 269 -30.07 37.36 5.60
C GLY C 269 -29.65 37.55 4.17
N ASP C 270 -28.45 38.07 3.96
CA ASP C 270 -27.90 38.29 2.61
C ASP C 270 -26.57 37.57 2.48
N THR C 271 -26.13 37.28 1.25
CA THR C 271 -24.85 36.61 1.04
C THR C 271 -23.70 37.58 1.41
N PRO C 272 -22.56 37.09 1.92
CA PRO C 272 -21.49 38.01 2.35
C PRO C 272 -20.77 38.78 1.25
N PHE C 273 -20.88 38.29 0.01
CA PHE C 273 -20.21 38.96 -1.12
C PHE C 273 -21.21 39.36 -2.18
N TYR C 274 -22.43 39.75 -1.77
CA TYR C 274 -23.49 40.16 -2.66
C TYR C 274 -23.13 41.44 -3.39
N ALA C 275 -23.56 41.55 -4.65
CA ALA C 275 -23.41 42.75 -5.46
C ALA C 275 -24.44 42.77 -6.56
N ASP C 276 -24.83 43.97 -7.03
CA ASP C 276 -25.78 44.14 -8.13
C ASP C 276 -25.24 43.63 -9.47
N SER C 277 -23.95 43.26 -9.54
CA SER C 277 -23.32 42.76 -10.76
C SER C 277 -22.49 41.52 -10.46
N LEU C 278 -22.22 40.75 -11.51
CA LEU C 278 -21.39 39.57 -11.40
C LEU C 278 -19.94 39.99 -11.09
N VAL C 279 -19.45 41.06 -11.76
CA VAL C 279 -18.11 41.64 -11.55
C VAL C 279 -17.93 42.03 -10.08
N GLY C 280 -18.93 42.71 -9.53
CA GLY C 280 -18.92 43.14 -8.15
C GLY C 280 -18.84 41.96 -7.20
N THR C 281 -19.64 40.92 -7.48
CA THR C 281 -19.65 39.69 -6.69
C THR C 281 -18.25 39.03 -6.73
N TYR C 282 -17.64 38.89 -7.92
CA TYR C 282 -16.31 38.30 -8.02
C TYR C 282 -15.23 39.11 -7.30
N SER C 283 -15.19 40.43 -7.50
CA SER C 283 -14.18 41.27 -6.83
C SER C 283 -14.35 41.28 -5.30
N LYS C 284 -15.56 41.06 -4.80
CA LYS C 284 -15.78 40.99 -3.36
C LYS C 284 -15.21 39.67 -2.85
N ILE C 285 -15.36 38.56 -3.62
CA ILE C 285 -14.89 37.25 -3.22
C ILE C 285 -13.37 37.25 -3.24
N MET C 286 -12.75 37.70 -4.35
CA MET C 286 -11.29 37.76 -4.48
C MET C 286 -10.65 38.57 -3.35
N ASP C 287 -11.35 39.62 -2.90
CA ASP C 287 -10.90 40.50 -1.84
C ASP C 287 -11.64 40.22 -0.53
N HIS C 288 -11.87 38.95 -0.20
CA HIS C 288 -12.65 38.58 1.00
C HIS C 288 -12.14 39.20 2.27
N LYS C 289 -10.80 39.28 2.43
CA LYS C 289 -10.20 39.85 3.64
C LYS C 289 -10.67 41.25 3.94
N ASN C 290 -10.98 42.04 2.90
CA ASN C 290 -11.44 43.41 3.09
C ASN C 290 -12.96 43.53 2.96
N SER C 291 -13.56 42.77 2.01
CA SER C 291 -14.98 42.81 1.67
C SER C 291 -15.94 42.07 2.57
N LEU C 292 -15.43 41.19 3.44
CA LEU C 292 -16.33 40.48 4.37
C LEU C 292 -16.70 41.47 5.46
N CYS C 293 -17.98 41.88 5.54
CA CYS C 293 -18.40 42.90 6.52
C CYS C 293 -19.70 42.57 7.19
N PHE C 294 -19.68 42.26 8.50
CA PHE C 294 -20.93 41.98 9.21
C PHE C 294 -21.66 43.29 9.52
N PRO C 295 -22.95 43.43 9.17
CA PRO C 295 -23.68 44.67 9.47
C PRO C 295 -23.81 44.91 10.97
N GLU C 296 -23.84 46.19 11.39
CA GLU C 296 -23.94 46.55 12.82
C GLU C 296 -25.29 46.13 13.37
N ASP C 297 -26.36 46.40 12.58
CA ASP C 297 -27.76 46.07 12.91
C ASP C 297 -27.99 44.55 13.11
N ALA C 298 -27.22 43.71 12.39
CA ALA C 298 -27.32 42.26 12.51
C ALA C 298 -26.56 41.77 13.73
N GLU C 299 -27.29 41.39 14.79
CA GLU C 299 -26.66 40.90 16.01
C GLU C 299 -26.24 39.45 15.78
N ILE C 300 -24.94 39.14 15.91
CA ILE C 300 -24.41 37.79 15.68
C ILE C 300 -23.49 37.40 16.82
N SER C 301 -23.59 36.16 17.35
CA SER C 301 -22.73 35.75 18.46
C SER C 301 -21.24 35.78 18.11
N LYS C 302 -20.37 35.85 19.12
CA LYS C 302 -18.93 35.88 18.91
C LYS C 302 -18.46 34.60 18.19
N HIS C 303 -19.00 33.43 18.58
CA HIS C 303 -18.63 32.15 18.00
C HIS C 303 -19.15 31.99 16.58
N ALA C 304 -20.33 32.57 16.29
CA ALA C 304 -20.90 32.50 14.96
C ALA C 304 -20.03 33.30 13.99
N LYS C 305 -19.64 34.55 14.38
CA LYS C 305 -18.77 35.42 13.60
C LYS C 305 -17.41 34.71 13.41
N ASN C 306 -16.89 34.11 14.49
CA ASN C 306 -15.61 33.42 14.46
C ASN C 306 -15.62 32.28 13.42
N LEU C 307 -16.67 31.45 13.44
CA LEU C 307 -16.79 30.30 12.54
C LEU C 307 -16.92 30.72 11.09
N ILE C 308 -17.74 31.75 10.82
CA ILE C 308 -17.90 32.29 9.46
C ILE C 308 -16.52 32.75 8.93
N CYS C 309 -15.73 33.43 9.78
CA CYS C 309 -14.41 33.92 9.41
C CYS C 309 -13.38 32.84 9.27
N ALA C 310 -13.46 31.77 10.07
CA ALA C 310 -12.52 30.66 9.95
C ALA C 310 -12.67 29.94 8.62
N PHE C 311 -13.91 29.93 8.04
CA PHE C 311 -14.21 29.31 6.75
C PHE C 311 -13.95 30.28 5.62
N LEU C 312 -14.32 31.56 5.80
CA LEU C 312 -14.12 32.56 4.77
C LEU C 312 -12.74 33.25 4.82
N THR C 313 -11.68 32.43 4.77
CA THR C 313 -10.28 32.85 4.72
C THR C 313 -9.53 32.07 3.62
N ASP C 314 -8.26 32.37 3.39
CA ASP C 314 -7.45 31.71 2.38
C ASP C 314 -7.38 30.22 2.61
N ARG C 315 -7.42 29.41 1.52
CA ARG C 315 -7.39 27.93 1.59
C ARG C 315 -6.33 27.37 2.51
N GLU C 316 -5.13 27.98 2.49
CA GLU C 316 -3.93 27.63 3.25
C GLU C 316 -4.21 27.63 4.74
N VAL C 317 -4.99 28.60 5.20
CA VAL C 317 -5.28 28.75 6.62
C VAL C 317 -6.79 28.53 6.97
N ARG C 318 -7.56 27.98 6.00
CA ARG C 318 -8.99 27.76 6.19
C ARG C 318 -9.30 26.60 7.14
N LEU C 319 -10.42 26.70 7.89
CA LEU C 319 -10.89 25.65 8.80
C LEU C 319 -11.35 24.42 7.98
N GLY C 320 -10.91 23.25 8.41
CA GLY C 320 -11.21 22.03 7.67
C GLY C 320 -10.04 21.50 6.87
N ARG C 321 -8.93 22.24 6.86
CA ARG C 321 -7.68 21.86 6.19
C ARG C 321 -7.00 20.69 6.93
N ASN C 322 -7.17 20.63 8.28
CA ASN C 322 -6.63 19.57 9.10
C ASN C 322 -7.57 18.35 9.07
N GLY C 323 -8.86 18.62 9.12
CA GLY C 323 -9.88 17.59 9.13
C GLY C 323 -11.20 18.11 9.66
N VAL C 324 -12.16 17.21 9.78
CA VAL C 324 -13.49 17.58 10.26
C VAL C 324 -13.50 17.80 11.78
N GLU C 325 -12.62 17.10 12.52
CA GLU C 325 -12.57 17.20 13.99
C GLU C 325 -12.46 18.65 14.50
N GLU C 326 -11.64 19.51 13.84
CA GLU C 326 -11.51 20.91 14.29
C GLU C 326 -12.78 21.74 14.02
N ILE C 327 -13.58 21.34 13.00
CA ILE C 327 -14.85 21.98 12.69
C ILE C 327 -15.86 21.58 13.77
N ARG C 328 -15.90 20.28 14.13
CA ARG C 328 -16.80 19.78 15.17
C ARG C 328 -16.45 20.38 16.51
N GLN C 329 -15.14 20.54 16.78
CA GLN C 329 -14.67 21.10 18.05
C GLN C 329 -14.93 22.61 18.19
N HIS C 330 -15.23 23.32 17.10
CA HIS C 330 -15.50 24.76 17.17
C HIS C 330 -16.61 25.09 18.16
N PRO C 331 -16.36 26.05 19.07
CA PRO C 331 -17.34 26.38 20.10
C PRO C 331 -18.73 26.86 19.64
N PHE C 332 -18.92 27.16 18.34
CA PHE C 332 -20.26 27.53 17.84
C PHE C 332 -21.21 26.34 18.00
N PHE C 333 -20.69 25.11 17.78
CA PHE C 333 -21.42 23.85 17.86
C PHE C 333 -21.61 23.31 19.30
N LYS C 334 -21.40 24.15 20.33
CA LYS C 334 -21.67 23.72 21.70
C LYS C 334 -23.18 23.93 21.87
N ASN C 335 -23.91 22.88 22.23
CA ASN C 335 -25.37 23.01 22.35
C ASN C 335 -26.00 21.97 23.28
N ASP C 336 -27.26 22.24 23.70
CA ASP C 336 -28.04 21.36 24.57
C ASP C 336 -29.03 20.46 23.79
N GLN C 337 -28.99 20.46 22.45
CA GLN C 337 -29.99 19.75 21.66
C GLN C 337 -29.50 18.50 20.91
N TRP C 338 -28.21 18.39 20.58
CA TRP C 338 -27.72 17.25 19.84
C TRP C 338 -26.23 16.97 20.02
N HIS C 339 -25.79 15.80 19.52
CA HIS C 339 -24.42 15.34 19.49
C HIS C 339 -24.03 15.06 18.04
N TRP C 340 -22.73 15.06 17.76
CA TRP C 340 -22.23 14.75 16.42
C TRP C 340 -22.53 13.29 15.99
N ASP C 341 -22.80 12.41 16.97
CA ASP C 341 -23.12 11.01 16.69
C ASP C 341 -24.63 10.71 16.65
N ASN C 342 -25.49 11.65 17.09
CA ASN C 342 -26.93 11.40 17.07
C ASN C 342 -27.78 12.50 16.45
N ILE C 343 -27.15 13.58 15.91
CA ILE C 343 -27.88 14.75 15.39
C ILE C 343 -29.05 14.39 14.46
N ARG C 344 -28.92 13.34 13.63
CA ARG C 344 -29.97 12.99 12.69
C ARG C 344 -31.22 12.37 13.33
N GLU C 345 -31.09 11.85 14.57
CA GLU C 345 -32.24 11.34 15.28
C GLU C 345 -32.72 12.32 16.37
N THR C 346 -32.37 13.61 16.26
CA THR C 346 -32.86 14.63 17.18
C THR C 346 -33.95 15.45 16.49
N ALA C 347 -34.72 16.22 17.26
CA ALA C 347 -35.79 17.04 16.71
C ALA C 347 -35.26 18.08 15.76
N ALA C 348 -35.78 18.12 14.53
CA ALA C 348 -35.37 19.12 13.57
C ALA C 348 -36.12 20.43 13.89
N PRO C 349 -35.46 21.58 13.72
CA PRO C 349 -36.07 22.87 14.07
C PRO C 349 -37.28 23.28 13.24
N VAL C 350 -37.36 22.81 12.01
CA VAL C 350 -38.49 23.09 11.15
C VAL C 350 -39.05 21.77 10.71
N VAL C 351 -40.19 21.36 11.28
CA VAL C 351 -40.81 20.09 10.91
C VAL C 351 -41.91 20.36 9.92
N PRO C 352 -41.84 19.73 8.74
CA PRO C 352 -42.86 19.99 7.72
C PRO C 352 -44.22 19.37 8.06
N GLU C 353 -45.29 20.06 7.67
CA GLU C 353 -46.66 19.57 7.87
C GLU C 353 -47.09 19.12 6.49
N LEU C 354 -47.10 17.81 6.26
CA LEU C 354 -47.41 17.28 4.94
C LEU C 354 -48.67 16.42 4.99
N SER C 355 -49.78 16.99 4.48
CA SER C 355 -51.11 16.38 4.48
C SER C 355 -51.25 15.17 3.57
N SER C 356 -50.44 15.08 2.52
CA SER C 356 -50.44 13.95 1.61
C SER C 356 -48.99 13.62 1.17
N ASP C 357 -48.78 12.46 0.53
CA ASP C 357 -47.44 12.10 0.04
C ASP C 357 -47.03 12.91 -1.21
N ILE C 358 -47.98 13.69 -1.79
CA ILE C 358 -47.75 14.59 -2.92
C ILE C 358 -47.86 16.06 -2.52
N ASP C 359 -47.82 16.37 -1.21
CA ASP C 359 -47.84 17.74 -0.70
C ASP C 359 -46.52 18.37 -1.11
N SER C 360 -46.57 19.38 -1.98
CA SER C 360 -45.39 20.08 -2.45
C SER C 360 -45.43 21.56 -2.05
N SER C 361 -45.98 21.84 -0.85
CA SER C 361 -46.16 23.21 -0.35
C SER C 361 -44.84 23.95 -0.25
N ASN C 362 -43.76 23.25 0.15
CA ASN C 362 -42.44 23.86 0.29
C ASN C 362 -41.70 24.04 -1.06
N PHE C 363 -42.42 23.95 -2.18
CA PHE C 363 -41.83 24.15 -3.48
C PHE C 363 -42.62 25.22 -4.22
N ASP C 364 -41.92 26.17 -4.83
CA ASP C 364 -42.54 27.24 -5.60
C ASP C 364 -43.20 26.65 -6.83
N ASP C 365 -44.37 27.19 -7.23
CA ASP C 365 -45.10 26.65 -8.38
C ASP C 365 -44.46 27.03 -9.71
N ILE C 366 -44.36 26.02 -10.61
CA ILE C 366 -43.79 26.12 -11.97
C ILE C 366 -44.81 25.50 -12.97
N GLU C 367 -44.97 26.09 -14.18
CA GLU C 367 -45.88 25.55 -15.22
C GLU C 367 -45.29 24.31 -15.96
N ASP C 368 -46.14 23.50 -16.64
CA ASP C 368 -45.64 22.32 -17.34
C ASP C 368 -45.77 22.45 -18.85
N VAL C 373 -36.97 21.98 -25.15
CA VAL C 373 -37.41 20.73 -25.76
C VAL C 373 -36.70 20.49 -27.14
N GLU C 374 -35.46 21.00 -27.26
CA GLU C 374 -34.63 20.85 -28.46
C GLU C 374 -33.99 19.45 -28.51
N THR C 375 -34.14 18.78 -29.64
CA THR C 375 -33.66 17.42 -29.86
C THR C 375 -32.42 17.32 -30.78
N PHE C 376 -31.83 16.10 -30.96
CA PHE C 376 -30.71 15.89 -31.87
C PHE C 376 -31.17 16.03 -33.31
N PRO C 377 -30.34 16.59 -34.19
CA PRO C 377 -30.72 16.66 -35.60
C PRO C 377 -30.49 15.33 -36.35
N ILE C 378 -31.48 14.88 -37.16
CA ILE C 378 -31.42 13.63 -37.94
C ILE C 378 -30.16 13.59 -38.78
N PRO C 379 -29.30 12.59 -38.55
CA PRO C 379 -28.02 12.55 -39.26
C PRO C 379 -28.08 11.99 -40.67
N LYS C 380 -27.04 12.27 -41.45
CA LYS C 380 -26.88 11.78 -42.82
C LYS C 380 -25.99 10.52 -42.74
N ALA C 381 -24.87 10.62 -42.00
CA ALA C 381 -23.93 9.53 -41.74
C ALA C 381 -24.05 9.10 -40.26
N PHE C 382 -23.46 7.94 -39.88
CA PHE C 382 -23.51 7.50 -38.50
C PHE C 382 -22.71 8.46 -37.62
N VAL C 383 -23.35 9.01 -36.58
CA VAL C 383 -22.69 9.94 -35.66
C VAL C 383 -22.61 9.45 -34.20
N GLY C 384 -23.39 8.43 -33.86
CA GLY C 384 -23.40 7.81 -32.54
C GLY C 384 -23.73 8.74 -31.39
N ASN C 385 -24.80 9.52 -31.53
CA ASN C 385 -25.19 10.45 -30.47
C ASN C 385 -25.62 9.75 -29.19
N GLN C 386 -26.12 8.50 -29.25
CA GLN C 386 -26.55 7.75 -28.07
C GLN C 386 -25.39 7.03 -27.36
N LEU C 387 -24.25 6.84 -28.05
CA LEU C 387 -23.08 6.16 -27.50
C LEU C 387 -22.57 6.70 -26.16
N PRO C 388 -22.58 8.03 -25.89
CA PRO C 388 -22.05 8.51 -24.59
C PRO C 388 -22.90 8.16 -23.38
N PHE C 389 -24.10 7.62 -23.60
CA PHE C 389 -25.02 7.31 -22.50
C PHE C 389 -25.14 5.81 -22.17
N ILE C 390 -24.31 4.96 -22.81
CA ILE C 390 -24.30 3.52 -22.55
C ILE C 390 -23.74 3.28 -21.15
N GLY C 391 -24.54 2.67 -20.29
CA GLY C 391 -24.14 2.44 -18.90
C GLY C 391 -24.84 3.37 -17.93
N PHE C 392 -25.52 4.41 -18.42
CA PHE C 392 -26.26 5.33 -17.57
C PHE C 392 -27.36 4.61 -16.79
N THR C 393 -28.11 3.69 -17.45
CA THR C 393 -29.20 2.93 -16.82
C THR C 393 -28.73 2.20 -15.57
N TYR C 394 -29.44 2.46 -14.46
CA TYR C 394 -29.15 1.95 -13.12
C TYR C 394 -30.37 1.28 -12.54
N TYR C 395 -30.24 0.03 -12.08
CA TYR C 395 -31.33 -0.69 -11.44
C TYR C 395 -30.84 -1.44 -10.21
N ARG C 396 -31.53 -1.24 -9.10
CA ARG C 396 -31.23 -1.94 -7.86
C ARG C 396 -32.53 -2.36 -7.12
N ALA D 3 -39.67 -4.58 -10.30
CA ALA D 3 -38.93 -5.78 -9.95
C ALA D 3 -39.58 -7.08 -10.47
N SER D 4 -40.90 -7.05 -10.73
CA SER D 4 -41.63 -8.19 -11.29
C SER D 4 -41.40 -8.19 -12.82
N ARG D 5 -41.44 -7.00 -13.45
CA ARG D 5 -41.16 -6.82 -14.87
C ARG D 5 -39.66 -7.03 -15.14
N GLN D 6 -38.79 -6.67 -14.18
CA GLN D 6 -37.34 -6.87 -14.26
C GLN D 6 -36.94 -8.34 -14.14
N ARG D 7 -37.74 -9.14 -13.42
CA ARG D 7 -37.51 -10.56 -13.31
C ARG D 7 -37.83 -11.18 -14.68
N LYS D 8 -39.00 -10.79 -15.26
CA LYS D 8 -39.48 -11.23 -16.59
C LYS D 8 -38.47 -10.87 -17.70
N LEU D 9 -37.84 -9.69 -17.61
CA LEU D 9 -36.84 -9.23 -18.59
C LEU D 9 -35.54 -10.00 -18.39
N GLU D 10 -35.14 -10.21 -17.12
CA GLU D 10 -33.93 -10.97 -16.81
C GLU D 10 -34.06 -12.46 -17.22
N ALA D 11 -35.29 -12.94 -17.46
CA ALA D 11 -35.60 -14.29 -17.86
C ALA D 11 -35.37 -14.50 -19.35
N LEU D 12 -35.80 -13.54 -20.20
CA LEU D 12 -35.61 -13.62 -21.66
C LEU D 12 -34.12 -13.68 -21.98
N ILE D 13 -33.33 -12.83 -21.31
CA ILE D 13 -31.89 -12.77 -21.47
C ILE D 13 -31.21 -14.08 -21.04
N ARG D 14 -31.79 -14.78 -20.05
CA ARG D 14 -31.26 -16.05 -19.57
C ARG D 14 -31.60 -17.20 -20.53
N ASP D 15 -32.77 -17.15 -21.16
CA ASP D 15 -33.23 -18.16 -22.10
C ASP D 15 -32.30 -18.23 -23.30
N PRO D 16 -31.60 -19.37 -23.48
CA PRO D 16 -30.70 -19.50 -24.64
C PRO D 16 -31.39 -19.55 -26.00
N ARG D 17 -32.70 -19.78 -26.04
CA ARG D 17 -33.45 -19.82 -27.30
C ARG D 17 -34.16 -18.48 -27.60
N SER D 18 -33.70 -17.36 -27.00
CA SER D 18 -34.31 -16.05 -27.29
C SER D 18 -33.38 -15.20 -28.15
N PRO D 19 -33.94 -14.37 -29.05
CA PRO D 19 -33.09 -13.56 -29.95
C PRO D 19 -32.10 -12.67 -29.21
N ILE D 20 -32.52 -12.05 -28.10
CA ILE D 20 -31.60 -11.24 -27.30
C ILE D 20 -31.34 -11.96 -25.98
N ASN D 21 -30.16 -12.56 -25.91
CA ASN D 21 -29.69 -13.31 -24.76
C ASN D 21 -28.25 -12.81 -24.42
N VAL D 22 -27.56 -13.38 -23.43
CA VAL D 22 -26.20 -12.95 -23.08
C VAL D 22 -25.24 -13.01 -24.28
N GLU D 23 -25.28 -14.09 -25.07
CA GLU D 23 -24.39 -14.24 -26.23
C GLU D 23 -24.65 -13.18 -27.30
N SER D 24 -25.93 -12.87 -27.57
CA SER D 24 -26.35 -11.88 -28.54
C SER D 24 -25.95 -10.49 -28.07
N LEU D 25 -26.17 -10.20 -26.77
CA LEU D 25 -25.82 -8.90 -26.19
C LEU D 25 -24.32 -8.69 -26.23
N LEU D 26 -23.55 -9.74 -25.94
CA LEU D 26 -22.10 -9.66 -26.04
C LEU D 26 -21.67 -9.49 -27.48
N ASP D 27 -22.36 -10.16 -28.42
CA ASP D 27 -22.10 -10.05 -29.84
C ASP D 27 -22.29 -8.61 -30.29
N GLY D 28 -23.40 -8.00 -29.88
CA GLY D 28 -23.71 -6.61 -30.17
C GLY D 28 -22.62 -5.65 -29.75
N LEU D 29 -22.13 -5.80 -28.51
CA LEU D 29 -21.06 -4.96 -28.00
C LEU D 29 -19.74 -5.21 -28.72
N ASN D 30 -19.40 -6.48 -29.04
CA ASN D 30 -18.14 -6.80 -29.74
C ASN D 30 -18.13 -6.23 -31.14
N SER D 31 -19.26 -6.37 -31.86
CA SER D 31 -19.46 -5.85 -33.20
C SER D 31 -19.36 -4.32 -33.16
N LEU D 32 -20.07 -3.66 -32.23
CA LEU D 32 -20.01 -2.21 -32.10
C LEU D 32 -18.58 -1.71 -31.89
N VAL D 33 -17.79 -2.40 -31.07
CA VAL D 33 -16.40 -2.03 -30.85
C VAL D 33 -15.58 -2.27 -32.12
N LEU D 34 -15.74 -3.41 -32.78
CA LEU D 34 -15.01 -3.74 -34.01
C LEU D 34 -15.31 -2.79 -35.20
N ASP D 35 -16.58 -2.48 -35.40
CA ASP D 35 -17.03 -1.61 -36.47
C ASP D 35 -16.68 -0.13 -36.26
N LEU D 36 -16.30 0.27 -35.05
CA LEU D 36 -15.95 1.66 -34.77
C LEU D 36 -14.46 1.87 -34.56
N ASP D 37 -13.66 0.81 -34.34
CA ASP D 37 -12.24 0.96 -34.09
C ASP D 37 -11.42 1.16 -35.35
N PHE D 38 -11.68 2.26 -36.03
CA PHE D 38 -10.92 2.67 -37.20
C PHE D 38 -10.56 4.14 -37.03
N PRO D 39 -9.30 4.51 -37.26
CA PRO D 39 -8.87 5.90 -37.05
C PRO D 39 -9.70 6.98 -37.74
N ALA D 40 -10.21 6.69 -38.95
CA ALA D 40 -11.06 7.64 -39.68
C ALA D 40 -12.34 7.95 -38.88
N LEU D 41 -12.91 6.91 -38.26
CA LEU D 41 -14.13 7.00 -37.44
C LEU D 41 -13.85 7.64 -36.10
N ARG D 42 -12.68 7.29 -35.51
CA ARG D 42 -12.20 7.77 -34.23
C ARG D 42 -12.08 9.29 -34.13
N LYS D 43 -12.15 10.02 -35.26
CA LYS D 43 -12.12 11.48 -35.25
C LYS D 43 -13.38 12.02 -34.52
N ASN D 44 -14.53 11.32 -34.62
CA ASN D 44 -15.77 11.63 -33.92
C ASN D 44 -15.51 11.43 -32.43
N LYS D 45 -15.81 12.44 -31.59
CA LYS D 45 -15.56 12.34 -30.14
C LYS D 45 -16.45 11.30 -29.46
N ASN D 46 -17.71 11.17 -29.91
CA ASN D 46 -18.66 10.19 -29.38
C ASN D 46 -18.10 8.76 -29.53
N ILE D 47 -17.58 8.44 -30.72
CA ILE D 47 -16.99 7.16 -31.02
C ILE D 47 -15.69 6.94 -30.28
N ASP D 48 -14.78 7.91 -30.30
CA ASP D 48 -13.48 7.78 -29.63
C ASP D 48 -13.63 7.59 -28.12
N ASN D 49 -14.56 8.32 -27.50
CA ASN D 49 -14.77 8.21 -26.05
C ASN D 49 -15.38 6.86 -25.66
N PHE D 50 -16.40 6.38 -26.43
CA PHE D 50 -17.04 5.10 -26.18
C PHE D 50 -16.01 4.00 -26.27
N LEU D 51 -15.19 4.02 -27.33
CA LEU D 51 -14.13 3.06 -27.54
C LEU D 51 -13.12 3.08 -26.43
N ASN D 52 -12.80 4.26 -25.88
CA ASN D 52 -11.84 4.35 -24.79
C ASN D 52 -12.36 3.70 -23.52
N ARG D 53 -13.61 3.98 -23.18
CA ARG D 53 -14.21 3.41 -21.99
C ARG D 53 -14.39 1.88 -22.05
N TYR D 54 -14.85 1.35 -23.20
CA TYR D 54 -15.11 -0.08 -23.35
C TYR D 54 -14.00 -0.88 -24.01
N GLU D 55 -12.87 -0.24 -24.36
CA GLU D 55 -11.78 -0.95 -25.03
C GLU D 55 -11.21 -2.08 -24.18
N LYS D 56 -10.76 -1.76 -22.95
CA LYS D 56 -10.15 -2.73 -22.04
C LYS D 56 -11.10 -3.86 -21.64
N ILE D 57 -12.34 -3.52 -21.29
CA ILE D 57 -13.29 -4.54 -20.87
C ILE D 57 -13.66 -5.47 -22.02
N VAL D 58 -13.87 -4.96 -23.25
CA VAL D 58 -14.16 -5.80 -24.41
C VAL D 58 -13.01 -6.80 -24.69
N LYS D 59 -11.77 -6.41 -24.38
CA LYS D 59 -10.61 -7.30 -24.52
C LYS D 59 -10.69 -8.42 -23.47
N LYS D 60 -10.98 -8.07 -22.19
CA LYS D 60 -11.12 -9.03 -21.08
C LYS D 60 -12.24 -10.05 -21.36
N ILE D 61 -13.39 -9.57 -21.86
CA ILE D 61 -14.54 -10.39 -22.22
C ILE D 61 -14.18 -11.35 -23.36
N ARG D 62 -13.49 -10.85 -24.40
CA ARG D 62 -13.07 -11.69 -25.53
C ARG D 62 -12.15 -12.86 -25.13
N GLY D 63 -11.42 -12.70 -24.03
CA GLY D 63 -10.54 -13.73 -23.54
C GLY D 63 -11.27 -14.82 -22.77
N LEU D 64 -12.38 -14.47 -22.11
CA LEU D 64 -13.15 -15.45 -21.34
C LEU D 64 -14.04 -16.27 -22.24
N GLN D 65 -14.66 -15.62 -23.25
CA GLN D 65 -15.53 -16.25 -24.24
C GLN D 65 -14.77 -17.30 -25.03
N MET D 66 -15.50 -18.32 -25.56
CA MET D 66 -14.82 -19.35 -26.34
C MET D 66 -14.18 -18.77 -27.59
N LYS D 67 -12.92 -19.14 -27.85
CA LYS D 67 -12.19 -18.63 -29.00
C LYS D 67 -11.44 -19.72 -29.75
N ALA D 68 -10.98 -19.44 -30.97
CA ALA D 68 -10.28 -20.41 -31.79
C ALA D 68 -9.06 -20.99 -31.11
N GLU D 69 -8.39 -20.18 -30.26
CA GLU D 69 -7.20 -20.57 -29.52
C GLU D 69 -7.48 -21.69 -28.52
N ASP D 70 -8.73 -21.81 -28.03
CA ASP D 70 -9.09 -22.92 -27.14
C ASP D 70 -9.00 -24.28 -27.81
N TYR D 71 -8.77 -24.33 -29.11
CA TYR D 71 -8.74 -25.57 -29.87
C TYR D 71 -7.37 -25.82 -30.48
N ASP D 72 -7.05 -27.08 -30.62
CA ASP D 72 -5.81 -27.52 -31.19
C ASP D 72 -6.14 -28.06 -32.59
N VAL D 73 -5.54 -27.49 -33.64
CA VAL D 73 -5.83 -27.95 -35.00
C VAL D 73 -5.04 -29.21 -35.38
N VAL D 74 -5.72 -30.35 -35.43
CA VAL D 74 -5.12 -31.62 -35.81
C VAL D 74 -4.80 -31.65 -37.31
N LYS D 75 -5.81 -31.39 -38.16
CA LYS D 75 -5.60 -31.36 -39.61
C LYS D 75 -6.84 -30.92 -40.38
N VAL D 76 -6.66 -30.40 -41.60
CA VAL D 76 -7.78 -29.98 -42.44
C VAL D 76 -8.44 -31.22 -43.06
N ILE D 77 -9.73 -31.42 -42.77
CA ILE D 77 -10.48 -32.57 -43.28
C ILE D 77 -11.55 -32.19 -44.34
N GLY D 78 -11.57 -30.94 -44.77
CA GLY D 78 -12.47 -30.43 -45.79
C GLY D 78 -12.12 -29.00 -46.12
N ARG D 79 -12.26 -28.58 -47.40
CA ARG D 79 -11.98 -27.20 -47.79
C ARG D 79 -12.90 -26.81 -48.94
N GLY D 80 -13.32 -25.55 -48.94
CA GLY D 80 -14.22 -25.00 -49.95
C GLY D 80 -14.00 -23.50 -50.20
N ALA D 81 -14.94 -22.89 -50.95
CA ALA D 81 -14.88 -21.45 -51.30
C ALA D 81 -15.10 -20.58 -50.05
N PHE D 82 -16.07 -21.00 -49.22
CA PHE D 82 -16.52 -20.45 -47.94
C PHE D 82 -15.36 -20.38 -46.93
N GLY D 83 -14.77 -21.55 -46.68
CA GLY D 83 -13.70 -21.82 -45.74
C GLY D 83 -13.44 -23.32 -45.66
N GLU D 84 -12.87 -23.76 -44.55
CA GLU D 84 -12.47 -25.15 -44.39
C GLU D 84 -13.10 -25.79 -43.17
N VAL D 85 -12.87 -27.09 -42.99
CA VAL D 85 -13.32 -27.86 -41.85
C VAL D 85 -12.04 -28.50 -41.26
N GLN D 86 -11.79 -28.26 -39.99
CA GLN D 86 -10.62 -28.81 -39.34
C GLN D 86 -10.97 -29.81 -38.29
N LEU D 87 -10.17 -30.86 -38.18
CA LEU D 87 -10.27 -31.85 -37.13
C LEU D 87 -9.57 -31.16 -35.97
N VAL D 88 -10.30 -30.83 -34.90
CA VAL D 88 -9.73 -30.10 -33.79
C VAL D 88 -9.91 -30.84 -32.48
N ARG D 89 -9.13 -30.45 -31.47
CA ARG D 89 -9.28 -31.00 -30.13
C ARG D 89 -9.41 -29.83 -29.18
N HIS D 90 -10.45 -29.82 -28.33
CA HIS D 90 -10.60 -28.78 -27.31
C HIS D 90 -9.46 -29.01 -26.31
N LYS D 91 -8.60 -28.02 -26.10
CA LYS D 91 -7.46 -28.14 -25.22
C LYS D 91 -7.81 -28.58 -23.77
N ALA D 92 -8.81 -27.93 -23.17
CA ALA D 92 -9.18 -28.24 -21.79
C ALA D 92 -9.90 -29.58 -21.60
N SER D 93 -10.94 -29.85 -22.38
CA SER D 93 -11.69 -31.10 -22.25
C SER D 93 -11.03 -32.27 -22.95
N GLN D 94 -10.06 -32.03 -23.84
CA GLN D 94 -9.34 -33.06 -24.60
C GLN D 94 -10.24 -33.83 -25.58
N LYS D 95 -11.48 -33.36 -25.82
CA LYS D 95 -12.41 -34.00 -26.75
C LYS D 95 -12.21 -33.48 -28.16
N VAL D 96 -12.29 -34.39 -29.15
CA VAL D 96 -12.13 -34.06 -30.56
C VAL D 96 -13.47 -33.69 -31.19
N TYR D 97 -13.45 -32.67 -32.06
CA TYR D 97 -14.61 -32.15 -32.79
C TYR D 97 -14.22 -31.84 -34.24
N ALA D 98 -15.21 -31.51 -35.09
CA ALA D 98 -14.98 -31.04 -36.45
C ALA D 98 -15.36 -29.54 -36.42
N MET D 99 -14.45 -28.65 -36.84
CA MET D 99 -14.74 -27.21 -36.79
C MET D 99 -14.76 -26.54 -38.15
N LYS D 100 -15.93 -26.04 -38.59
CA LYS D 100 -15.99 -25.33 -39.86
C LYS D 100 -15.67 -23.84 -39.65
N LEU D 101 -14.85 -23.28 -40.54
CA LEU D 101 -14.50 -21.88 -40.48
C LEU D 101 -15.03 -21.24 -41.77
N LEU D 102 -16.02 -20.34 -41.69
CA LEU D 102 -16.48 -19.61 -42.87
C LEU D 102 -15.83 -18.22 -42.80
N SER D 103 -15.40 -17.64 -43.94
CA SER D 103 -14.85 -16.28 -43.91
C SER D 103 -16.02 -15.30 -43.78
N LYS D 104 -15.98 -14.34 -42.84
CA LYS D 104 -17.06 -13.34 -42.71
C LYS D 104 -17.20 -12.52 -43.99
N PHE D 105 -16.05 -12.16 -44.59
CA PHE D 105 -15.95 -11.39 -45.82
C PHE D 105 -16.65 -12.12 -46.99
N GLU D 106 -16.30 -13.40 -47.22
CA GLU D 106 -16.94 -14.18 -48.27
C GLU D 106 -18.40 -14.41 -47.94
N MET D 107 -18.71 -14.68 -46.67
CA MET D 107 -20.07 -14.90 -46.19
C MET D 107 -21.01 -13.74 -46.51
N ILE D 108 -20.55 -12.50 -46.27
CA ILE D 108 -21.35 -11.31 -46.50
C ILE D 108 -21.73 -11.16 -48.00
N LYS D 109 -20.90 -11.72 -48.92
CA LYS D 109 -21.12 -11.69 -50.37
C LYS D 109 -21.97 -12.88 -50.86
N SER D 113 -26.09 -14.90 -45.99
CA SER D 113 -27.47 -14.40 -46.00
C SER D 113 -27.80 -13.59 -44.70
N ALA D 114 -29.02 -13.04 -44.60
CA ALA D 114 -29.44 -12.28 -43.42
C ALA D 114 -30.07 -13.24 -42.41
N PHE D 115 -29.42 -13.47 -41.23
CA PHE D 115 -29.87 -14.42 -40.17
C PHE D 115 -29.85 -15.87 -40.73
N PHE D 116 -28.73 -16.22 -41.32
CA PHE D 116 -28.56 -17.50 -41.98
C PHE D 116 -28.50 -18.70 -41.03
N TRP D 117 -28.21 -18.47 -39.76
CA TRP D 117 -28.11 -19.55 -38.78
C TRP D 117 -29.45 -19.89 -38.12
N GLU D 118 -30.58 -19.39 -38.65
CA GLU D 118 -31.89 -19.65 -38.07
C GLU D 118 -32.19 -21.15 -38.03
N GLU D 119 -31.95 -21.84 -39.17
CA GLU D 119 -32.17 -23.27 -39.34
C GLU D 119 -31.15 -24.07 -38.55
N ARG D 120 -29.88 -23.58 -38.47
CA ARG D 120 -28.84 -24.21 -37.63
C ARG D 120 -29.34 -24.31 -36.16
N ASP D 121 -29.88 -23.20 -35.63
CA ASP D 121 -30.42 -23.14 -34.28
C ASP D 121 -31.64 -24.04 -34.06
N ILE D 122 -32.49 -24.18 -35.07
CA ILE D 122 -33.65 -25.07 -34.98
C ILE D 122 -33.15 -26.52 -34.93
N MET D 123 -32.17 -26.85 -35.79
CA MET D 123 -31.65 -28.21 -35.86
C MET D 123 -30.87 -28.61 -34.63
N ALA D 124 -30.10 -27.66 -34.08
CA ALA D 124 -29.30 -27.82 -32.88
C ALA D 124 -30.19 -28.10 -31.68
N PHE D 125 -31.33 -27.38 -31.57
CA PHE D 125 -32.24 -27.57 -30.48
C PHE D 125 -33.02 -28.89 -30.63
N ALA D 126 -33.38 -29.26 -31.86
CA ALA D 126 -34.11 -30.50 -32.11
C ALA D 126 -33.30 -31.73 -31.68
N ASN D 127 -31.97 -31.66 -31.81
CA ASN D 127 -31.04 -32.69 -31.39
C ASN D 127 -31.39 -34.09 -31.94
N SER D 128 -31.58 -34.19 -33.27
CA SER D 128 -31.90 -35.49 -33.87
C SER D 128 -30.67 -36.39 -33.98
N PRO D 129 -30.81 -37.68 -33.64
CA PRO D 129 -29.67 -38.60 -33.83
C PRO D 129 -29.28 -38.80 -35.30
N TRP D 130 -30.07 -38.26 -36.24
CA TRP D 130 -29.83 -38.36 -37.68
C TRP D 130 -29.19 -37.14 -38.32
N VAL D 131 -28.92 -36.10 -37.53
CA VAL D 131 -28.37 -34.86 -38.06
C VAL D 131 -27.13 -34.53 -37.24
N VAL D 132 -25.98 -34.28 -37.91
CA VAL D 132 -24.69 -33.88 -37.34
C VAL D 132 -24.89 -32.73 -36.39
N GLN D 133 -24.50 -32.92 -35.11
CA GLN D 133 -24.78 -32.00 -34.00
C GLN D 133 -23.87 -30.78 -33.91
N LEU D 134 -24.46 -29.63 -33.56
CA LEU D 134 -23.74 -28.39 -33.32
C LEU D 134 -23.54 -28.30 -31.82
N PHE D 135 -22.30 -28.12 -31.38
CA PHE D 135 -22.00 -28.01 -29.97
C PHE D 135 -21.86 -26.55 -29.58
N TYR D 136 -21.05 -25.80 -30.33
CA TYR D 136 -20.77 -24.39 -30.09
C TYR D 136 -20.60 -23.65 -31.41
N ALA D 137 -20.87 -22.35 -31.41
CA ALA D 137 -20.60 -21.49 -32.54
C ALA D 137 -20.02 -20.19 -31.96
N PHE D 138 -18.95 -19.68 -32.52
CA PHE D 138 -18.32 -18.44 -32.05
C PHE D 138 -17.81 -17.65 -33.26
N GLN D 139 -17.18 -16.49 -33.04
CA GLN D 139 -16.68 -15.69 -34.15
C GLN D 139 -15.57 -14.76 -33.70
N ASP D 140 -14.69 -14.42 -34.62
CA ASP D 140 -13.67 -13.40 -34.39
C ASP D 140 -13.82 -12.32 -35.48
N ASP D 141 -12.95 -11.29 -35.54
CA ASP D 141 -13.14 -10.22 -36.54
C ASP D 141 -13.25 -10.73 -37.99
N ARG D 142 -12.49 -11.79 -38.33
CA ARG D 142 -12.46 -12.30 -39.70
C ARG D 142 -13.30 -13.54 -39.97
N TYR D 143 -13.47 -14.39 -38.98
CA TYR D 143 -14.09 -15.67 -39.15
C TYR D 143 -15.38 -15.95 -38.41
N LEU D 144 -16.04 -17.05 -38.81
CA LEU D 144 -17.24 -17.63 -38.21
C LEU D 144 -16.85 -19.08 -37.90
N TYR D 145 -17.12 -19.58 -36.69
CA TYR D 145 -16.71 -20.92 -36.32
C TYR D 145 -17.86 -21.75 -35.90
N MET D 146 -17.89 -22.99 -36.40
CA MET D 146 -18.95 -23.89 -36.00
C MET D 146 -18.33 -25.20 -35.55
N VAL D 147 -18.50 -25.55 -34.25
CA VAL D 147 -17.95 -26.76 -33.65
C VAL D 147 -19.00 -27.83 -33.65
N MET D 148 -18.81 -28.80 -34.55
CA MET D 148 -19.69 -29.92 -34.85
C MET D 148 -19.15 -31.26 -34.36
N GLU D 149 -20.03 -32.27 -34.23
CA GLU D 149 -19.54 -33.61 -33.89
C GLU D 149 -18.75 -34.17 -35.05
N TYR D 150 -17.58 -34.70 -34.77
CA TYR D 150 -16.73 -35.30 -35.78
C TYR D 150 -17.36 -36.63 -36.25
N MET D 151 -17.39 -36.87 -37.54
CA MET D 151 -17.98 -38.08 -38.13
C MET D 151 -16.83 -38.86 -38.75
N PRO D 152 -16.13 -39.65 -37.93
CA PRO D 152 -14.90 -40.31 -38.39
C PRO D 152 -15.04 -41.36 -39.50
N GLY D 153 -16.26 -41.77 -39.82
CA GLY D 153 -16.48 -42.74 -40.88
C GLY D 153 -16.40 -42.17 -42.28
N GLY D 154 -16.26 -40.85 -42.40
CA GLY D 154 -16.19 -40.18 -43.70
C GLY D 154 -17.55 -39.98 -44.34
N ASP D 155 -17.58 -39.40 -45.56
CA ASP D 155 -18.85 -39.20 -46.25
C ASP D 155 -19.20 -40.38 -47.20
N LEU D 156 -20.39 -40.34 -47.86
CA LEU D 156 -20.74 -41.41 -48.77
C LEU D 156 -20.07 -41.25 -50.16
N VAL D 157 -19.43 -40.10 -50.45
CA VAL D 157 -18.63 -39.93 -51.67
C VAL D 157 -17.42 -40.92 -51.57
N ASN D 158 -16.79 -40.97 -50.36
CA ASN D 158 -15.67 -41.83 -49.97
C ASN D 158 -16.11 -43.29 -49.92
N LEU D 159 -17.28 -43.59 -49.32
CA LEU D 159 -17.75 -44.98 -49.23
C LEU D 159 -17.94 -45.56 -50.61
N MET D 160 -18.61 -44.80 -51.49
CA MET D 160 -18.89 -45.18 -52.86
C MET D 160 -17.58 -45.43 -53.65
N SER D 161 -16.61 -44.52 -53.52
CA SER D 161 -15.33 -44.66 -54.22
C SER D 161 -14.43 -45.78 -53.68
N ASN D 162 -14.76 -46.36 -52.52
CA ASN D 162 -13.95 -47.44 -51.94
C ASN D 162 -14.66 -48.79 -51.92
N TYR D 163 -15.98 -48.82 -52.21
CA TYR D 163 -16.75 -50.07 -52.19
C TYR D 163 -17.71 -50.24 -53.35
N ASP D 164 -17.97 -51.50 -53.70
CA ASP D 164 -18.98 -51.92 -54.67
C ASP D 164 -20.18 -52.16 -53.72
N VAL D 165 -21.21 -51.32 -53.81
CA VAL D 165 -22.31 -51.36 -52.86
C VAL D 165 -23.40 -52.39 -53.20
N PRO D 166 -23.51 -53.47 -52.39
CA PRO D 166 -24.62 -54.41 -52.59
C PRO D 166 -25.98 -53.82 -52.19
N GLU D 167 -27.07 -54.44 -52.63
CA GLU D 167 -28.41 -53.96 -52.31
C GLU D 167 -28.71 -54.02 -50.81
N LYS D 168 -28.03 -54.89 -50.03
CA LYS D 168 -28.25 -54.93 -48.57
C LYS D 168 -27.76 -53.61 -47.94
N TRP D 169 -26.58 -53.15 -48.41
CA TRP D 169 -25.98 -51.91 -47.97
C TRP D 169 -26.80 -50.71 -48.44
N ALA D 170 -27.08 -50.59 -49.75
CA ALA D 170 -27.89 -49.50 -50.33
C ALA D 170 -29.24 -49.37 -49.63
N LYS D 171 -29.84 -50.51 -49.29
CA LYS D 171 -31.10 -50.59 -48.59
C LYS D 171 -31.00 -49.89 -47.23
N PHE D 172 -29.87 -50.13 -46.51
CA PHE D 172 -29.55 -49.58 -45.18
C PHE D 172 -29.31 -48.08 -45.26
N TYR D 173 -28.41 -47.63 -46.15
CA TYR D 173 -28.09 -46.21 -46.23
C TYR D 173 -29.25 -45.38 -46.76
N THR D 174 -30.08 -45.95 -47.64
CA THR D 174 -31.26 -45.24 -48.17
C THR D 174 -32.25 -45.00 -47.03
N ALA D 175 -32.51 -46.06 -46.23
CA ALA D 175 -33.43 -46.06 -45.09
C ALA D 175 -33.02 -45.09 -44.00
N GLU D 176 -31.70 -44.92 -43.80
CA GLU D 176 -31.17 -44.04 -42.79
C GLU D 176 -31.39 -42.60 -43.22
N VAL D 177 -31.01 -42.27 -44.48
CA VAL D 177 -31.30 -40.98 -45.11
C VAL D 177 -32.82 -40.65 -45.13
N VAL D 178 -33.69 -41.70 -45.20
CA VAL D 178 -35.15 -41.53 -45.19
C VAL D 178 -35.62 -41.01 -43.83
N LEU D 179 -35.22 -41.69 -42.75
CA LEU D 179 -35.57 -41.28 -41.38
C LEU D 179 -34.93 -39.95 -41.03
N ALA D 180 -33.73 -39.66 -41.59
CA ALA D 180 -32.97 -38.41 -41.41
C ALA D 180 -33.75 -37.26 -42.09
N LEU D 181 -34.28 -37.52 -43.30
CA LEU D 181 -35.06 -36.52 -44.03
C LEU D 181 -36.43 -36.31 -43.37
N ASP D 182 -37.03 -37.38 -42.90
CA ASP D 182 -38.30 -37.30 -42.20
C ASP D 182 -38.13 -36.45 -40.90
N ALA D 183 -36.94 -36.54 -40.26
CA ALA D 183 -36.64 -35.81 -39.03
C ALA D 183 -36.50 -34.34 -39.34
N ILE D 184 -35.77 -34.01 -40.43
CA ILE D 184 -35.56 -32.64 -40.89
C ILE D 184 -36.87 -32.02 -41.35
N HIS D 185 -37.73 -32.80 -42.06
CA HIS D 185 -39.02 -32.28 -42.51
C HIS D 185 -39.96 -32.05 -41.31
N SER D 186 -39.91 -32.96 -40.31
CA SER D 186 -40.71 -32.82 -39.08
C SER D 186 -40.27 -31.59 -38.25
N MET D 187 -39.03 -31.07 -38.47
CA MET D 187 -38.56 -29.83 -37.86
C MET D 187 -39.11 -28.56 -38.58
N GLY D 188 -39.94 -28.75 -39.61
CA GLY D 188 -40.45 -27.66 -40.43
C GLY D 188 -39.39 -27.12 -41.37
N LEU D 189 -38.38 -27.94 -41.71
CA LEU D 189 -37.26 -27.56 -42.57
C LEU D 189 -37.18 -28.42 -43.83
N ILE D 190 -36.48 -27.92 -44.86
CA ILE D 190 -36.22 -28.69 -46.07
C ILE D 190 -34.73 -28.58 -46.37
N HIS D 191 -34.07 -29.72 -46.59
CA HIS D 191 -32.64 -29.73 -46.82
C HIS D 191 -32.20 -28.94 -48.05
N ARG D 192 -32.85 -29.16 -49.21
CA ARG D 192 -32.54 -28.51 -50.50
C ARG D 192 -31.20 -28.94 -51.09
N ASP D 193 -30.40 -29.77 -50.40
CA ASP D 193 -29.11 -30.20 -50.93
C ASP D 193 -28.70 -31.61 -50.47
N VAL D 194 -29.60 -32.59 -50.56
CA VAL D 194 -29.27 -33.97 -50.21
C VAL D 194 -28.33 -34.67 -51.25
N LYS D 195 -27.05 -34.74 -50.93
CA LYS D 195 -26.06 -35.40 -51.79
C LYS D 195 -25.07 -36.23 -50.92
N PRO D 196 -24.23 -37.12 -51.51
CA PRO D 196 -23.34 -37.96 -50.68
C PRO D 196 -22.29 -37.23 -49.85
N ASP D 197 -21.98 -35.98 -50.19
CA ASP D 197 -21.03 -35.19 -49.40
C ASP D 197 -21.62 -34.93 -48.02
N ASN D 198 -22.93 -34.57 -47.97
CA ASN D 198 -23.68 -34.25 -46.76
C ASN D 198 -24.11 -35.49 -45.95
N MET D 199 -23.96 -36.69 -46.52
CA MET D 199 -24.29 -37.92 -45.81
C MET D 199 -22.97 -38.41 -45.19
N LEU D 200 -22.82 -38.12 -43.89
CA LEU D 200 -21.63 -38.46 -43.11
C LEU D 200 -21.88 -39.66 -42.20
N LEU D 201 -20.79 -40.35 -41.82
CA LEU D 201 -20.84 -41.58 -41.04
C LEU D 201 -20.21 -41.45 -39.67
N ASP D 202 -20.99 -41.81 -38.64
CA ASP D 202 -20.58 -41.67 -37.26
C ASP D 202 -19.48 -42.70 -36.87
N LYS D 203 -19.06 -42.72 -35.56
CA LYS D 203 -18.05 -43.64 -35.00
C LYS D 203 -18.38 -45.14 -35.23
N HIS D 204 -19.64 -45.46 -35.57
CA HIS D 204 -20.11 -46.83 -35.79
C HIS D 204 -20.55 -47.12 -37.22
N GLY D 205 -20.33 -46.22 -38.15
CA GLY D 205 -20.72 -46.43 -39.53
C GLY D 205 -22.17 -46.12 -39.86
N HIS D 206 -22.88 -45.36 -38.97
CA HIS D 206 -24.29 -44.94 -39.16
C HIS D 206 -24.36 -43.52 -39.69
N LEU D 207 -25.40 -43.25 -40.49
CA LEU D 207 -25.60 -42.00 -41.21
C LEU D 207 -26.20 -40.83 -40.41
N LYS D 208 -25.73 -39.66 -40.74
CA LYS D 208 -26.20 -38.40 -40.21
C LYS D 208 -26.15 -37.42 -41.39
N LEU D 209 -27.16 -36.57 -41.51
CA LEU D 209 -27.18 -35.56 -42.54
C LEU D 209 -26.58 -34.30 -42.02
N ALA D 210 -25.69 -33.73 -42.80
CA ALA D 210 -25.06 -32.49 -42.44
C ALA D 210 -25.69 -31.37 -43.26
N ASP D 211 -25.87 -30.21 -42.63
CA ASP D 211 -26.41 -29.05 -43.32
C ASP D 211 -25.25 -28.14 -43.58
N PHE D 212 -24.91 -27.85 -44.84
CA PHE D 212 -23.80 -26.92 -45.12
C PHE D 212 -24.32 -25.51 -45.52
N GLY D 213 -25.53 -25.15 -45.09
CA GLY D 213 -26.11 -23.83 -45.34
C GLY D 213 -27.26 -23.76 -46.33
N THR D 214 -27.91 -24.90 -46.58
CA THR D 214 -28.98 -25.01 -47.58
C THR D 214 -30.34 -25.26 -46.98
N CYS D 215 -30.43 -25.77 -45.74
CA CYS D 215 -31.73 -26.03 -45.10
C CYS D 215 -32.55 -24.75 -44.99
N MET D 216 -33.88 -24.89 -45.11
CA MET D 216 -34.75 -23.72 -45.09
C MET D 216 -36.01 -23.97 -44.34
N LYS D 217 -36.43 -22.98 -43.60
CA LYS D 217 -37.65 -23.08 -42.83
C LYS D 217 -38.83 -23.03 -43.80
N MET D 218 -39.76 -23.99 -43.68
CA MET D 218 -40.95 -24.01 -44.53
C MET D 218 -41.95 -22.98 -44.04
N ASP D 219 -42.59 -22.25 -44.96
CA ASP D 219 -43.60 -21.26 -44.56
C ASP D 219 -44.93 -21.99 -44.19
N GLU D 220 -46.01 -21.24 -43.87
CA GLU D 220 -47.31 -21.83 -43.52
C GLU D 220 -47.80 -22.86 -44.58
N THR D 221 -47.45 -22.64 -45.86
CA THR D 221 -47.80 -23.49 -47.01
C THR D 221 -46.93 -24.76 -47.14
N GLY D 222 -45.78 -24.79 -46.45
CA GLY D 222 -44.81 -25.88 -46.48
C GLY D 222 -43.89 -25.85 -47.69
N MET D 223 -43.89 -24.73 -48.41
CA MET D 223 -43.16 -24.51 -49.66
C MET D 223 -42.15 -23.34 -49.54
N VAL D 224 -41.22 -23.22 -50.50
CA VAL D 224 -40.20 -22.17 -50.47
C VAL D 224 -40.11 -21.43 -51.81
N VAL D 230 -29.86 -23.49 -55.76
CA VAL D 230 -29.00 -23.74 -54.59
C VAL D 230 -28.79 -25.23 -54.30
N GLY D 231 -27.74 -25.80 -54.89
CA GLY D 231 -27.38 -27.19 -54.70
C GLY D 231 -26.29 -27.69 -55.65
N THR D 232 -26.03 -29.03 -55.64
CA THR D 232 -25.05 -29.65 -56.56
C THR D 232 -25.84 -30.27 -57.74
N PRO D 233 -25.50 -29.89 -58.99
CA PRO D 233 -26.33 -30.28 -60.15
C PRO D 233 -26.84 -31.70 -60.20
N ASP D 234 -26.00 -32.71 -60.05
CA ASP D 234 -26.43 -34.09 -60.18
C ASP D 234 -27.64 -34.48 -59.34
N TYR D 235 -27.83 -33.88 -58.14
CA TYR D 235 -28.92 -34.25 -57.23
C TYR D 235 -30.09 -33.22 -57.15
N ILE D 236 -30.02 -32.15 -57.98
CA ILE D 236 -31.08 -31.16 -58.06
C ILE D 236 -32.31 -31.68 -58.82
N SER D 237 -33.53 -31.42 -58.26
CA SER D 237 -34.81 -31.85 -58.84
C SER D 237 -35.26 -30.83 -59.92
N PRO D 238 -36.04 -31.29 -60.94
CA PRO D 238 -36.42 -30.37 -62.01
C PRO D 238 -37.21 -29.14 -61.53
N GLU D 239 -38.05 -29.27 -60.49
CA GLU D 239 -38.80 -28.12 -59.96
C GLU D 239 -37.88 -27.07 -59.30
N VAL D 240 -36.66 -27.46 -58.88
CA VAL D 240 -35.70 -26.53 -58.32
C VAL D 240 -34.93 -25.81 -59.45
N LEU D 241 -34.68 -26.51 -60.58
CA LEU D 241 -34.09 -25.92 -61.78
C LEU D 241 -35.11 -24.93 -62.42
N LYS D 242 -36.41 -25.26 -62.39
CA LYS D 242 -37.45 -24.38 -62.93
C LYS D 242 -37.77 -23.20 -61.94
N SER D 243 -37.51 -23.39 -60.64
CA SER D 243 -37.77 -22.35 -59.64
C SER D 243 -36.68 -21.28 -59.66
N GLN D 244 -35.40 -21.69 -59.80
CA GLN D 244 -34.23 -20.80 -59.84
C GLN D 244 -34.40 -19.84 -61.01
N GLY D 245 -34.69 -18.59 -60.68
CA GLY D 245 -35.01 -17.57 -61.68
C GLY D 245 -36.35 -17.90 -62.32
N GLY D 246 -37.43 -17.53 -61.63
CA GLY D 246 -38.79 -17.80 -62.08
C GLY D 246 -39.72 -18.12 -60.92
N PHE D 249 -41.47 -22.44 -57.10
CA PHE D 249 -42.06 -22.96 -55.87
C PHE D 249 -41.77 -24.43 -55.66
N TYR D 250 -41.26 -24.83 -54.46
CA TYR D 250 -41.08 -26.26 -54.21
C TYR D 250 -41.25 -26.62 -52.74
N GLY D 251 -41.61 -27.87 -52.50
CA GLY D 251 -41.81 -28.39 -51.16
C GLY D 251 -40.77 -29.41 -50.76
N ARG D 252 -41.10 -30.24 -49.78
CA ARG D 252 -40.17 -31.25 -49.30
C ARG D 252 -39.89 -32.39 -50.33
N GLU D 253 -40.67 -32.45 -51.42
CA GLU D 253 -40.52 -33.45 -52.48
C GLU D 253 -39.21 -33.30 -53.30
N CYS D 254 -38.50 -32.17 -53.15
CA CYS D 254 -37.19 -31.98 -53.81
C CYS D 254 -36.09 -32.80 -53.11
N ASP D 255 -36.33 -33.21 -51.84
CA ASP D 255 -35.43 -34.01 -51.02
C ASP D 255 -35.67 -35.48 -51.35
N TRP D 256 -36.95 -35.88 -51.57
CA TRP D 256 -37.21 -37.26 -51.99
C TRP D 256 -36.65 -37.49 -53.42
N TRP D 257 -36.57 -36.45 -54.29
CA TRP D 257 -35.93 -36.60 -55.60
C TRP D 257 -34.45 -37.07 -55.41
N SER D 258 -33.73 -36.41 -54.49
CA SER D 258 -32.35 -36.68 -54.18
C SER D 258 -32.11 -38.03 -53.57
N VAL D 259 -33.12 -38.62 -52.92
CA VAL D 259 -33.00 -39.98 -52.38
C VAL D 259 -32.84 -40.95 -53.56
N GLY D 260 -33.77 -40.88 -54.53
CA GLY D 260 -33.72 -41.71 -55.74
C GLY D 260 -32.44 -41.51 -56.53
N VAL D 261 -31.95 -40.23 -56.62
CA VAL D 261 -30.68 -39.95 -57.32
C VAL D 261 -29.51 -40.63 -56.59
N PHE D 262 -29.56 -40.61 -55.26
CA PHE D 262 -28.54 -41.23 -54.44
C PHE D 262 -28.58 -42.77 -54.61
N LEU D 263 -29.73 -43.43 -54.35
CA LEU D 263 -29.95 -44.89 -54.53
C LEU D 263 -29.51 -45.36 -55.93
N TYR D 264 -29.63 -44.48 -56.95
CA TYR D 264 -29.15 -44.82 -58.29
C TYR D 264 -27.62 -44.80 -58.29
N GLU D 265 -26.98 -43.63 -58.06
CA GLU D 265 -25.51 -43.53 -58.06
C GLU D 265 -24.84 -44.58 -57.12
N MET D 266 -25.56 -45.00 -56.09
CA MET D 266 -25.11 -46.01 -55.16
C MET D 266 -25.05 -47.41 -55.81
N LEU D 267 -26.16 -47.86 -56.42
CA LEU D 267 -26.26 -49.19 -57.03
C LEU D 267 -25.69 -49.30 -58.45
N VAL D 268 -25.56 -48.19 -59.16
CA VAL D 268 -25.07 -48.18 -60.53
C VAL D 268 -23.59 -47.76 -60.62
N GLY D 269 -23.19 -46.80 -59.80
CA GLY D 269 -21.80 -46.34 -59.82
C GLY D 269 -21.65 -44.95 -60.38
N ASP D 270 -22.56 -44.53 -61.26
CA ASP D 270 -22.55 -43.18 -61.84
C ASP D 270 -23.88 -42.50 -61.54
N THR D 271 -23.93 -41.16 -61.58
CA THR D 271 -25.19 -40.44 -61.34
C THR D 271 -26.13 -40.68 -62.51
N PRO D 272 -27.47 -40.73 -62.30
CA PRO D 272 -28.38 -41.04 -63.40
C PRO D 272 -28.48 -39.99 -64.52
N PHE D 273 -28.06 -38.75 -64.23
CA PHE D 273 -28.14 -37.69 -65.22
C PHE D 273 -26.78 -37.07 -65.47
N TYR D 274 -25.71 -37.88 -65.41
CA TYR D 274 -24.34 -37.43 -65.63
C TYR D 274 -24.13 -36.92 -67.05
N ALA D 275 -23.29 -35.89 -67.21
CA ALA D 275 -22.89 -35.33 -68.50
C ALA D 275 -21.56 -34.62 -68.38
N ASP D 276 -20.80 -34.56 -69.49
CA ASP D 276 -19.50 -33.86 -69.49
C ASP D 276 -19.61 -32.34 -69.30
N SER D 277 -20.82 -31.79 -69.32
CA SER D 277 -21.06 -30.37 -69.16
C SER D 277 -22.15 -30.11 -68.12
N LEU D 278 -22.21 -28.87 -67.62
CA LEU D 278 -23.25 -28.48 -66.67
C LEU D 278 -24.59 -28.45 -67.41
N VAL D 279 -24.62 -27.92 -68.65
CA VAL D 279 -25.81 -27.85 -69.46
C VAL D 279 -26.37 -29.23 -69.75
N GLY D 280 -25.48 -30.16 -70.11
CA GLY D 280 -25.86 -31.54 -70.39
C GLY D 280 -26.55 -32.19 -69.21
N THR D 281 -26.07 -31.83 -68.00
CA THR D 281 -26.61 -32.30 -66.74
C THR D 281 -28.00 -31.68 -66.53
N TYR D 282 -28.13 -30.33 -66.72
CA TYR D 282 -29.40 -29.62 -66.57
C TYR D 282 -30.47 -30.24 -67.45
N SER D 283 -30.16 -30.43 -68.75
CA SER D 283 -31.07 -30.96 -69.75
C SER D 283 -31.55 -32.37 -69.45
N LYS D 284 -30.63 -33.28 -69.07
CA LYS D 284 -30.96 -34.66 -68.74
C LYS D 284 -31.92 -34.72 -67.57
N ILE D 285 -31.77 -33.82 -66.59
CA ILE D 285 -32.67 -33.77 -65.45
C ILE D 285 -34.05 -33.32 -65.90
N MET D 286 -34.13 -32.23 -66.67
CA MET D 286 -35.39 -31.71 -67.20
C MET D 286 -36.12 -32.78 -68.03
N ASP D 287 -35.36 -33.65 -68.73
CA ASP D 287 -35.87 -34.72 -69.57
C ASP D 287 -35.72 -36.09 -68.87
N HIS D 288 -35.88 -36.16 -67.55
CA HIS D 288 -35.69 -37.39 -66.75
C HIS D 288 -36.55 -38.58 -67.19
N LYS D 289 -37.70 -38.33 -67.83
CA LYS D 289 -38.57 -39.41 -68.30
C LYS D 289 -37.92 -40.17 -69.48
N ASN D 290 -37.08 -39.50 -70.27
CA ASN D 290 -36.41 -40.15 -71.38
C ASN D 290 -34.96 -40.50 -71.07
N SER D 291 -34.28 -39.62 -70.31
CA SER D 291 -32.85 -39.76 -70.00
C SER D 291 -32.51 -40.71 -68.86
N LEU D 292 -33.48 -41.09 -68.03
CA LEU D 292 -33.19 -42.03 -66.95
C LEU D 292 -32.99 -43.39 -67.59
N CYS D 293 -31.74 -43.91 -67.58
CA CYS D 293 -31.44 -45.18 -68.23
C CYS D 293 -30.58 -46.12 -67.40
N PHE D 294 -31.14 -47.23 -66.93
CA PHE D 294 -30.38 -48.22 -66.19
C PHE D 294 -29.56 -49.06 -67.18
N PRO D 295 -28.24 -49.20 -66.96
CA PRO D 295 -27.43 -50.02 -67.90
C PRO D 295 -27.82 -51.49 -67.88
N GLU D 296 -27.68 -52.18 -69.04
CA GLU D 296 -28.04 -53.59 -69.16
C GLU D 296 -27.11 -54.45 -68.32
N ASP D 297 -25.79 -54.12 -68.38
CA ASP D 297 -24.70 -54.78 -67.64
C ASP D 297 -24.87 -54.71 -66.10
N ALA D 298 -25.34 -53.56 -65.57
CA ALA D 298 -25.58 -53.36 -64.13
C ALA D 298 -26.88 -54.04 -63.72
N GLU D 299 -26.80 -55.23 -63.08
CA GLU D 299 -27.98 -55.97 -62.67
C GLU D 299 -28.58 -55.30 -61.43
N ILE D 300 -29.86 -54.90 -61.53
CA ILE D 300 -30.56 -54.22 -60.44
C ILE D 300 -31.91 -54.91 -60.20
N SER D 301 -32.28 -55.15 -58.93
CA SER D 301 -33.53 -55.82 -58.63
C SER D 301 -34.76 -55.04 -59.12
N LYS D 302 -35.89 -55.73 -59.29
CA LYS D 302 -37.12 -55.07 -59.75
C LYS D 302 -37.57 -53.98 -58.77
N HIS D 303 -37.48 -54.25 -57.46
CA HIS D 303 -37.88 -53.29 -56.42
C HIS D 303 -36.93 -52.09 -56.34
N ALA D 304 -35.62 -52.33 -56.60
CA ALA D 304 -34.64 -51.24 -56.57
C ALA D 304 -34.94 -50.28 -57.71
N LYS D 305 -35.16 -50.81 -58.94
CA LYS D 305 -35.50 -50.02 -60.13
C LYS D 305 -36.82 -49.29 -59.88
N ASN D 306 -37.80 -49.98 -59.30
CA ASN D 306 -39.10 -49.40 -58.97
C ASN D 306 -38.96 -48.20 -58.04
N LEU D 307 -38.17 -48.34 -56.95
CA LEU D 307 -37.99 -47.27 -55.97
C LEU D 307 -37.27 -46.08 -56.56
N ILE D 308 -36.21 -46.31 -57.35
CA ILE D 308 -35.49 -45.22 -58.03
C ILE D 308 -36.45 -44.42 -58.92
N CYS D 309 -37.32 -45.12 -59.66
CA CYS D 309 -38.29 -44.52 -60.54
C CYS D 309 -39.43 -43.83 -59.82
N ALA D 310 -39.86 -44.34 -58.67
CA ALA D 310 -40.92 -43.70 -57.89
C ALA D 310 -40.47 -42.34 -57.37
N PHE D 311 -39.14 -42.17 -57.12
CA PHE D 311 -38.55 -40.92 -56.64
C PHE D 311 -38.20 -40.03 -57.81
N LEU D 312 -37.65 -40.60 -58.89
CA LEU D 312 -37.25 -39.83 -60.06
C LEU D 312 -38.40 -39.63 -61.07
N THR D 313 -39.46 -38.98 -60.63
CA THR D 313 -40.61 -38.64 -61.44
C THR D 313 -41.03 -37.18 -61.17
N ASP D 314 -42.11 -36.73 -61.80
CA ASP D 314 -42.65 -35.40 -61.58
C ASP D 314 -43.15 -35.29 -60.15
N ARG D 315 -42.93 -34.12 -59.53
CA ARG D 315 -43.31 -33.83 -58.15
C ARG D 315 -44.73 -34.21 -57.79
N GLU D 316 -45.67 -34.01 -58.72
CA GLU D 316 -47.10 -34.29 -58.61
C GLU D 316 -47.36 -35.75 -58.30
N VAL D 317 -46.58 -36.64 -58.90
CA VAL D 317 -46.77 -38.07 -58.72
C VAL D 317 -45.57 -38.78 -57.98
N ARG D 318 -44.64 -37.99 -57.42
CA ARG D 318 -43.44 -38.51 -56.74
C ARG D 318 -43.71 -39.16 -55.38
N LEU D 319 -42.97 -40.23 -55.06
CA LEU D 319 -43.08 -40.95 -53.78
C LEU D 319 -42.62 -40.03 -52.63
N GLY D 320 -43.42 -39.98 -51.59
CA GLY D 320 -43.15 -39.09 -50.47
C GLY D 320 -44.00 -37.84 -50.47
N ARG D 321 -44.91 -37.74 -51.44
CA ARG D 321 -45.86 -36.64 -51.49
C ARG D 321 -46.94 -36.85 -50.42
N ASN D 322 -47.30 -38.13 -50.14
CA ASN D 322 -48.30 -38.50 -49.15
C ASN D 322 -47.71 -38.51 -47.73
N GLY D 323 -46.50 -39.04 -47.62
CA GLY D 323 -45.82 -39.13 -46.35
C GLY D 323 -44.68 -40.13 -46.39
N VAL D 324 -44.03 -40.32 -45.24
CA VAL D 324 -42.90 -41.25 -45.18
C VAL D 324 -43.37 -42.71 -45.13
N GLU D 325 -44.58 -42.96 -44.58
CA GLU D 325 -45.12 -44.31 -44.49
C GLU D 325 -45.09 -45.09 -45.82
N GLU D 326 -45.43 -44.44 -46.97
CA GLU D 326 -45.41 -45.14 -48.28
C GLU D 326 -43.98 -45.46 -48.73
N ILE D 327 -42.99 -44.68 -48.30
CA ILE D 327 -41.58 -44.92 -48.59
C ILE D 327 -41.13 -46.11 -47.78
N ARG D 328 -41.48 -46.16 -46.47
CA ARG D 328 -41.13 -47.28 -45.58
C ARG D 328 -41.79 -48.57 -46.04
N GLN D 329 -43.03 -48.47 -46.50
CA GLN D 329 -43.78 -49.63 -46.99
C GLN D 329 -43.27 -50.19 -48.33
N HIS D 330 -42.46 -49.44 -49.08
CA HIS D 330 -41.94 -49.91 -50.35
C HIS D 330 -41.17 -51.23 -50.20
N PRO D 331 -41.51 -52.21 -51.06
CA PRO D 331 -40.89 -53.54 -50.96
C PRO D 331 -39.38 -53.62 -51.11
N PHE D 332 -38.70 -52.54 -51.53
CA PHE D 332 -37.22 -52.56 -51.60
C PHE D 332 -36.64 -52.70 -50.17
N PHE D 333 -37.29 -52.06 -49.18
CA PHE D 333 -36.92 -52.07 -47.77
C PHE D 333 -37.36 -53.32 -47.00
N LYS D 334 -37.71 -54.42 -47.71
CA LYS D 334 -38.05 -55.67 -47.02
C LYS D 334 -36.70 -56.33 -46.74
N ASN D 335 -36.43 -56.65 -45.46
CA ASN D 335 -35.14 -57.22 -45.09
C ASN D 335 -35.18 -58.00 -43.76
N ASP D 336 -34.17 -58.85 -43.54
CA ASP D 336 -34.00 -59.66 -42.34
C ASP D 336 -33.01 -59.03 -41.33
N GLN D 337 -32.51 -57.80 -41.57
CA GLN D 337 -31.46 -57.23 -40.74
C GLN D 337 -31.88 -56.06 -39.83
N TRP D 338 -32.99 -55.37 -40.12
CA TRP D 338 -33.41 -54.24 -39.32
C TRP D 338 -34.90 -53.91 -39.43
N HIS D 339 -35.34 -52.97 -38.59
CA HIS D 339 -36.69 -52.40 -38.50
C HIS D 339 -36.58 -50.90 -38.68
N TRP D 340 -37.69 -50.24 -39.01
CA TRP D 340 -37.71 -48.79 -39.12
C TRP D 340 -37.62 -48.13 -37.73
N ASP D 341 -37.96 -48.86 -36.64
CA ASP D 341 -37.88 -48.36 -35.26
C ASP D 341 -36.56 -48.71 -34.56
N ASN D 342 -35.73 -49.60 -35.14
CA ASN D 342 -34.48 -49.96 -34.49
C ASN D 342 -33.25 -49.89 -35.39
N ILE D 343 -33.38 -49.41 -36.66
CA ILE D 343 -32.27 -49.42 -37.63
C ILE D 343 -30.97 -48.77 -37.13
N ARG D 344 -31.07 -47.76 -36.24
CA ARG D 344 -29.87 -47.11 -35.72
C ARG D 344 -29.12 -47.91 -34.64
N GLU D 345 -29.77 -48.91 -34.04
CA GLU D 345 -29.08 -49.79 -33.10
C GLU D 345 -28.79 -51.18 -33.72
N THR D 346 -28.77 -51.28 -35.07
CA THR D 346 -28.41 -52.51 -35.76
C THR D 346 -27.00 -52.38 -36.29
N ALA D 347 -26.37 -53.50 -36.65
CA ALA D 347 -25.01 -53.53 -37.17
C ALA D 347 -24.93 -52.76 -38.47
N ALA D 348 -24.03 -51.77 -38.54
CA ALA D 348 -23.88 -51.01 -39.77
C ALA D 348 -23.04 -51.82 -40.75
N PRO D 349 -23.34 -51.71 -42.05
CA PRO D 349 -22.63 -52.54 -43.05
C PRO D 349 -21.14 -52.30 -43.21
N VAL D 350 -20.70 -51.09 -42.92
CA VAL D 350 -19.30 -50.73 -42.98
C VAL D 350 -18.94 -50.17 -41.61
N VAL D 351 -18.21 -50.94 -40.81
CA VAL D 351 -17.81 -50.47 -39.48
C VAL D 351 -16.39 -49.93 -39.55
N PRO D 352 -16.19 -48.66 -39.14
CA PRO D 352 -14.86 -48.08 -39.21
C PRO D 352 -13.89 -48.64 -38.19
N GLU D 353 -12.61 -48.77 -38.57
CA GLU D 353 -11.58 -49.22 -37.65
C GLU D 353 -10.80 -47.96 -37.31
N LEU D 354 -11.02 -47.41 -36.11
CA LEU D 354 -10.41 -46.15 -35.72
C LEU D 354 -9.48 -46.34 -34.51
N SER D 355 -8.17 -46.35 -34.77
CA SER D 355 -7.12 -46.58 -33.78
C SER D 355 -6.94 -45.47 -32.74
N SER D 356 -7.32 -44.23 -33.09
CA SER D 356 -7.26 -43.11 -32.16
C SER D 356 -8.47 -42.19 -32.37
N ASP D 357 -8.69 -41.23 -31.44
CA ASP D 357 -9.81 -40.29 -31.61
C ASP D 357 -9.54 -39.22 -32.71
N ILE D 358 -8.30 -39.18 -33.25
CA ILE D 358 -7.92 -38.30 -34.34
C ILE D 358 -7.63 -39.10 -35.62
N ASP D 359 -8.07 -40.38 -35.71
CA ASP D 359 -7.90 -41.19 -36.90
C ASP D 359 -8.79 -40.59 -37.98
N SER D 360 -8.19 -40.09 -39.06
CA SER D 360 -8.94 -39.48 -40.17
C SER D 360 -8.69 -40.25 -41.48
N SER D 361 -8.57 -41.59 -41.38
CA SER D 361 -8.30 -42.47 -42.52
C SER D 361 -9.35 -42.37 -43.61
N ASN D 362 -10.63 -42.22 -43.21
CA ASN D 362 -11.73 -42.11 -44.16
C ASN D 362 -11.88 -40.72 -44.79
N PHE D 363 -10.86 -39.88 -44.67
CA PHE D 363 -10.88 -38.56 -45.24
C PHE D 363 -9.66 -38.38 -46.11
N ASP D 364 -9.88 -37.86 -47.32
CA ASP D 364 -8.80 -37.58 -48.27
C ASP D 364 -7.93 -36.47 -47.71
N ASP D 365 -6.63 -36.55 -47.94
CA ASP D 365 -5.69 -35.58 -47.39
C ASP D 365 -5.72 -34.27 -48.11
N ILE D 366 -5.59 -33.24 -47.31
CA ILE D 366 -5.61 -31.83 -47.65
C ILE D 366 -5.06 -31.16 -46.37
N GLU D 367 -4.06 -30.25 -46.49
CA GLU D 367 -3.49 -29.60 -45.31
C GLU D 367 -2.99 -28.18 -45.56
N VAL D 373 -5.90 -15.67 -47.31
CA VAL D 373 -7.27 -15.43 -46.88
C VAL D 373 -7.68 -13.96 -47.04
N GLU D 374 -8.72 -13.66 -47.85
CA GLU D 374 -9.17 -12.27 -48.04
C GLU D 374 -9.97 -11.73 -46.85
N THR D 375 -9.82 -10.44 -46.53
CA THR D 375 -10.49 -9.80 -45.40
C THR D 375 -11.34 -8.57 -45.81
N PHE D 376 -12.11 -7.95 -44.87
CA PHE D 376 -12.89 -6.74 -45.13
C PHE D 376 -11.93 -5.56 -45.33
N PRO D 377 -12.25 -4.64 -46.25
CA PRO D 377 -11.38 -3.45 -46.40
C PRO D 377 -11.67 -2.37 -45.34
N ILE D 378 -10.60 -1.74 -44.76
CA ILE D 378 -10.72 -0.68 -43.75
C ILE D 378 -11.62 0.43 -44.24
N PRO D 379 -12.71 0.71 -43.53
CA PRO D 379 -13.65 1.73 -44.01
C PRO D 379 -13.26 3.17 -43.68
N LYS D 380 -13.89 4.12 -44.38
CA LYS D 380 -13.70 5.55 -44.15
C LYS D 380 -14.85 6.03 -43.26
N ALA D 381 -16.09 5.62 -43.60
CA ALA D 381 -17.30 5.92 -42.85
C ALA D 381 -17.81 4.60 -42.17
N PHE D 382 -18.76 4.70 -41.22
CA PHE D 382 -19.28 3.50 -40.58
C PHE D 382 -20.07 2.66 -41.61
N VAL D 383 -19.68 1.38 -41.77
CA VAL D 383 -20.36 0.49 -42.72
C VAL D 383 -21.00 -0.74 -42.05
N GLY D 384 -20.64 -1.02 -40.80
CA GLY D 384 -21.22 -2.11 -40.00
C GLY D 384 -21.06 -3.50 -40.56
N ASN D 385 -19.83 -3.88 -40.91
CA ASN D 385 -19.57 -5.21 -41.47
C ASN D 385 -19.82 -6.35 -40.50
N GLN D 386 -19.72 -6.10 -39.20
CA GLN D 386 -19.93 -7.11 -38.18
C GLN D 386 -21.39 -7.26 -37.77
N LEU D 387 -22.24 -6.27 -38.07
CA LEU D 387 -23.65 -6.29 -37.73
C LEU D 387 -24.44 -7.52 -38.20
N PRO D 388 -24.20 -8.10 -39.39
CA PRO D 388 -24.99 -9.28 -39.78
C PRO D 388 -24.70 -10.55 -38.99
N PHE D 389 -23.67 -10.55 -38.14
CA PHE D 389 -23.30 -11.74 -37.39
C PHE D 389 -23.66 -11.70 -35.90
N ILE D 390 -24.43 -10.68 -35.46
CA ILE D 390 -24.87 -10.55 -34.07
C ILE D 390 -25.92 -11.63 -33.83
N GLY D 391 -25.64 -12.49 -32.86
CA GLY D 391 -26.52 -13.62 -32.57
C GLY D 391 -26.00 -14.95 -33.06
N PHE D 392 -24.95 -14.94 -33.89
CA PHE D 392 -24.34 -16.16 -34.40
C PHE D 392 -23.77 -17.02 -33.26
N THR D 393 -23.11 -16.38 -32.26
CA THR D 393 -22.52 -17.08 -31.12
C THR D 393 -23.55 -17.93 -30.39
N TYR D 394 -23.22 -19.22 -30.22
CA TYR D 394 -24.05 -20.24 -29.62
C TYR D 394 -23.26 -20.96 -28.52
N TYR D 395 -23.81 -21.02 -27.30
CA TYR D 395 -23.17 -21.75 -26.23
C TYR D 395 -24.20 -22.56 -25.46
N ARG D 396 -23.92 -23.86 -25.28
CA ARG D 396 -24.81 -24.71 -24.49
C ARG D 396 -24.00 -25.62 -23.54
#